data_5DHF
#
_entry.id   5DHF
#
_cell.length_a   106.479
_cell.length_b   106.479
_cell.length_c   303.731
_cell.angle_alpha   90.000
_cell.angle_beta   90.000
_cell.angle_gamma   90.000
#
_symmetry.space_group_name_H-M   'P 43 21 2'
#
loop_
_entity.id
_entity.type
_entity.pdbx_description
1 polymer 'GTP-binding nuclear protein Ran'
2 polymer 'Ran-specific GTPase-activating protein 1'
3 polymer Exportin-1
4 polymer 'Serine/threonine-protein kinase RIO2'
5 non-polymer 'PHOSPHOAMINOPHOSPHONIC ACID-GUANYLATE ESTER'
6 non-polymer 'MAGNESIUM ION'
7 non-polymer GLYCEROL
8 non-polymer 'CHLORIDE ION'
9 non-polymer 'ZINC ION'
10 water water
#
loop_
_entity_poly.entity_id
_entity_poly.type
_entity_poly.pdbx_seq_one_letter_code
_entity_poly.pdbx_strand_id
1 'polypeptide(L)'
;METGSSHHHHHHSSGLPRGSHMAAQGEPQVQFKLVLVGDGGTGKTTFVKRHLTGEFEKKYVATLGVEVHPLVFHTNRGPI
KFNVWDTAGQEKFGGLRDGYYIQAQCAIIMFDVTSRVTYKNVPNWHRDLVRVCENIPIVLCGNKVDIKDRKVKAKSIVFH
RKKNLQYYDISAKSNYNFEKPFLWLARKLIGDPNLEFVAMPALAPPEVVMDPALAAQYEHDLEVAQTTALPDEDDDL
;
A
2 'polypeptide(L)'
;GGSDIHFEPVVHLEKVDVKTMEEDEEVLYKVRAKLFRFDADAKEWKERGTGDCKFLKNKKTNKVRILMRRDKTLKICANH
IIAPEYTLKPNVGSDRSWVYACTADIAEGEAEAFTFAIRFGSKENADKFKEEFEKAQEINKKA
;
B
3 'polypeptide(L)'
;GGSMEGILDFSNDLDIALLDQVVSTFYQGSGVQQKQAQEILTKFQDNPDAWQKADQILQFSTNPQSKFIALSILDKLITR
KWKLLPNDHRIGIRNFVVGMIISMCQDDEVFKTQKNLINKSDLTLVQILKQEWPQNWPEFIPELIGSSSSSVNVCENNMI
VLKLLSEEVFDFSAEQMTQAKALHLKNSMSKEFEQIFKLCFQVLEQGSSSSLIVATLESLLRYLHWIPYRYIYETNILEL
LSTKFMTSPDTRAITLKCLTEVSNLKIPQDNDLIKRQTVLFFQNTLQQIATSVMPVTADLKATYANANGNDQSFLQDLAM
FLTTYLARNRALLESDESLRELLLNAHQYLIQLSKIEERELFKTTLDYWHNLVADLFYEPLKKHIYEEICSQLRLVIIEN
MVRPEEDLVVENDEGEIVREFVKESDTIQLYKSEREVLVYLTHLNVIDTEEIMISKLARQIDGSEWSWHNINTLSWAIGS
ISGTMSEDTEKRFVVTVIKDLLGLCEQKRGKDNKAVVASDIMYVVGQYPRFLKAHWNFLRTVILKLFEFMHETHEGVQDM
ACDTFIKIVQKCKYHFVIQQPRESEPFIQTIIRDIQKTTADLQPQQVHTFYKACGIIISEERSVAERNRLLSDLMQLPNM
AWDTIVEQSTANPTLLLDSETVKIIANIIKTNVAVCTSMGADFYPQLGHIYYNMLQLYRAVSSMISAQVAAEGLIATKTP
KVRGLRTIKKEILKLVETYISKARNLDDVVKVLVEPLLNAVLEDYMNNVPDARDAEVLNCMTTVVEKVGHMIPQGVILIL
QSVFECTLDMINKDFTEYPEHRVEFYKLLKVINEKSFAAFLELPPAAFKLFVDAICWAFKHNNRDVEVNGLQIALDLVKN
IERMGNVPFANEFHKNYFFIFVSETFFVLTDSDHKSGFSKQALLLMKLISLVYDNKISVPLYQEAEVPQGTSNQVYLSQY
LANMLSNAFPHLTSEQIASFLSALTKQCKDLVVFKGTLRDFLVQIKEVGGDPTDYLFAEDKENA
;
C
4 'polypeptide(L)' GGSYRSFE(MSE)TEFNQALEEI D
#
# COMPACT_ATOMS: atom_id res chain seq x y z
N VAL A 30 -7.37 10.28 31.12
CA VAL A 30 -7.17 8.98 30.49
C VAL A 30 -6.72 9.17 29.04
N GLN A 31 -5.53 9.77 28.87
CA GLN A 31 -5.03 10.07 27.54
C GLN A 31 -3.63 9.50 27.29
N PHE A 32 -3.35 9.21 26.02
CA PHE A 32 -2.07 8.63 25.62
C PHE A 32 -1.44 9.43 24.49
N LYS A 33 -0.12 9.60 24.53
CA LYS A 33 0.59 10.27 23.46
C LYS A 33 0.94 9.28 22.34
N LEU A 34 0.46 9.58 21.15
CA LEU A 34 0.75 8.77 19.97
C LEU A 34 1.56 9.59 18.98
N VAL A 35 2.70 9.05 18.55
CA VAL A 35 3.48 9.68 17.50
C VAL A 35 3.27 8.93 16.19
N LEU A 36 3.06 9.71 15.13
CA LEU A 36 2.76 9.18 13.81
C LEU A 36 3.87 9.60 12.86
N VAL A 37 4.66 8.64 12.40
CA VAL A 37 5.84 8.92 11.57
C VAL A 37 5.80 8.16 10.25
N GLY A 38 6.61 8.63 9.30
CA GLY A 38 6.71 8.01 8.00
C GLY A 38 7.08 9.01 6.93
N ASP A 39 7.44 8.50 5.75
CA ASP A 39 7.87 9.34 4.64
C ASP A 39 6.81 10.38 4.26
N GLY A 40 7.26 11.45 3.61
CA GLY A 40 6.36 12.47 3.13
C GLY A 40 5.44 11.93 2.05
N GLY A 41 4.16 12.23 2.18
CA GLY A 41 3.17 11.89 1.16
C GLY A 41 2.53 10.52 1.37
N THR A 42 2.83 9.87 2.49
CA THR A 42 2.31 8.54 2.75
C THR A 42 0.86 8.57 3.25
N GLY A 43 0.40 9.74 3.68
CA GLY A 43 -0.99 9.95 4.03
C GLY A 43 -1.25 10.01 5.53
N LYS A 44 -0.24 10.38 6.30
CA LYS A 44 -0.36 10.47 7.75
C LYS A 44 -1.40 11.49 8.17
N THR A 45 -1.29 12.70 7.63
CA THR A 45 -2.19 13.79 7.99
C THR A 45 -3.61 13.53 7.49
N THR A 46 -3.72 12.98 6.29
CA THR A 46 -5.01 12.61 5.72
C THR A 46 -5.70 11.58 6.60
N PHE A 47 -4.93 10.60 7.06
CA PHE A 47 -5.44 9.55 7.93
C PHE A 47 -6.01 10.12 9.22
N VAL A 48 -5.26 11.01 9.86
CA VAL A 48 -5.71 11.62 11.10
C VAL A 48 -6.94 12.50 10.87
N LYS A 49 -6.89 13.31 9.81
CA LYS A 49 -8.00 14.19 9.46
C LYS A 49 -9.30 13.41 9.29
N ARG A 50 -9.20 12.24 8.67
CA ARG A 50 -10.35 11.37 8.48
C ARG A 50 -10.97 11.01 9.82
N HIS A 51 -10.13 10.72 10.80
CA HIS A 51 -10.58 10.32 12.12
C HIS A 51 -11.13 11.52 12.92
N LEU A 52 -10.61 12.70 12.62
CA LEU A 52 -11.00 13.90 13.36
C LEU A 52 -12.35 14.45 12.88
N THR A 53 -12.51 14.58 11.57
CA THR A 53 -13.68 15.25 10.99
C THR A 53 -14.50 14.37 10.06
N GLY A 54 -13.88 13.32 9.53
CA GLY A 54 -14.54 12.43 8.58
C GLY A 54 -14.26 12.80 7.14
N GLU A 55 -13.54 13.90 6.93
CA GLU A 55 -13.23 14.38 5.58
C GLU A 55 -12.10 13.59 4.95
N PHE A 56 -12.04 13.59 3.63
CA PHE A 56 -10.88 13.08 2.90
C PHE A 56 -10.20 14.22 2.16
N GLU A 57 -9.03 14.61 2.62
CA GLU A 57 -8.29 15.71 2.01
C GLU A 57 -7.53 15.23 0.78
N LYS A 58 -7.91 15.75 -0.38
CA LYS A 58 -7.30 15.36 -1.64
C LYS A 58 -5.92 16.00 -1.85
N LYS A 59 -5.75 17.21 -1.32
CA LYS A 59 -4.52 17.96 -1.53
C LYS A 59 -3.41 17.54 -0.57
N TYR A 60 -2.17 17.64 -1.04
CA TYR A 60 -0.99 17.34 -0.24
C TYR A 60 -0.36 18.64 0.25
N VAL A 61 -0.73 19.06 1.45
CA VAL A 61 -0.07 20.17 2.12
C VAL A 61 0.86 19.59 3.18
N ALA A 62 2.16 19.62 2.89
CA ALA A 62 3.17 19.03 3.75
C ALA A 62 3.08 19.58 5.17
N THR A 63 3.13 18.68 6.14
CA THR A 63 3.13 19.06 7.54
C THR A 63 4.46 19.72 7.89
N LEU A 64 4.41 20.79 8.67
CA LEU A 64 5.62 21.50 9.08
C LEU A 64 5.94 21.19 10.54
N GLY A 65 6.95 20.35 10.74
CA GLY A 65 7.34 19.94 12.08
C GLY A 65 6.37 18.92 12.64
N VAL A 66 5.32 19.42 13.30
CA VAL A 66 4.31 18.54 13.88
C VAL A 66 3.00 19.31 14.12
N GLU A 67 1.89 18.58 14.06
CA GLU A 67 0.61 19.10 14.50
C GLU A 67 -0.02 18.13 15.50
N VAL A 68 -0.42 18.65 16.65
CA VAL A 68 -1.00 17.85 17.71
C VAL A 68 -2.53 17.90 17.61
N HIS A 69 -3.16 16.73 17.59
CA HIS A 69 -4.60 16.62 17.48
C HIS A 69 -5.18 15.65 18.50
N PRO A 70 -5.95 16.17 19.48
CA PRO A 70 -6.66 15.27 20.38
C PRO A 70 -7.70 14.41 19.63
N LEU A 71 -7.69 13.11 19.90
CA LEU A 71 -8.61 12.18 19.26
C LEU A 71 -9.17 11.20 20.27
N VAL A 72 -10.48 11.23 20.44
CA VAL A 72 -11.16 10.42 21.46
C VAL A 72 -12.01 9.33 20.83
N PHE A 73 -11.93 8.14 21.41
CA PHE A 73 -12.77 7.01 21.00
C PHE A 73 -13.63 6.55 22.16
N HIS A 74 -14.83 6.08 21.85
CA HIS A 74 -15.75 5.56 22.86
C HIS A 74 -15.68 4.04 22.89
N THR A 75 -15.37 3.50 24.07
CA THR A 75 -15.20 2.06 24.22
C THR A 75 -16.04 1.54 25.38
N ASN A 76 -16.19 0.22 25.43
CA ASN A 76 -16.88 -0.43 26.54
C ASN A 76 -16.13 -0.28 27.86
N ARG A 77 -14.90 0.21 27.79
CA ARG A 77 -14.07 0.46 28.96
C ARG A 77 -13.96 1.95 29.23
N GLY A 78 -14.94 2.71 28.74
CA GLY A 78 -14.93 4.15 28.88
C GLY A 78 -14.24 4.81 27.71
N PRO A 79 -14.16 6.14 27.73
CA PRO A 79 -13.51 6.87 26.63
C PRO A 79 -11.99 6.81 26.72
N ILE A 80 -11.33 6.68 25.57
CA ILE A 80 -9.87 6.73 25.50
C ILE A 80 -9.44 7.87 24.59
N LYS A 81 -8.48 8.65 25.05
CA LYS A 81 -8.02 9.83 24.33
C LYS A 81 -6.61 9.65 23.79
N PHE A 82 -6.44 9.84 22.49
CA PHE A 82 -5.13 9.84 21.88
C PHE A 82 -4.69 11.27 21.56
N ASN A 83 -3.56 11.67 22.13
CA ASN A 83 -2.91 12.90 21.72
C ASN A 83 -1.99 12.59 20.54
N VAL A 84 -2.51 12.73 19.33
CA VAL A 84 -1.80 12.34 18.13
C VAL A 84 -0.80 13.41 17.70
N TRP A 85 0.48 13.06 17.77
CA TRP A 85 1.53 13.93 17.23
C TRP A 85 1.82 13.55 15.80
N ASP A 86 1.15 14.24 14.87
CA ASP A 86 1.33 14.00 13.44
C ASP A 86 2.57 14.74 12.94
N THR A 87 3.66 14.00 12.77
CA THR A 87 4.95 14.60 12.43
C THR A 87 5.17 14.72 10.93
N ALA A 88 6.17 15.51 10.56
CA ALA A 88 6.50 15.76 9.16
C ALA A 88 7.41 14.67 8.61
N GLY A 89 7.10 14.21 7.39
CA GLY A 89 7.86 13.17 6.74
C GLY A 89 8.97 13.69 5.86
N GLN A 90 8.78 14.89 5.30
CA GLN A 90 9.81 15.51 4.48
C GLN A 90 10.94 16.02 5.37
N GLU A 91 12.18 15.73 4.98
CA GLU A 91 13.33 16.08 5.80
C GLU A 91 13.48 17.59 5.96
N LYS A 92 13.20 18.34 4.90
CA LYS A 92 13.34 19.79 4.94
C LYS A 92 12.33 20.45 5.88
N PHE A 93 11.30 19.69 6.27
CA PHE A 93 10.28 20.16 7.19
C PHE A 93 10.28 19.34 8.49
N GLY A 94 11.40 18.67 8.74
CA GLY A 94 11.48 17.69 9.82
C GLY A 94 11.29 18.25 11.22
N GLY A 95 11.69 19.50 11.43
CA GLY A 95 11.57 20.13 12.73
C GLY A 95 12.48 19.52 13.78
N LEU A 96 11.92 19.21 14.94
CA LEU A 96 12.68 18.62 16.03
C LEU A 96 12.97 17.14 15.80
N ARG A 97 12.40 16.58 14.74
CA ARG A 97 12.61 15.18 14.38
C ARG A 97 12.35 14.23 15.55
N ASP A 98 13.38 13.53 16.01
CA ASP A 98 13.19 12.53 17.06
C ASP A 98 12.86 13.18 18.41
N GLY A 99 12.96 14.52 18.46
CA GLY A 99 12.57 15.24 19.65
C GLY A 99 11.08 15.17 19.90
N TYR A 100 10.31 14.87 18.85
CA TYR A 100 8.87 14.75 18.96
C TYR A 100 8.46 13.44 19.64
N TYR A 101 9.39 12.49 19.73
CA TYR A 101 9.07 11.14 20.18
C TYR A 101 9.12 10.99 21.69
N ILE A 102 9.72 11.97 22.37
CA ILE A 102 9.95 11.86 23.81
C ILE A 102 8.65 11.63 24.57
N GLN A 103 8.66 10.62 25.43
CA GLN A 103 7.54 10.27 26.29
C GLN A 103 6.27 9.89 25.51
N ALA A 104 6.45 9.47 24.26
CA ALA A 104 5.34 8.86 23.52
C ALA A 104 5.04 7.51 24.12
N GLN A 105 3.76 7.16 24.19
CA GLN A 105 3.32 5.90 24.79
C GLN A 105 2.90 4.88 23.74
N CYS A 106 2.84 5.32 22.49
CA CYS A 106 2.51 4.44 21.38
C CYS A 106 2.86 5.14 20.08
N ALA A 107 2.82 4.40 18.97
CA ALA A 107 3.18 4.99 17.69
C ALA A 107 2.59 4.25 16.50
N ILE A 108 2.51 4.98 15.39
CA ILE A 108 2.14 4.41 14.10
C ILE A 108 3.23 4.76 13.09
N ILE A 109 3.76 3.75 12.42
CA ILE A 109 4.66 3.97 11.30
C ILE A 109 3.86 3.75 10.02
N MET A 110 3.91 4.75 9.15
N MET A 110 3.86 4.74 9.14
CA MET A 110 3.13 4.76 7.91
CA MET A 110 3.07 4.67 7.91
C MET A 110 4.03 4.67 6.69
C MET A 110 3.93 4.75 6.66
N PHE A 111 3.59 3.92 5.68
CA PHE A 111 4.24 3.95 4.37
C PHE A 111 3.17 3.79 3.30
N ASP A 112 3.62 3.80 2.05
CA ASP A 112 2.72 3.84 0.90
C ASP A 112 2.95 2.60 0.03
N VAL A 113 1.94 1.76 -0.12
CA VAL A 113 2.11 0.51 -0.86
C VAL A 113 2.32 0.76 -2.35
N THR A 114 2.11 2.00 -2.79
CA THR A 114 2.34 2.36 -4.19
C THR A 114 3.73 2.94 -4.39
N SER A 115 4.48 3.10 -3.30
CA SER A 115 5.83 3.67 -3.35
C SER A 115 6.81 2.84 -2.53
N ARG A 116 7.63 2.05 -3.23
CA ARG A 116 8.59 1.13 -2.60
C ARG A 116 9.54 1.84 -1.64
N VAL A 117 10.00 3.02 -2.04
CA VAL A 117 10.99 3.75 -1.24
C VAL A 117 10.46 4.05 0.16
N THR A 118 9.15 4.25 0.30
CA THR A 118 8.59 4.57 1.61
C THR A 118 8.62 3.35 2.52
N TYR A 119 8.52 2.16 1.94
CA TYR A 119 8.66 0.94 2.74
C TYR A 119 10.14 0.71 3.06
N LYS A 120 11.01 1.02 2.11
CA LYS A 120 12.46 0.88 2.31
C LYS A 120 12.94 1.74 3.47
N ASN A 121 12.23 2.81 3.77
CA ASN A 121 12.61 3.74 4.83
C ASN A 121 11.96 3.42 6.18
N VAL A 122 11.06 2.46 6.19
CA VAL A 122 10.39 2.05 7.43
C VAL A 122 11.41 1.68 8.52
N PRO A 123 12.43 0.88 8.16
CA PRO A 123 13.46 0.55 9.16
C PRO A 123 14.15 1.77 9.75
N ASN A 124 14.29 2.84 8.96
CA ASN A 124 14.93 4.06 9.44
C ASN A 124 14.05 4.80 10.43
N TRP A 125 12.76 4.92 10.12
CA TRP A 125 11.81 5.56 11.03
C TRP A 125 11.69 4.76 12.33
N HIS A 126 11.64 3.44 12.21
CA HIS A 126 11.56 2.57 13.38
C HIS A 126 12.79 2.73 14.26
N ARG A 127 13.97 2.79 13.63
CA ARG A 127 15.23 2.98 14.33
C ARG A 127 15.21 4.25 15.19
N ASP A 128 14.91 5.38 14.57
CA ASP A 128 14.91 6.66 15.26
C ASP A 128 13.83 6.67 16.34
N LEU A 129 12.81 5.85 16.17
CA LEU A 129 11.68 5.82 17.09
C LEU A 129 11.98 5.03 18.36
N VAL A 130 12.47 3.80 18.22
CA VAL A 130 12.64 2.92 19.38
C VAL A 130 13.89 3.30 20.18
N ARG A 131 14.75 4.14 19.61
CA ARG A 131 15.90 4.65 20.33
C ARG A 131 15.46 5.62 21.42
N VAL A 132 14.36 6.32 21.17
CA VAL A 132 13.78 7.24 22.14
C VAL A 132 12.72 6.52 22.98
N CYS A 133 11.96 5.63 22.34
CA CYS A 133 10.88 4.90 22.99
C CYS A 133 11.16 3.40 22.98
N GLU A 134 11.80 2.90 24.03
CA GLU A 134 12.36 1.56 24.01
C GLU A 134 11.32 0.45 24.08
N ASN A 135 10.18 0.73 24.71
CA ASN A 135 9.17 -0.29 24.93
C ASN A 135 7.75 0.26 24.83
N ILE A 136 7.28 0.42 23.60
CA ILE A 136 5.92 0.91 23.35
C ILE A 136 5.24 0.08 22.25
N PRO A 137 3.90 -0.01 22.30
CA PRO A 137 3.20 -0.66 21.20
C PRO A 137 3.26 0.17 19.92
N ILE A 138 3.63 -0.48 18.81
CA ILE A 138 3.77 0.20 17.53
C ILE A 138 2.97 -0.54 16.45
N VAL A 139 2.23 0.23 15.65
CA VAL A 139 1.54 -0.30 14.49
C VAL A 139 2.23 0.13 13.20
N LEU A 140 2.48 -0.81 12.32
CA LEU A 140 2.97 -0.51 10.97
C LEU A 140 1.78 -0.50 10.01
N CYS A 141 1.62 0.59 9.27
CA CYS A 141 0.50 0.74 8.34
C CYS A 141 0.97 0.95 6.91
N GLY A 142 0.48 0.11 6.01
CA GLY A 142 0.69 0.29 4.58
C GLY A 142 -0.54 0.94 3.98
N ASN A 143 -0.43 2.22 3.67
CA ASN A 143 -1.58 3.00 3.24
C ASN A 143 -1.78 3.00 1.71
N LYS A 144 -2.97 3.41 1.29
CA LYS A 144 -3.33 3.58 -0.12
C LYS A 144 -3.53 2.27 -0.86
N VAL A 145 -4.05 1.25 -0.17
CA VAL A 145 -4.34 -0.03 -0.81
C VAL A 145 -5.55 0.07 -1.74
N ASP A 146 -6.18 1.24 -1.78
CA ASP A 146 -7.30 1.48 -2.68
C ASP A 146 -6.83 1.63 -4.13
N ILE A 147 -5.55 1.95 -4.30
CA ILE A 147 -4.98 2.17 -5.63
C ILE A 147 -4.64 0.83 -6.29
N LYS A 148 -5.07 0.67 -7.53
CA LYS A 148 -4.95 -0.60 -8.25
C LYS A 148 -3.51 -1.08 -8.39
N ASP A 149 -2.63 -0.22 -8.87
CA ASP A 149 -1.26 -0.61 -9.20
C ASP A 149 -0.37 -0.62 -7.96
N ARG A 150 -0.64 -1.55 -7.06
CA ARG A 150 0.14 -1.72 -5.83
C ARG A 150 1.57 -2.17 -6.14
N LYS A 151 2.55 -1.53 -5.51
CA LYS A 151 3.97 -1.78 -5.79
C LYS A 151 4.65 -2.57 -4.67
N VAL A 152 4.27 -2.30 -3.43
CA VAL A 152 4.80 -3.05 -2.30
C VAL A 152 3.88 -4.23 -2.00
N LYS A 153 4.22 -5.39 -2.55
CA LYS A 153 3.38 -6.57 -2.46
C LYS A 153 3.31 -7.10 -1.04
N ALA A 154 2.15 -7.66 -0.70
CA ALA A 154 1.88 -8.17 0.64
C ALA A 154 2.95 -9.14 1.15
N LYS A 155 3.44 -9.99 0.25
CA LYS A 155 4.36 -11.05 0.65
C LYS A 155 5.75 -10.52 1.02
N SER A 156 6.07 -9.32 0.56
CA SER A 156 7.39 -8.74 0.81
C SER A 156 7.40 -7.85 2.06
N ILE A 157 6.22 -7.62 2.63
CA ILE A 157 6.10 -6.84 3.86
C ILE A 157 6.28 -7.75 5.07
N VAL A 158 7.49 -7.74 5.64
CA VAL A 158 7.84 -8.66 6.72
C VAL A 158 8.64 -8.01 7.84
N PHE A 159 8.90 -6.70 7.72
CA PHE A 159 9.75 -6.01 8.68
C PHE A 159 9.19 -6.06 10.10
N HIS A 160 7.86 -6.03 10.20
CA HIS A 160 7.18 -6.01 11.49
C HIS A 160 7.41 -7.26 12.32
N ARG A 161 7.76 -8.36 11.66
CA ARG A 161 7.83 -9.66 12.32
C ARG A 161 8.82 -9.70 13.48
N LYS A 162 10.08 -9.41 13.19
CA LYS A 162 11.13 -9.47 14.20
C LYS A 162 11.06 -8.29 15.17
N LYS A 163 10.35 -7.23 14.79
CA LYS A 163 10.24 -6.04 15.64
C LYS A 163 8.96 -6.02 16.46
N ASN A 164 8.15 -7.07 16.33
CA ASN A 164 6.92 -7.20 17.11
C ASN A 164 5.94 -6.05 16.90
N LEU A 165 5.93 -5.51 15.68
CA LEU A 165 4.96 -4.49 15.31
C LEU A 165 3.70 -5.16 14.79
N GLN A 166 2.55 -4.56 15.10
CA GLN A 166 1.30 -4.96 14.47
C GLN A 166 1.23 -4.36 13.08
N TYR A 167 0.83 -5.14 12.09
CA TYR A 167 0.69 -4.63 10.73
C TYR A 167 -0.74 -4.63 10.22
N TYR A 168 -1.09 -3.56 9.51
CA TYR A 168 -2.38 -3.45 8.83
C TYR A 168 -2.26 -2.81 7.45
N ASP A 169 -2.88 -3.44 6.46
CA ASP A 169 -3.21 -2.76 5.21
C ASP A 169 -4.30 -1.75 5.53
N ILE A 170 -4.11 -0.49 5.13
CA ILE A 170 -5.15 0.52 5.33
C ILE A 170 -5.33 1.41 4.10
N SER A 171 -6.46 2.09 4.06
CA SER A 171 -6.72 3.12 3.07
C SER A 171 -7.51 4.25 3.70
N ALA A 172 -6.90 5.43 3.79
CA ALA A 172 -7.58 6.60 4.32
C ALA A 172 -8.72 7.00 3.39
N LYS A 173 -8.57 6.66 2.12
CA LYS A 173 -9.56 7.03 1.11
C LYS A 173 -10.81 6.16 1.16
N SER A 174 -10.62 4.84 1.23
CA SER A 174 -11.73 3.89 1.24
C SER A 174 -12.10 3.45 2.66
N ASN A 175 -11.36 3.97 3.65
CA ASN A 175 -11.57 3.63 5.05
C ASN A 175 -11.36 2.15 5.35
N TYR A 176 -10.68 1.44 4.45
CA TYR A 176 -10.32 0.04 4.71
C TYR A 176 -9.42 -0.06 5.94
N ASN A 177 -9.89 -0.76 6.97
CA ASN A 177 -9.11 -0.99 8.19
C ASN A 177 -8.69 0.30 8.90
N PHE A 178 -9.32 1.42 8.59
CA PHE A 178 -8.87 2.71 9.08
C PHE A 178 -8.97 2.84 10.60
N GLU A 179 -9.74 1.95 11.22
CA GLU A 179 -9.95 1.99 12.67
C GLU A 179 -9.05 0.98 13.41
N LYS A 180 -8.53 0.00 12.67
CA LYS A 180 -7.74 -1.09 13.27
C LYS A 180 -6.57 -0.61 14.11
N PRO A 181 -5.77 0.34 13.58
CA PRO A 181 -4.58 0.78 14.34
C PRO A 181 -4.92 1.33 15.72
N PHE A 182 -5.99 2.10 15.83
CA PHE A 182 -6.37 2.71 17.10
C PHE A 182 -7.00 1.68 18.03
N LEU A 183 -7.75 0.75 17.46
CA LEU A 183 -8.37 -0.32 18.26
C LEU A 183 -7.30 -1.21 18.89
N TRP A 184 -6.30 -1.59 18.09
CA TRP A 184 -5.22 -2.45 18.58
C TRP A 184 -4.41 -1.73 19.66
N LEU A 185 -4.10 -0.46 19.41
CA LEU A 185 -3.34 0.34 20.37
C LEU A 185 -4.13 0.55 21.66
N ALA A 186 -5.43 0.76 21.54
CA ALA A 186 -6.30 0.92 22.70
C ALA A 186 -6.24 -0.33 23.58
N ARG A 187 -6.34 -1.50 22.94
CA ARG A 187 -6.32 -2.77 23.67
C ARG A 187 -4.99 -2.98 24.41
N LYS A 188 -3.89 -2.62 23.76
CA LYS A 188 -2.57 -2.76 24.39
C LYS A 188 -2.40 -1.79 25.56
N LEU A 189 -2.76 -0.53 25.35
CA LEU A 189 -2.55 0.51 26.36
C LEU A 189 -3.44 0.30 27.58
N ILE A 190 -4.68 -0.08 27.35
CA ILE A 190 -5.63 -0.31 28.43
C ILE A 190 -5.39 -1.67 29.09
N GLY A 191 -4.83 -2.61 28.34
CA GLY A 191 -4.52 -3.93 28.85
C GLY A 191 -5.69 -4.88 28.83
N ASP A 192 -6.65 -4.61 27.93
CA ASP A 192 -7.84 -5.44 27.79
C ASP A 192 -7.97 -5.90 26.34
N PRO A 193 -7.73 -7.20 26.07
CA PRO A 193 -7.85 -7.69 24.70
C PRO A 193 -9.29 -7.72 24.19
N ASN A 194 -10.25 -7.53 25.09
CA ASN A 194 -11.66 -7.57 24.75
C ASN A 194 -12.28 -6.19 24.59
N LEU A 195 -11.45 -5.15 24.69
CA LEU A 195 -11.91 -3.78 24.50
C LEU A 195 -12.51 -3.63 23.11
N GLU A 196 -13.66 -2.96 23.04
CA GLU A 196 -14.37 -2.74 21.79
C GLU A 196 -14.84 -1.30 21.67
N PHE A 197 -14.83 -0.77 20.46
CA PHE A 197 -15.45 0.53 20.20
C PHE A 197 -16.97 0.37 20.28
N VAL A 198 -17.62 1.30 20.98
CA VAL A 198 -19.07 1.26 21.14
C VAL A 198 -19.70 2.56 20.66
N ALA A 199 -21.01 2.52 20.45
CA ALA A 199 -21.75 3.68 19.98
C ALA A 199 -21.89 4.73 21.07
N MET A 200 -21.41 5.94 20.78
CA MET A 200 -21.54 7.05 21.70
C MET A 200 -23.02 7.40 21.88
N PRO A 201 -23.38 7.94 23.06
CA PRO A 201 -24.78 8.28 23.34
C PRO A 201 -25.29 9.41 22.45
N ALA A 202 -26.49 9.22 21.87
CA ALA A 202 -27.10 10.22 21.00
C ALA A 202 -28.19 11.00 21.71
N LEU A 203 -27.85 12.18 22.20
CA LEU A 203 -28.79 13.04 22.91
C LEU A 203 -29.92 13.49 21.99
N ALA A 204 -31.08 13.79 22.56
CA ALA A 204 -32.20 14.31 21.79
C ALA A 204 -31.88 15.70 21.28
N PRO A 205 -32.01 15.93 19.96
CA PRO A 205 -31.69 17.25 19.42
C PRO A 205 -32.81 18.27 19.64
N PRO A 206 -32.46 19.57 19.72
CA PRO A 206 -33.45 20.62 19.99
C PRO A 206 -34.27 21.00 18.76
N GLU A 207 -35.41 21.64 18.98
CA GLU A 207 -36.20 22.21 17.90
C GLU A 207 -35.71 23.62 17.61
N VAL A 208 -36.10 24.16 16.45
CA VAL A 208 -35.67 25.50 16.06
C VAL A 208 -36.79 26.23 15.33
N PRO A 212 -35.42 33.58 11.84
CA PRO A 212 -35.36 34.99 12.23
C PRO A 212 -35.17 35.92 11.03
N ALA A 213 -34.32 36.94 11.18
CA ALA A 213 -34.04 37.87 10.10
C ALA A 213 -32.94 37.34 9.17
N LEU A 214 -32.57 36.08 9.35
CA LEU A 214 -31.49 35.47 8.58
C LEU A 214 -32.02 34.44 7.59
N ALA A 215 -33.22 34.68 7.07
CA ALA A 215 -33.78 33.84 6.03
C ALA A 215 -33.08 34.10 4.71
N ALA A 216 -32.46 35.27 4.59
CA ALA A 216 -31.71 35.65 3.40
C ALA A 216 -30.28 35.15 3.47
N GLN A 217 -29.76 35.02 4.69
CA GLN A 217 -28.40 34.54 4.89
C GLN A 217 -28.25 33.09 4.47
N TYR A 218 -29.17 32.24 4.92
CA TYR A 218 -29.12 30.82 4.61
C TYR A 218 -29.42 30.54 3.15
N GLU A 219 -30.29 31.36 2.56
CA GLU A 219 -30.65 31.19 1.16
C GLU A 219 -29.47 31.52 0.24
N HIS A 220 -28.62 32.44 0.69
CA HIS A 220 -27.40 32.77 -0.03
C HIS A 220 -26.44 31.58 0.00
N ASP A 221 -26.12 31.15 1.21
CA ASP A 221 -25.19 30.04 1.43
C ASP A 221 -25.69 28.76 0.76
N LEU A 222 -27.00 28.60 0.72
CA LEU A 222 -27.62 27.41 0.15
C LEU A 222 -27.54 27.43 -1.38
N GLU A 223 -27.66 28.60 -1.97
CA GLU A 223 -27.57 28.75 -3.42
C GLU A 223 -26.19 28.34 -3.90
N VAL A 224 -25.16 28.73 -3.15
CA VAL A 224 -23.78 28.39 -3.48
C VAL A 224 -23.54 26.89 -3.33
N ALA A 225 -24.21 26.29 -2.36
CA ALA A 225 -24.03 24.88 -2.05
C ALA A 225 -24.58 23.99 -3.16
N GLN A 226 -25.76 24.32 -3.65
CA GLN A 226 -26.40 23.56 -4.72
C GLN A 226 -25.58 23.59 -6.00
N THR A 227 -24.96 24.74 -6.28
CA THR A 227 -24.25 24.95 -7.54
C THR A 227 -22.79 24.52 -7.46
N THR A 228 -22.37 24.03 -6.29
CA THR A 228 -21.06 23.42 -6.14
C THR A 228 -21.23 21.90 -6.14
N ALA A 229 -20.67 21.25 -7.15
CA ALA A 229 -20.85 19.82 -7.33
C ALA A 229 -20.24 19.01 -6.18
N LEU A 230 -20.92 17.95 -5.79
CA LEU A 230 -20.38 17.03 -4.79
C LEU A 230 -19.20 16.29 -5.39
N PRO A 231 -18.15 16.02 -4.57
CA PRO A 231 -16.97 15.34 -5.10
C PRO A 231 -17.17 13.84 -5.27
N ASP A 232 -16.36 13.24 -6.14
CA ASP A 232 -16.33 11.78 -6.30
C ASP A 232 -17.70 11.20 -6.64
N GLU A 233 -18.36 11.78 -7.63
CA GLU A 233 -19.73 11.38 -7.97
C GLU A 233 -19.77 9.96 -8.55
N ASP A 234 -18.62 9.44 -8.94
CA ASP A 234 -18.55 8.10 -9.53
C ASP A 234 -18.41 7.01 -8.47
N ASP A 235 -18.13 7.40 -7.23
CA ASP A 235 -18.00 6.45 -6.14
C ASP A 235 -19.31 5.72 -5.87
N ASP A 236 -19.21 4.54 -5.28
CA ASP A 236 -20.38 3.73 -4.96
C ASP A 236 -21.32 4.46 -4.02
N LEU A 237 -20.77 5.39 -3.24
CA LEU A 237 -21.56 6.12 -2.26
C LEU A 237 -20.81 7.36 -1.76
N PHE B 7 -28.07 -25.83 45.18
CA PHE B 7 -26.83 -25.59 44.46
C PHE B 7 -26.83 -24.22 43.80
N GLU B 8 -25.99 -23.33 44.30
CA GLU B 8 -25.92 -21.95 43.80
C GLU B 8 -25.24 -21.90 42.44
N PRO B 9 -25.85 -21.19 41.46
CA PRO B 9 -25.18 -21.09 40.15
C PRO B 9 -23.99 -20.13 40.18
N VAL B 10 -23.15 -20.17 39.15
CA VAL B 10 -22.00 -19.29 39.07
C VAL B 10 -22.43 -17.85 38.80
N THR B 20 -27.74 3.55 24.69
CA THR B 20 -27.09 4.43 23.71
C THR B 20 -27.96 5.65 23.41
N MET B 21 -28.89 5.94 24.32
CA MET B 21 -29.77 7.10 24.20
C MET B 21 -30.60 7.09 22.91
N GLU B 22 -30.96 5.90 22.43
CA GLU B 22 -31.80 5.79 21.25
C GLU B 22 -32.65 4.52 21.24
N GLU B 23 -32.69 3.82 22.37
CA GLU B 23 -33.50 2.62 22.50
C GLU B 23 -34.90 2.95 23.02
N ASP B 24 -35.17 4.25 23.20
CA ASP B 24 -36.50 4.72 23.55
C ASP B 24 -37.26 5.17 22.30
N GLU B 25 -36.70 4.87 21.12
CA GLU B 25 -37.25 5.35 19.86
C GLU B 25 -37.58 4.20 18.90
N GLU B 26 -38.19 4.55 17.77
CA GLU B 26 -38.62 3.59 16.76
C GLU B 26 -37.97 3.93 15.42
N VAL B 27 -37.46 2.91 14.73
CA VAL B 27 -36.80 3.10 13.45
C VAL B 27 -37.83 3.14 12.31
N LEU B 28 -38.16 4.35 11.85
CA LEU B 28 -39.09 4.51 10.75
C LEU B 28 -38.44 4.15 9.41
N TYR B 29 -37.24 4.66 9.20
CA TYR B 29 -36.53 4.48 7.94
C TYR B 29 -35.03 4.33 8.18
N LYS B 30 -34.41 3.45 7.40
CA LYS B 30 -32.96 3.25 7.47
C LYS B 30 -32.39 3.09 6.07
N VAL B 31 -31.30 3.81 5.79
CA VAL B 31 -30.65 3.71 4.48
C VAL B 31 -29.17 4.08 4.57
N ARG B 32 -28.36 3.37 3.80
CA ARG B 32 -26.94 3.67 3.69
C ARG B 32 -26.76 4.99 2.94
N ALA B 33 -25.86 5.84 3.42
CA ALA B 33 -25.65 7.14 2.80
C ALA B 33 -24.30 7.75 3.16
N LYS B 34 -23.89 8.75 2.39
CA LYS B 34 -22.69 9.52 2.65
C LYS B 34 -23.08 10.97 2.89
N LEU B 35 -22.64 11.52 4.01
CA LEU B 35 -23.01 12.88 4.40
C LEU B 35 -21.87 13.85 4.16
N PHE B 36 -22.21 14.99 3.56
CA PHE B 36 -21.26 16.07 3.33
C PHE B 36 -21.70 17.32 4.07
N ARG B 37 -20.73 18.14 4.48
CA ARG B 37 -21.00 19.47 4.99
C ARG B 37 -20.30 20.48 4.09
N PHE B 38 -20.94 21.62 3.88
CA PHE B 38 -20.40 22.64 2.99
C PHE B 38 -19.54 23.65 3.74
N ASP B 39 -18.26 23.69 3.39
CA ASP B 39 -17.33 24.68 3.94
C ASP B 39 -17.35 25.91 3.04
N ALA B 40 -18.14 26.91 3.41
CA ALA B 40 -18.31 28.10 2.60
C ALA B 40 -17.01 28.90 2.47
N ASP B 41 -16.18 28.84 3.50
CA ASP B 41 -14.92 29.59 3.50
C ASP B 41 -14.00 29.11 2.38
N ALA B 42 -14.04 27.81 2.10
CA ALA B 42 -13.23 27.22 1.04
C ALA B 42 -14.06 26.92 -0.21
N LYS B 43 -15.36 27.16 -0.12
CA LYS B 43 -16.29 26.81 -1.19
C LYS B 43 -16.05 25.37 -1.63
N GLU B 44 -16.22 24.44 -0.68
CA GLU B 44 -15.88 23.05 -0.91
C GLU B 44 -16.74 22.12 -0.06
N TRP B 45 -17.20 21.03 -0.66
CA TRP B 45 -17.93 20.00 0.07
C TRP B 45 -16.96 19.09 0.78
N LYS B 46 -17.13 18.94 2.09
CA LYS B 46 -16.29 18.05 2.88
C LYS B 46 -17.10 16.90 3.47
N GLU B 47 -16.61 15.68 3.29
CA GLU B 47 -17.26 14.50 3.84
C GLU B 47 -17.31 14.58 5.36
N ARG B 48 -18.42 14.12 5.94
CA ARG B 48 -18.58 14.14 7.39
C ARG B 48 -18.74 12.73 7.94
N GLY B 49 -19.19 11.81 7.10
CA GLY B 49 -19.39 10.44 7.54
C GLY B 49 -20.14 9.57 6.55
N THR B 50 -19.89 8.27 6.64
CA THR B 50 -20.57 7.28 5.82
C THR B 50 -21.09 6.16 6.72
N GLY B 51 -22.35 5.79 6.52
CA GLY B 51 -22.96 4.74 7.32
C GLY B 51 -24.47 4.76 7.20
N ASP B 52 -25.14 4.12 8.16
CA ASP B 52 -26.58 4.04 8.16
C ASP B 52 -27.22 5.34 8.63
N CYS B 53 -28.09 5.90 7.80
CA CYS B 53 -28.89 7.06 8.17
C CYS B 53 -30.27 6.61 8.62
N LYS B 54 -30.64 6.95 9.84
CA LYS B 54 -31.87 6.46 10.45
C LYS B 54 -32.85 7.58 10.77
N PHE B 55 -34.13 7.32 10.54
CA PHE B 55 -35.21 8.19 11.01
C PHE B 55 -35.78 7.59 12.29
N LEU B 56 -35.57 8.28 13.41
CA LEU B 56 -35.95 7.78 14.73
C LEU B 56 -37.13 8.55 15.31
N LYS B 57 -38.18 7.83 15.68
CA LYS B 57 -39.38 8.43 16.26
C LYS B 57 -39.43 8.21 17.76
N ASN B 58 -39.32 9.30 18.52
CA ASN B 58 -39.42 9.25 19.98
C ASN B 58 -40.80 8.79 20.42
N LYS B 59 -40.85 7.70 21.18
CA LYS B 59 -42.11 7.10 21.56
C LYS B 59 -42.93 7.95 22.52
N LYS B 60 -42.30 8.96 23.13
CA LYS B 60 -42.98 9.85 24.06
C LYS B 60 -43.50 11.10 23.35
N THR B 61 -42.64 11.76 22.58
CA THR B 61 -42.98 13.02 21.95
C THR B 61 -43.45 12.85 20.50
N ASN B 62 -43.23 11.65 19.95
CA ASN B 62 -43.57 11.36 18.56
C ASN B 62 -42.85 12.27 17.56
N LYS B 63 -41.79 12.92 18.02
CA LYS B 63 -40.96 13.77 17.15
C LYS B 63 -39.88 12.92 16.47
N VAL B 64 -39.74 13.10 15.16
CA VAL B 64 -38.79 12.31 14.38
C VAL B 64 -37.48 13.09 14.15
N ARG B 65 -36.36 12.38 14.26
CA ARG B 65 -35.04 12.97 14.02
C ARG B 65 -34.24 12.13 13.04
N ILE B 66 -33.18 12.73 12.51
CA ILE B 66 -32.17 11.99 11.76
C ILE B 66 -31.03 11.63 12.70
N LEU B 67 -30.67 10.35 12.72
CA LEU B 67 -29.46 9.91 13.42
C LEU B 67 -28.61 9.06 12.50
N MET B 68 -27.38 9.52 12.27
CA MET B 68 -26.45 8.84 11.38
C MET B 68 -25.10 8.64 12.07
N ARG B 69 -24.56 7.42 11.95
CA ARG B 69 -23.29 7.07 12.57
C ARG B 69 -22.27 6.61 11.53
N ARG B 70 -21.00 6.87 11.80
CA ARG B 70 -19.93 6.40 10.95
C ARG B 70 -19.70 4.91 11.16
N ASP B 71 -19.37 4.20 10.09
CA ASP B 71 -19.07 2.78 10.20
C ASP B 71 -17.83 2.55 11.08
N LYS B 72 -17.82 1.41 11.76
CA LYS B 72 -16.68 0.97 12.56
C LYS B 72 -16.49 1.77 13.85
N THR B 73 -16.33 3.09 13.73
CA THR B 73 -16.16 3.94 14.92
C THR B 73 -17.50 4.23 15.59
N LEU B 74 -18.57 4.21 14.80
CA LEU B 74 -19.93 4.44 15.30
C LEU B 74 -20.10 5.83 15.91
N LYS B 75 -19.22 6.76 15.53
CA LYS B 75 -19.34 8.14 15.99
C LYS B 75 -20.45 8.87 15.24
N ILE B 76 -21.22 9.66 15.97
CA ILE B 76 -22.36 10.37 15.40
C ILE B 76 -21.91 11.48 14.45
N CYS B 77 -22.39 11.43 13.22
CA CYS B 77 -22.07 12.46 12.23
C CYS B 77 -23.33 13.23 11.78
N ALA B 78 -24.46 12.94 12.41
CA ALA B 78 -25.68 13.71 12.18
C ALA B 78 -26.70 13.43 13.26
N ASN B 79 -27.21 14.50 13.87
CA ASN B 79 -28.21 14.39 14.92
C ASN B 79 -29.04 15.67 14.99
N HIS B 80 -30.23 15.63 14.39
CA HIS B 80 -31.10 16.81 14.37
C HIS B 80 -32.54 16.45 14.02
N ILE B 81 -33.47 17.28 14.47
CA ILE B 81 -34.88 17.11 14.14
C ILE B 81 -35.11 17.37 12.65
N ILE B 82 -35.95 16.54 12.04
CA ILE B 82 -36.39 16.76 10.68
C ILE B 82 -37.47 17.86 10.69
N ALA B 83 -37.03 19.11 10.83
CA ALA B 83 -37.95 20.24 10.92
C ALA B 83 -38.82 20.37 9.68
N PRO B 84 -40.09 20.75 9.86
CA PRO B 84 -40.94 21.00 8.69
C PRO B 84 -40.48 22.18 7.83
N GLU B 85 -39.63 23.04 8.41
CA GLU B 85 -39.15 24.23 7.70
C GLU B 85 -38.08 23.90 6.67
N TYR B 86 -37.48 22.72 6.80
CA TYR B 86 -36.39 22.31 5.90
C TYR B 86 -36.91 21.91 4.53
N THR B 87 -36.07 22.10 3.52
CA THR B 87 -36.42 21.80 2.14
C THR B 87 -35.26 21.12 1.41
N LEU B 88 -35.52 19.92 0.89
CA LEU B 88 -34.51 19.18 0.14
C LEU B 88 -34.38 19.71 -1.28
N LYS B 89 -33.16 20.10 -1.65
CA LYS B 89 -32.85 20.60 -2.98
C LYS B 89 -31.91 19.63 -3.69
N PRO B 90 -31.96 19.58 -5.03
CA PRO B 90 -31.01 18.75 -5.76
C PRO B 90 -29.65 19.43 -5.93
N ASN B 91 -28.57 18.65 -5.93
CA ASN B 91 -27.25 19.19 -6.21
C ASN B 91 -26.97 19.14 -7.70
N VAL B 92 -26.26 20.14 -8.20
CA VAL B 92 -26.04 20.30 -9.64
C VAL B 92 -25.38 19.09 -10.28
N GLY B 93 -24.49 18.43 -9.54
CA GLY B 93 -23.69 17.35 -10.09
C GLY B 93 -24.11 15.97 -9.65
N SER B 94 -25.37 15.82 -9.25
CA SER B 94 -25.84 14.54 -8.73
C SER B 94 -27.35 14.36 -8.89
N ASP B 95 -27.76 13.16 -9.25
CA ASP B 95 -29.17 12.80 -9.35
C ASP B 95 -29.56 11.83 -8.24
N ARG B 96 -28.72 11.75 -7.21
CA ARG B 96 -28.95 10.82 -6.11
C ARG B 96 -28.51 11.46 -4.79
N SER B 97 -28.72 12.77 -4.68
CA SER B 97 -28.35 13.51 -3.48
C SER B 97 -29.35 14.61 -3.18
N TRP B 98 -29.38 15.05 -1.92
CA TRP B 98 -30.22 16.16 -1.51
C TRP B 98 -29.39 17.16 -0.71
N VAL B 99 -29.66 18.44 -0.94
CA VAL B 99 -29.00 19.52 -0.21
C VAL B 99 -30.03 20.29 0.59
N TYR B 100 -29.75 20.54 1.86
CA TYR B 100 -30.65 21.32 2.69
C TYR B 100 -29.91 21.93 3.88
N ALA B 101 -30.42 23.07 4.33
CA ALA B 101 -29.83 23.78 5.46
C ALA B 101 -30.35 23.20 6.77
N CYS B 102 -29.44 23.03 7.72
CA CYS B 102 -29.78 22.58 9.07
C CYS B 102 -29.40 23.69 10.03
N THR B 103 -30.28 23.97 10.99
CA THR B 103 -30.09 25.10 11.89
C THR B 103 -29.61 24.66 13.28
N ALA B 104 -29.69 23.37 13.57
CA ALA B 104 -29.27 22.86 14.86
C ALA B 104 -28.93 21.37 14.84
N ASP B 105 -27.66 21.05 14.56
CA ASP B 105 -27.16 19.69 14.61
C ASP B 105 -26.19 19.51 15.76
N ILE B 106 -26.42 18.47 16.58
CA ILE B 106 -25.64 18.25 17.79
C ILE B 106 -24.75 17.00 17.70
N ALA B 107 -24.27 16.71 16.50
CA ALA B 107 -23.41 15.54 16.30
C ALA B 107 -22.08 15.72 17.00
N GLU B 108 -21.49 16.91 16.86
CA GLU B 108 -20.17 17.19 17.40
C GLU B 108 -20.25 17.86 18.78
N GLY B 109 -21.45 18.02 19.30
CA GLY B 109 -21.66 18.59 20.63
C GLY B 109 -22.70 19.68 20.65
N GLU B 110 -22.24 20.93 20.71
CA GLU B 110 -23.14 22.07 20.85
C GLU B 110 -23.92 22.32 19.55
N ALA B 111 -25.18 22.69 19.70
CA ALA B 111 -26.08 22.91 18.56
C ALA B 111 -25.51 23.94 17.60
N GLU B 112 -25.40 23.54 16.34
CA GLU B 112 -24.80 24.39 15.30
C GLU B 112 -25.57 24.22 14.00
N ALA B 113 -25.51 25.25 13.15
CA ALA B 113 -26.18 25.20 11.85
C ALA B 113 -25.20 24.75 10.76
N PHE B 114 -25.70 23.95 9.83
CA PHE B 114 -24.91 23.44 8.72
C PHE B 114 -25.68 23.48 7.42
N THR B 115 -24.95 23.45 6.31
CA THR B 115 -25.55 23.17 5.00
C THR B 115 -25.12 21.78 4.59
N PHE B 116 -26.00 20.81 4.79
CA PHE B 116 -25.68 19.40 4.55
C PHE B 116 -25.97 18.98 3.12
N ALA B 117 -25.27 17.93 2.70
CA ALA B 117 -25.62 17.20 1.49
C ALA B 117 -25.49 15.72 1.79
N ILE B 118 -26.50 14.95 1.40
CA ILE B 118 -26.49 13.51 1.65
C ILE B 118 -26.69 12.77 0.33
N ARG B 119 -25.78 11.84 0.05
CA ARG B 119 -25.81 11.07 -1.18
C ARG B 119 -26.11 9.61 -0.88
N PHE B 120 -26.73 8.92 -1.85
CA PHE B 120 -27.19 7.55 -1.66
C PHE B 120 -26.68 6.64 -2.77
N GLY B 121 -26.94 5.35 -2.61
CA GLY B 121 -26.44 4.36 -3.55
C GLY B 121 -27.05 4.49 -4.93
N SER B 122 -28.25 5.07 -5.00
CA SER B 122 -28.97 5.18 -6.27
C SER B 122 -30.01 6.28 -6.20
N LYS B 123 -30.51 6.70 -7.37
CA LYS B 123 -31.56 7.68 -7.45
C LYS B 123 -32.83 7.17 -6.76
N GLU B 124 -33.00 5.86 -6.77
CA GLU B 124 -34.17 5.23 -6.16
C GLU B 124 -34.15 5.43 -4.65
N ASN B 125 -33.02 5.08 -4.03
CA ASN B 125 -32.85 5.29 -2.59
C ASN B 125 -32.95 6.77 -2.23
N ALA B 126 -32.56 7.63 -3.15
CA ALA B 126 -32.61 9.07 -2.92
C ALA B 126 -34.05 9.56 -2.92
N ASP B 127 -34.83 9.11 -3.91
CA ASP B 127 -36.24 9.50 -4.01
C ASP B 127 -37.04 8.95 -2.83
N LYS B 128 -36.72 7.73 -2.41
CA LYS B 128 -37.40 7.10 -1.29
C LYS B 128 -37.09 7.87 -0.01
N PHE B 129 -35.83 8.30 0.13
CA PHE B 129 -35.42 9.10 1.28
C PHE B 129 -36.25 10.37 1.38
N LYS B 130 -36.41 11.08 0.26
CA LYS B 130 -37.17 12.31 0.25
C LYS B 130 -38.63 12.06 0.60
N GLU B 131 -39.15 10.92 0.15
CA GLU B 131 -40.52 10.53 0.49
C GLU B 131 -40.66 10.38 2.00
N GLU B 132 -39.77 9.58 2.59
CA GLU B 132 -39.76 9.35 4.03
C GLU B 132 -39.47 10.64 4.79
N PHE B 133 -38.60 11.47 4.21
CA PHE B 133 -38.22 12.74 4.83
C PHE B 133 -39.43 13.66 4.98
N GLU B 134 -40.26 13.72 3.95
CA GLU B 134 -41.45 14.55 3.97
C GLU B 134 -42.56 13.91 4.79
N LYS B 135 -42.58 12.59 4.82
CA LYS B 135 -43.49 11.87 5.72
C LYS B 135 -43.18 12.26 7.17
N ALA B 136 -41.90 12.25 7.51
CA ALA B 136 -41.46 12.58 8.86
C ALA B 136 -41.74 14.03 9.21
N GLN B 137 -41.64 14.91 8.21
CA GLN B 137 -41.96 16.32 8.41
C GLN B 137 -43.42 16.49 8.80
N GLU B 138 -44.28 15.70 8.19
CA GLU B 138 -45.72 15.79 8.45
C GLU B 138 -46.04 15.31 9.87
N ILE B 139 -45.21 14.39 10.37
CA ILE B 139 -45.39 13.86 11.71
C ILE B 139 -44.92 14.89 12.74
N ASN B 140 -43.80 15.54 12.47
CA ASN B 140 -43.31 16.61 13.32
C ASN B 140 -44.25 17.82 13.25
N LYS B 141 -45.06 17.85 12.21
CA LYS B 141 -46.09 18.88 12.06
C LYS B 141 -47.28 18.58 12.96
N LYS B 142 -47.33 17.36 13.49
CA LYS B 142 -48.40 16.90 14.36
C LYS B 142 -49.74 16.93 13.63
N SER C 3 6.40 36.77 23.93
CA SER C 3 7.39 36.80 25.06
C SER C 3 8.31 35.59 25.01
N MET C 4 7.77 34.45 24.58
CA MET C 4 8.55 33.23 24.48
C MET C 4 9.64 33.33 23.41
N GLU C 5 9.47 34.29 22.50
CA GLU C 5 10.38 34.43 21.37
C GLU C 5 11.70 35.13 21.75
N GLY C 6 11.97 35.22 23.05
CA GLY C 6 13.18 35.86 23.52
C GLY C 6 14.43 35.04 23.26
N ILE C 7 14.31 33.72 23.37
CA ILE C 7 15.44 32.82 23.18
C ILE C 7 15.98 32.88 21.75
N LEU C 8 15.19 33.44 20.84
CA LEU C 8 15.58 33.57 19.44
C LEU C 8 16.50 34.79 19.21
N ASP C 9 16.88 35.45 20.28
CA ASP C 9 17.78 36.61 20.20
C ASP C 9 19.17 36.23 20.74
N PHE C 10 20.11 35.99 19.84
CA PHE C 10 21.44 35.50 20.22
C PHE C 10 22.41 36.61 20.57
N SER C 11 22.01 37.86 20.35
CA SER C 11 22.83 39.00 20.74
C SER C 11 22.95 39.06 22.25
N ASN C 12 21.85 38.73 22.93
CA ASN C 12 21.82 38.66 24.38
C ASN C 12 22.14 37.25 24.86
N ASP C 13 22.50 37.12 26.13
CA ASP C 13 22.78 35.81 26.70
C ASP C 13 21.50 34.98 26.74
N LEU C 14 21.63 33.69 26.45
CA LEU C 14 20.47 32.79 26.45
C LEU C 14 19.98 32.54 27.87
N ASP C 15 18.71 32.84 28.10
CA ASP C 15 18.10 32.59 29.40
C ASP C 15 17.61 31.14 29.49
N ILE C 16 18.34 30.33 30.23
CA ILE C 16 18.02 28.91 30.37
C ILE C 16 16.63 28.72 30.95
N ALA C 17 16.26 29.57 31.90
CA ALA C 17 14.95 29.50 32.52
C ALA C 17 13.85 29.72 31.49
N LEU C 18 14.08 30.66 30.58
CA LEU C 18 13.12 30.96 29.53
C LEU C 18 13.02 29.80 28.55
N LEU C 19 14.13 29.14 28.28
CA LEU C 19 14.17 28.00 27.37
C LEU C 19 13.31 26.86 27.90
N ASP C 20 13.54 26.50 29.16
CA ASP C 20 12.82 25.41 29.80
C ASP C 20 11.31 25.66 29.80
N GLN C 21 10.92 26.92 29.92
CA GLN C 21 9.51 27.28 29.89
C GLN C 21 8.93 27.03 28.50
N VAL C 22 9.67 27.41 27.46
CA VAL C 22 9.25 27.19 26.09
C VAL C 22 9.13 25.68 25.82
N VAL C 23 10.10 24.92 26.33
CA VAL C 23 10.12 23.48 26.11
C VAL C 23 8.95 22.81 26.83
N SER C 24 8.73 23.18 28.09
CA SER C 24 7.62 22.62 28.86
C SER C 24 6.28 22.96 28.23
N THR C 25 6.15 24.20 27.77
CA THR C 25 4.93 24.66 27.09
C THR C 25 4.64 23.80 25.86
N PHE C 26 5.69 23.25 25.27
CA PHE C 26 5.54 22.43 24.07
C PHE C 26 5.16 20.98 24.41
N TYR C 27 5.89 20.37 25.34
CA TYR C 27 5.69 18.96 25.66
C TYR C 27 4.48 18.72 26.55
N GLN C 28 4.37 19.48 27.64
CA GLN C 28 3.30 19.28 28.62
C GLN C 28 2.12 20.22 28.38
N GLY C 29 2.32 21.25 27.58
CA GLY C 29 1.27 22.21 27.31
C GLY C 29 0.31 21.72 26.24
N SER C 30 -0.48 22.64 25.69
CA SER C 30 -1.46 22.29 24.67
C SER C 30 -1.94 23.52 23.90
N GLY C 31 -2.77 23.28 22.88
CA GLY C 31 -3.41 24.34 22.14
C GLY C 31 -2.47 25.30 21.44
N VAL C 32 -2.83 26.58 21.45
CA VAL C 32 -2.08 27.61 20.73
C VAL C 32 -0.72 27.84 21.36
N GLN C 33 -0.64 27.79 22.68
CA GLN C 33 0.63 27.98 23.37
C GLN C 33 1.62 26.90 22.97
N GLN C 34 1.12 25.67 22.88
CA GLN C 34 1.94 24.55 22.44
C GLN C 34 2.43 24.77 21.02
N LYS C 35 1.50 25.12 20.13
CA LYS C 35 1.82 25.34 18.72
C LYS C 35 2.81 26.48 18.54
N GLN C 36 2.67 27.52 19.36
CA GLN C 36 3.58 28.67 19.29
C GLN C 36 4.96 28.29 19.79
N ALA C 37 5.01 27.53 20.88
CA ALA C 37 6.28 27.06 21.43
C ALA C 37 6.99 26.16 20.45
N GLN C 38 6.21 25.36 19.73
CA GLN C 38 6.75 24.43 18.73
C GLN C 38 7.52 25.18 17.66
N GLU C 39 6.94 26.25 17.14
CA GLU C 39 7.55 27.03 16.07
C GLU C 39 8.77 27.80 16.57
N ILE C 40 8.75 28.14 17.85
CA ILE C 40 9.89 28.85 18.45
C ILE C 40 11.08 27.90 18.61
N LEU C 41 10.80 26.69 19.06
CA LEU C 41 11.86 25.69 19.26
C LEU C 41 12.51 25.29 17.95
N THR C 42 11.70 25.10 16.91
CA THR C 42 12.22 24.76 15.58
C THR C 42 13.15 25.86 15.10
N LYS C 43 12.72 27.11 15.22
CA LYS C 43 13.54 28.25 14.82
C LYS C 43 14.85 28.29 15.62
N PHE C 44 14.77 27.92 16.89
CA PHE C 44 15.95 27.92 17.75
C PHE C 44 17.00 26.91 17.28
N GLN C 45 16.61 25.65 17.18
CA GLN C 45 17.56 24.59 16.82
C GLN C 45 18.03 24.71 15.38
N ASP C 46 17.24 25.40 14.55
CA ASP C 46 17.60 25.60 13.15
C ASP C 46 18.63 26.73 13.01
N ASN C 47 18.89 27.45 14.09
CA ASN C 47 19.90 28.50 14.09
C ASN C 47 21.30 27.87 13.95
N PRO C 48 22.06 28.31 12.93
CA PRO C 48 23.37 27.68 12.70
C PRO C 48 24.41 28.03 13.76
N ASP C 49 24.03 28.85 14.75
CA ASP C 49 24.91 29.16 15.88
C ASP C 49 24.36 28.63 17.20
N ALA C 50 23.23 27.91 17.13
CA ALA C 50 22.61 27.33 18.32
C ALA C 50 23.54 26.35 19.01
N TRP C 51 24.37 25.66 18.23
CA TRP C 51 25.26 24.63 18.76
C TRP C 51 26.25 25.20 19.77
N GLN C 52 26.59 26.48 19.59
CA GLN C 52 27.54 27.14 20.47
C GLN C 52 26.98 27.27 21.89
N LYS C 53 25.66 27.40 21.97
CA LYS C 53 24.97 27.57 23.24
C LYS C 53 24.50 26.23 23.79
N ALA C 54 25.07 25.15 23.26
CA ALA C 54 24.72 23.80 23.71
C ALA C 54 25.38 23.48 25.04
N ASP C 55 26.61 23.96 25.22
CA ASP C 55 27.33 23.72 26.48
C ASP C 55 26.60 24.36 27.65
N GLN C 56 26.01 25.54 27.43
CA GLN C 56 25.23 26.21 28.45
C GLN C 56 24.06 25.35 28.92
N ILE C 57 23.26 24.90 27.95
CA ILE C 57 22.07 24.12 28.24
C ILE C 57 22.41 22.85 29.02
N LEU C 58 23.37 22.07 28.51
CA LEU C 58 23.70 20.79 29.11
C LEU C 58 24.25 20.95 30.53
N GLN C 59 24.69 22.16 30.87
CA GLN C 59 25.24 22.43 32.20
C GLN C 59 24.21 23.03 33.14
N PHE C 60 23.56 24.11 32.69
CA PHE C 60 22.73 24.93 33.57
C PHE C 60 21.25 24.59 33.53
N SER C 61 20.83 23.76 32.58
CA SER C 61 19.43 23.39 32.47
C SER C 61 19.05 22.31 33.47
N THR C 62 17.78 22.33 33.90
CA THR C 62 17.24 21.29 34.77
C THR C 62 16.17 20.49 34.04
N ASN C 63 15.93 20.83 32.77
CA ASN C 63 14.92 20.16 31.95
C ASN C 63 15.57 19.14 31.01
N PRO C 64 15.27 17.85 31.20
CA PRO C 64 15.88 16.82 30.34
C PRO C 64 15.55 17.00 28.86
N GLN C 65 14.36 17.49 28.54
CA GLN C 65 13.96 17.68 27.16
C GLN C 65 14.77 18.80 26.50
N SER C 66 15.15 19.80 27.29
CA SER C 66 15.97 20.89 26.79
C SER C 66 17.37 20.40 26.44
N LYS C 67 17.90 19.52 27.27
CA LYS C 67 19.22 18.94 27.04
C LYS C 67 19.18 17.99 25.85
N PHE C 68 18.04 17.34 25.67
CA PHE C 68 17.84 16.46 24.53
C PHE C 68 17.90 17.27 23.24
N ILE C 69 17.18 18.39 23.22
CA ILE C 69 17.18 19.28 22.07
C ILE C 69 18.58 19.84 21.83
N ALA C 70 19.34 20.04 22.91
CA ALA C 70 20.69 20.56 22.80
C ALA C 70 21.59 19.57 22.06
N LEU C 71 21.42 18.29 22.38
CA LEU C 71 22.20 17.24 21.74
C LEU C 71 21.80 17.08 20.27
N SER C 72 20.52 17.26 19.97
CA SER C 72 20.06 17.22 18.59
C SER C 72 20.74 18.30 17.76
N ILE C 73 20.85 19.49 18.34
CA ILE C 73 21.54 20.59 17.68
C ILE C 73 23.00 20.22 17.43
N LEU C 74 23.65 19.63 18.45
CA LEU C 74 25.02 19.17 18.32
C LEU C 74 25.14 18.07 17.26
N ASP C 75 24.22 17.11 17.31
CA ASP C 75 24.19 16.02 16.35
C ASP C 75 24.22 16.55 14.92
N LYS C 76 23.41 17.57 14.67
CA LYS C 76 23.30 18.17 13.35
C LYS C 76 24.62 18.81 12.93
N LEU C 77 25.35 19.34 13.91
CA LEU C 77 26.64 19.98 13.65
C LEU C 77 27.71 18.95 13.32
N ILE C 78 27.78 17.90 14.14
CA ILE C 78 28.76 16.84 13.98
C ILE C 78 28.57 16.11 12.64
N THR C 79 27.32 15.97 12.24
CA THR C 79 26.98 15.19 11.05
C THR C 79 27.31 15.94 9.75
N ARG C 80 27.27 17.27 9.79
CA ARG C 80 27.31 18.06 8.55
C ARG C 80 28.47 19.06 8.46
N LYS C 81 28.88 19.64 9.59
CA LYS C 81 29.87 20.72 9.59
C LYS C 81 31.05 20.46 10.53
N TRP C 82 31.25 19.21 10.91
CA TRP C 82 32.29 18.85 11.88
C TRP C 82 33.68 19.25 11.43
N LYS C 83 34.02 18.92 10.18
CA LYS C 83 35.36 19.15 9.66
C LYS C 83 35.61 20.61 9.30
N LEU C 84 34.57 21.43 9.40
CA LEU C 84 34.67 22.86 9.12
C LEU C 84 35.09 23.64 10.37
N LEU C 85 34.81 23.06 11.54
CA LEU C 85 35.11 23.72 12.81
C LEU C 85 36.60 23.89 13.02
N PRO C 86 36.98 24.88 13.86
CA PRO C 86 38.38 24.92 14.31
C PRO C 86 38.70 23.66 15.09
N ASN C 87 39.94 23.18 15.01
CA ASN C 87 40.31 21.92 15.65
C ASN C 87 40.08 21.96 17.16
N ASP C 88 40.17 23.14 17.75
CA ASP C 88 39.95 23.30 19.18
C ASP C 88 38.51 23.01 19.56
N HIS C 89 37.58 23.51 18.75
CA HIS C 89 36.16 23.27 18.99
C HIS C 89 35.82 21.79 18.92
N ARG C 90 36.46 21.08 18.00
CA ARG C 90 36.23 19.63 17.85
C ARG C 90 36.61 18.88 19.13
N ILE C 91 37.76 19.24 19.70
CA ILE C 91 38.22 18.62 20.93
C ILE C 91 37.34 19.02 22.10
N GLY C 92 36.91 20.27 22.11
CA GLY C 92 36.06 20.79 23.18
C GLY C 92 34.72 20.07 23.24
N ILE C 93 34.07 19.95 22.09
CA ILE C 93 32.78 19.28 22.00
C ILE C 93 32.92 17.83 22.46
N ARG C 94 33.98 17.17 22.00
CA ARG C 94 34.26 15.78 22.36
C ARG C 94 34.36 15.60 23.89
N ASN C 95 35.28 16.31 24.51
CA ASN C 95 35.48 16.19 25.96
C ASN C 95 34.24 16.56 26.75
N PHE C 96 33.46 17.49 26.22
CA PHE C 96 32.22 17.91 26.88
C PHE C 96 31.20 16.77 26.88
N VAL C 97 31.14 16.03 25.77
CA VAL C 97 30.20 14.93 25.64
C VAL C 97 30.64 13.74 26.50
N VAL C 98 31.92 13.41 26.46
CA VAL C 98 32.45 12.33 27.27
C VAL C 98 32.21 12.63 28.75
N GLY C 99 32.60 13.83 29.19
CA GLY C 99 32.47 14.23 30.57
C GLY C 99 31.02 14.22 31.04
N MET C 100 30.11 14.66 30.17
CA MET C 100 28.69 14.67 30.50
C MET C 100 28.17 13.25 30.71
N ILE C 101 28.64 12.32 29.89
CA ILE C 101 28.20 10.93 29.99
C ILE C 101 28.72 10.30 31.28
N ILE C 102 29.98 10.55 31.59
CA ILE C 102 30.61 10.01 32.79
C ILE C 102 29.87 10.47 34.05
N SER C 103 29.52 11.76 34.11
CA SER C 103 28.87 12.31 35.29
C SER C 103 27.48 11.72 35.49
N MET C 104 26.75 11.52 34.40
CA MET C 104 25.40 10.97 34.47
C MET C 104 25.42 9.52 34.94
N CYS C 105 26.51 8.80 34.64
CA CYS C 105 26.64 7.41 35.04
C CYS C 105 27.00 7.28 36.51
N GLN C 106 27.75 8.25 37.03
CA GLN C 106 28.20 8.22 38.42
C GLN C 106 27.07 8.56 39.39
N ASP C 107 26.08 9.31 38.91
CA ASP C 107 24.91 9.64 39.70
C ASP C 107 23.84 8.59 39.48
N ASP C 108 23.62 7.74 40.49
CA ASP C 108 22.65 6.64 40.39
C ASP C 108 21.24 7.17 40.19
N GLU C 109 20.97 8.37 40.71
CA GLU C 109 19.67 9.01 40.55
C GLU C 109 19.42 9.36 39.09
N VAL C 110 20.40 10.00 38.47
CA VAL C 110 20.31 10.41 37.07
C VAL C 110 20.30 9.20 36.14
N PHE C 111 21.19 8.25 36.43
CA PHE C 111 21.32 7.06 35.59
C PHE C 111 20.02 6.25 35.57
N LYS C 112 19.26 6.35 36.65
CA LYS C 112 18.05 5.56 36.83
C LYS C 112 16.82 6.21 36.21
N THR C 113 16.77 7.54 36.26
CA THR C 113 15.56 8.28 35.92
C THR C 113 15.65 9.07 34.61
N GLN C 114 16.79 9.00 33.93
CA GLN C 114 16.99 9.73 32.68
C GLN C 114 17.66 8.88 31.61
N LYS C 115 17.10 7.70 31.35
CA LYS C 115 17.63 6.81 30.32
C LYS C 115 17.58 7.46 28.96
N ASN C 116 16.56 8.27 28.71
CA ASN C 116 16.38 8.93 27.42
C ASN C 116 17.51 9.92 27.13
N LEU C 117 17.81 10.79 28.09
CA LEU C 117 18.86 11.78 27.90
C LEU C 117 20.23 11.12 27.75
N ILE C 118 20.44 10.01 28.45
CA ILE C 118 21.70 9.28 28.39
C ILE C 118 21.86 8.60 27.05
N ASN C 119 20.81 7.91 26.60
CA ASN C 119 20.85 7.21 25.32
C ASN C 119 21.09 8.19 24.18
N LYS C 120 20.53 9.38 24.29
CA LYS C 120 20.75 10.43 23.31
C LYS C 120 22.20 10.90 23.34
N SER C 121 22.73 11.06 24.54
CA SER C 121 24.13 11.47 24.71
C SER C 121 25.06 10.43 24.12
N ASP C 122 24.68 9.16 24.28
CA ASP C 122 25.46 8.05 23.74
C ASP C 122 25.47 8.08 22.22
N LEU C 123 24.29 8.28 21.63
CA LEU C 123 24.19 8.35 20.18
C LEU C 123 25.03 9.51 19.65
N THR C 124 25.03 10.62 20.38
CA THR C 124 25.81 11.79 20.00
C THR C 124 27.31 11.46 20.05
N LEU C 125 27.72 10.69 21.05
CA LEU C 125 29.10 10.25 21.15
C LEU C 125 29.47 9.40 19.94
N VAL C 126 28.55 8.52 19.53
CA VAL C 126 28.79 7.64 18.40
C VAL C 126 28.98 8.44 17.11
N GLN C 127 28.29 9.57 16.98
CA GLN C 127 28.45 10.42 15.81
C GLN C 127 29.87 10.99 15.77
N ILE C 128 30.40 11.32 16.94
CA ILE C 128 31.77 11.80 17.04
C ILE C 128 32.75 10.70 16.64
N LEU C 129 32.50 9.48 17.13
CA LEU C 129 33.35 8.34 16.80
C LEU C 129 33.42 8.10 15.30
N LYS C 130 32.28 8.21 14.63
CA LYS C 130 32.23 8.01 13.19
C LYS C 130 33.10 9.04 12.47
N GLN C 131 33.34 10.18 13.11
CA GLN C 131 34.19 11.21 12.55
C GLN C 131 35.65 11.06 12.96
N GLU C 132 35.87 10.67 14.21
CA GLU C 132 37.19 10.78 14.83
C GLU C 132 37.90 9.44 15.06
N TRP C 133 37.13 8.36 15.14
CA TRP C 133 37.66 7.07 15.56
C TRP C 133 37.89 6.13 14.38
N PRO C 134 39.00 5.38 14.39
CA PRO C 134 40.08 5.31 15.38
C PRO C 134 41.27 6.22 15.09
N GLN C 135 41.32 6.82 13.90
CA GLN C 135 42.51 7.58 13.47
C GLN C 135 42.91 8.71 14.42
N ASN C 136 41.94 9.30 15.11
CA ASN C 136 42.21 10.37 16.06
C ASN C 136 41.68 10.04 17.45
N TRP C 137 41.54 8.75 17.74
CA TRP C 137 41.04 8.30 19.03
C TRP C 137 41.34 6.82 19.22
N PRO C 138 42.60 6.42 19.00
CA PRO C 138 42.99 5.01 18.98
C PRO C 138 42.72 4.29 20.30
N GLU C 139 42.65 5.03 21.40
CA GLU C 139 42.55 4.43 22.72
C GLU C 139 41.11 4.32 23.22
N PHE C 140 40.14 4.55 22.34
CA PHE C 140 38.74 4.56 22.77
C PHE C 140 38.30 3.22 23.34
N ILE C 141 38.51 2.14 22.58
CA ILE C 141 38.06 0.82 23.01
C ILE C 141 38.86 0.32 24.22
N PRO C 142 40.19 0.47 24.20
CA PRO C 142 40.96 0.13 25.41
C PRO C 142 40.46 0.85 26.67
N GLU C 143 40.29 2.17 26.58
CA GLU C 143 39.81 2.95 27.71
C GLU C 143 38.38 2.58 28.09
N LEU C 144 37.56 2.25 27.09
CA LEU C 144 36.19 1.83 27.34
C LEU C 144 36.17 0.57 28.20
N ILE C 145 36.95 -0.42 27.80
CA ILE C 145 37.04 -1.69 28.52
C ILE C 145 37.56 -1.46 29.94
N GLY C 146 38.53 -0.56 30.07
CA GLY C 146 39.10 -0.24 31.37
C GLY C 146 38.06 0.35 32.31
N SER C 147 37.34 1.36 31.83
CA SER C 147 36.35 2.05 32.64
C SER C 147 35.20 1.12 33.06
N SER C 148 34.96 0.07 32.29
CA SER C 148 33.84 -0.84 32.56
C SER C 148 34.05 -1.62 33.85
N SER C 149 35.31 -1.90 34.19
CA SER C 149 35.62 -2.72 35.36
C SER C 149 35.41 -1.97 36.67
N SER C 150 35.39 -0.64 36.60
CA SER C 150 35.30 0.18 37.80
C SER C 150 33.86 0.33 38.30
N SER C 151 32.93 0.60 37.38
CA SER C 151 31.54 0.84 37.73
C SER C 151 30.59 -0.02 36.92
N VAL C 152 29.50 -0.45 37.55
CA VAL C 152 28.48 -1.25 36.87
C VAL C 152 27.65 -0.37 35.93
N ASN C 153 27.33 0.83 36.38
CA ASN C 153 26.56 1.77 35.58
C ASN C 153 27.29 2.18 34.31
N VAL C 154 28.60 2.45 34.43
CA VAL C 154 29.41 2.82 33.29
C VAL C 154 29.54 1.65 32.32
N CYS C 155 29.70 0.45 32.87
CA CYS C 155 29.83 -0.75 32.07
C CYS C 155 28.57 -0.97 31.23
N GLU C 156 27.41 -0.89 31.87
CA GLU C 156 26.14 -1.03 31.20
C GLU C 156 25.99 0.00 30.09
N ASN C 157 26.37 1.23 30.38
CA ASN C 157 26.24 2.30 29.40
C ASN C 157 27.19 2.09 28.22
N ASN C 158 28.37 1.53 28.49
CA ASN C 158 29.31 1.22 27.42
C ASN C 158 28.74 0.19 26.46
N MET C 159 27.93 -0.73 26.98
CA MET C 159 27.28 -1.73 26.15
C MET C 159 26.27 -1.07 25.23
N ILE C 160 25.65 0.00 25.71
CA ILE C 160 24.71 0.76 24.91
C ILE C 160 25.47 1.53 23.81
N VAL C 161 26.63 2.07 24.16
CA VAL C 161 27.45 2.79 23.19
C VAL C 161 27.97 1.83 22.11
N LEU C 162 28.38 0.64 22.52
CA LEU C 162 28.90 -0.34 21.57
C LEU C 162 27.78 -0.90 20.70
N LYS C 163 26.57 -1.00 21.26
CA LYS C 163 25.40 -1.41 20.49
C LYS C 163 25.12 -0.41 19.40
N LEU C 164 24.99 0.86 19.80
CA LEU C 164 24.74 1.95 18.86
C LEU C 164 25.84 2.05 17.81
N LEU C 165 27.08 1.86 18.23
CA LEU C 165 28.21 1.93 17.31
C LEU C 165 28.10 0.83 16.25
N SER C 166 27.82 -0.39 16.69
CA SER C 166 27.67 -1.51 15.77
C SER C 166 26.54 -1.26 14.76
N GLU C 167 25.45 -0.68 15.24
CA GLU C 167 24.32 -0.34 14.37
C GLU C 167 24.72 0.65 13.28
N GLU C 168 25.34 1.75 13.70
CA GLU C 168 25.69 2.82 12.78
C GLU C 168 26.71 2.36 11.73
N VAL C 169 27.58 1.44 12.10
CA VAL C 169 28.64 0.97 11.21
C VAL C 169 28.18 -0.13 10.25
N PHE C 170 27.43 -1.11 10.78
CA PHE C 170 27.09 -2.30 10.00
C PHE C 170 25.65 -2.35 9.50
N ASP C 171 24.71 -1.82 10.28
CA ASP C 171 23.29 -1.95 9.95
C ASP C 171 22.73 -0.77 9.17
N PHE C 172 23.30 0.42 9.36
CA PHE C 172 22.74 1.64 8.78
C PHE C 172 23.78 2.53 8.10
N SER C 173 24.92 1.95 7.74
CA SER C 173 25.99 2.72 7.10
C SER C 173 25.73 2.95 5.62
N ALA C 174 25.10 1.98 4.97
CA ALA C 174 24.78 2.09 3.56
C ALA C 174 23.91 3.32 3.31
N GLU C 175 24.32 4.13 2.33
CA GLU C 175 23.58 5.33 1.94
C GLU C 175 23.50 6.38 3.06
N GLN C 176 24.39 6.28 4.05
CA GLN C 176 24.55 7.33 5.06
C GLN C 176 26.01 7.79 5.11
N MET C 177 26.91 6.93 4.65
CA MET C 177 28.31 7.28 4.53
C MET C 177 28.86 6.68 3.24
N THR C 178 30.00 7.17 2.78
CA THR C 178 30.59 6.68 1.55
C THR C 178 31.06 5.24 1.72
N GLN C 179 31.20 4.54 0.60
CA GLN C 179 31.70 3.17 0.60
C GLN C 179 33.04 3.06 1.33
N ALA C 180 33.92 4.02 1.07
CA ALA C 180 35.24 4.04 1.68
C ALA C 180 35.15 4.22 3.19
N LYS C 181 34.26 5.12 3.62
CA LYS C 181 34.11 5.43 5.04
C LYS C 181 33.53 4.25 5.79
N ALA C 182 32.56 3.58 5.16
CA ALA C 182 31.91 2.42 5.75
C ALA C 182 32.92 1.29 5.97
N LEU C 183 33.69 0.98 4.91
CA LEU C 183 34.69 -0.08 4.98
C LEU C 183 35.73 0.22 6.05
N HIS C 184 36.17 1.48 6.12
CA HIS C 184 37.14 1.91 7.13
C HIS C 184 36.64 1.63 8.54
N LEU C 185 35.40 2.00 8.83
CA LEU C 185 34.83 1.80 10.16
C LEU C 185 34.55 0.33 10.44
N LYS C 186 34.13 -0.41 9.42
CA LYS C 186 33.88 -1.84 9.58
C LYS C 186 35.18 -2.57 9.93
N ASN C 187 36.26 -2.27 9.21
CA ASN C 187 37.56 -2.85 9.50
C ASN C 187 38.05 -2.45 10.89
N SER C 188 37.78 -1.21 11.29
CA SER C 188 38.22 -0.71 12.58
C SER C 188 37.54 -1.47 13.73
N MET C 189 36.22 -1.64 13.63
CA MET C 189 35.49 -2.40 14.63
C MET C 189 35.91 -3.87 14.60
N SER C 190 36.12 -4.38 13.39
CA SER C 190 36.54 -5.76 13.20
C SER C 190 37.89 -6.03 13.86
N LYS C 191 38.79 -5.05 13.76
CA LYS C 191 40.16 -5.22 14.25
C LYS C 191 40.24 -5.25 15.78
N GLU C 192 39.30 -4.56 16.44
CA GLU C 192 39.32 -4.47 17.89
C GLU C 192 38.15 -5.19 18.56
N PHE C 193 37.47 -6.07 17.83
CA PHE C 193 36.31 -6.77 18.39
C PHE C 193 36.74 -7.85 19.39
N GLU C 194 37.94 -8.39 19.22
CA GLU C 194 38.44 -9.44 20.10
C GLU C 194 38.41 -8.97 21.55
N GLN C 195 38.74 -7.69 21.75
CA GLN C 195 38.74 -7.10 23.09
C GLN C 195 37.31 -6.87 23.57
N ILE C 196 36.44 -6.48 22.64
CA ILE C 196 35.04 -6.19 22.96
C ILE C 196 34.30 -7.47 23.36
N PHE C 197 34.56 -8.55 22.63
CA PHE C 197 33.89 -9.82 22.91
C PHE C 197 34.31 -10.37 24.26
N LYS C 198 35.59 -10.17 24.60
CA LYS C 198 36.12 -10.63 25.88
C LYS C 198 35.37 -9.98 27.03
N LEU C 199 35.20 -8.66 26.95
CA LEU C 199 34.41 -7.92 27.93
C LEU C 199 32.99 -8.45 27.97
N CYS C 200 32.40 -8.62 26.80
CA CYS C 200 31.02 -9.08 26.66
CA CYS C 200 31.01 -9.07 26.69
C CYS C 200 30.81 -10.43 27.35
N PHE C 201 31.67 -11.38 27.03
CA PHE C 201 31.54 -12.74 27.56
C PHE C 201 31.75 -12.78 29.08
N GLN C 202 32.67 -11.95 29.58
CA GLN C 202 32.92 -11.90 31.02
C GLN C 202 31.69 -11.42 31.78
N VAL C 203 31.06 -10.36 31.28
CA VAL C 203 29.83 -9.85 31.88
C VAL C 203 28.75 -10.92 31.91
N LEU C 204 28.57 -11.61 30.79
CA LEU C 204 27.53 -12.63 30.68
C LEU C 204 27.79 -13.81 31.61
N GLU C 205 29.05 -14.23 31.72
CA GLU C 205 29.39 -15.41 32.49
C GLU C 205 29.45 -15.12 33.98
N GLN C 206 29.98 -13.95 34.35
CA GLN C 206 30.19 -13.60 35.74
C GLN C 206 28.96 -12.96 36.39
N GLY C 207 27.90 -12.75 35.60
CA GLY C 207 26.70 -12.13 36.11
C GLY C 207 26.95 -10.67 36.48
N SER C 208 26.05 -10.05 37.24
CA SER C 208 24.79 -10.66 37.69
C SER C 208 23.66 -9.63 37.74
N SER C 209 23.97 -8.39 37.35
CA SER C 209 22.97 -7.33 37.29
C SER C 209 22.08 -7.51 36.07
N SER C 210 20.77 -7.63 36.30
CA SER C 210 19.82 -7.86 35.22
C SER C 210 19.92 -6.80 34.13
N SER C 211 19.97 -5.54 34.52
CA SER C 211 20.03 -4.44 33.56
C SER C 211 21.33 -4.48 32.75
N LEU C 212 22.40 -4.97 33.38
CA LEU C 212 23.69 -5.07 32.72
C LEU C 212 23.72 -6.25 31.74
N ILE C 213 23.17 -7.38 32.16
CA ILE C 213 23.12 -8.57 31.31
C ILE C 213 22.28 -8.29 30.07
N VAL C 214 21.13 -7.66 30.26
CA VAL C 214 20.21 -7.39 29.16
C VAL C 214 20.84 -6.43 28.15
N ALA C 215 21.51 -5.39 28.65
CA ALA C 215 22.17 -4.43 27.77
C ALA C 215 23.28 -5.11 26.98
N THR C 216 23.96 -6.06 27.62
CA THR C 216 25.04 -6.79 26.96
C THR C 216 24.49 -7.73 25.90
N LEU C 217 23.39 -8.40 26.20
CA LEU C 217 22.76 -9.30 25.25
C LEU C 217 22.19 -8.52 24.07
N GLU C 218 21.66 -7.33 24.35
CA GLU C 218 21.13 -6.48 23.31
C GLU C 218 22.24 -6.04 22.35
N SER C 219 23.43 -5.81 22.87
CA SER C 219 24.57 -5.46 22.03
C SER C 219 25.02 -6.69 21.25
N LEU C 220 24.99 -7.85 21.89
CA LEU C 220 25.37 -9.10 21.25
C LEU C 220 24.50 -9.38 20.03
N LEU C 221 23.21 -9.03 20.12
CA LEU C 221 22.29 -9.24 19.01
C LEU C 221 22.78 -8.50 17.77
N ARG C 222 23.32 -7.30 17.97
CA ARG C 222 23.85 -6.51 16.86
C ARG C 222 25.14 -7.10 16.30
N TYR C 223 26.00 -7.60 17.18
CA TYR C 223 27.28 -8.19 16.76
C TYR C 223 27.04 -9.38 15.84
N LEU C 224 26.05 -10.19 16.17
CA LEU C 224 25.78 -11.43 15.45
C LEU C 224 25.44 -11.20 13.99
N HIS C 225 25.13 -9.96 13.63
CA HIS C 225 24.83 -9.62 12.24
C HIS C 225 26.06 -9.72 11.34
N TRP C 226 27.27 -9.65 11.91
CA TRP C 226 28.48 -9.52 11.11
C TRP C 226 29.72 -10.26 11.62
N ILE C 227 29.79 -10.57 12.91
CA ILE C 227 31.00 -11.19 13.45
C ILE C 227 31.20 -12.61 12.91
N PRO C 228 32.46 -13.06 12.83
CA PRO C 228 32.74 -14.41 12.35
C PRO C 228 32.19 -15.46 13.30
N TYR C 229 31.85 -16.63 12.78
CA TYR C 229 31.14 -17.64 13.54
C TYR C 229 31.95 -18.21 14.70
N ARG C 230 33.27 -18.06 14.64
CA ARG C 230 34.15 -18.66 15.64
C ARG C 230 33.87 -18.13 17.04
N TYR C 231 33.51 -16.85 17.15
CA TYR C 231 33.23 -16.26 18.45
C TYR C 231 32.05 -16.91 19.15
N ILE C 232 31.20 -17.59 18.37
CA ILE C 232 29.99 -18.20 18.90
C ILE C 232 30.18 -19.69 19.16
N TYR C 233 30.94 -20.36 18.30
CA TYR C 233 31.07 -21.81 18.38
C TYR C 233 32.36 -22.25 19.09
N GLU C 234 33.38 -21.40 19.11
CA GLU C 234 34.64 -21.74 19.77
C GLU C 234 34.69 -21.18 21.19
N THR C 235 33.53 -20.78 21.70
CA THR C 235 33.40 -20.37 23.10
C THR C 235 32.23 -21.12 23.72
N ASN C 236 31.92 -20.80 24.96
CA ASN C 236 30.84 -21.46 25.68
C ASN C 236 29.55 -20.65 25.64
N ILE C 237 29.51 -19.64 24.77
CA ILE C 237 28.44 -18.65 24.82
C ILE C 237 27.08 -19.23 24.43
N LEU C 238 27.07 -20.23 23.55
CA LEU C 238 25.82 -20.88 23.17
C LEU C 238 25.19 -21.57 24.38
N GLU C 239 26.03 -22.12 25.24
CA GLU C 239 25.56 -22.78 26.44
C GLU C 239 24.87 -21.78 27.37
N LEU C 240 25.47 -20.60 27.52
CA LEU C 240 24.92 -19.56 28.37
C LEU C 240 23.58 -19.06 27.83
N LEU C 241 23.53 -18.83 26.52
CA LEU C 241 22.32 -18.35 25.88
C LEU C 241 21.20 -19.39 25.99
N SER C 242 21.52 -20.64 25.64
CA SER C 242 20.50 -21.67 25.50
C SER C 242 20.01 -22.28 26.82
N THR C 243 20.65 -21.91 27.93
CA THR C 243 20.25 -22.45 29.24
C THR C 243 20.06 -21.34 30.28
N LYS C 244 21.17 -20.79 30.76
CA LYS C 244 21.17 -19.77 31.80
C LYS C 244 20.17 -18.64 31.56
N PHE C 245 20.22 -18.05 30.37
CA PHE C 245 19.47 -16.84 30.07
C PHE C 245 18.04 -17.09 29.57
N MET C 246 17.71 -18.36 29.32
CA MET C 246 16.35 -18.70 28.92
C MET C 246 15.44 -18.91 30.13
N THR C 247 16.02 -18.95 31.32
CA THR C 247 15.25 -19.17 32.54
C THR C 247 14.61 -17.89 33.07
N SER C 248 15.39 -16.81 33.11
CA SER C 248 14.89 -15.52 33.57
C SER C 248 14.12 -14.81 32.46
N PRO C 249 12.88 -14.36 32.74
CA PRO C 249 12.11 -13.69 31.68
C PRO C 249 12.73 -12.37 31.21
N ASP C 250 13.54 -11.75 32.06
CA ASP C 250 14.18 -10.48 31.70
C ASP C 250 15.14 -10.66 30.54
N THR C 251 15.90 -11.76 30.57
CA THR C 251 16.88 -12.04 29.52
C THR C 251 16.31 -12.97 28.44
N ARG C 252 15.17 -13.60 28.72
CA ARG C 252 14.61 -14.60 27.82
C ARG C 252 14.27 -14.01 26.45
N ALA C 253 13.64 -12.84 26.44
CA ALA C 253 13.21 -12.21 25.19
C ALA C 253 14.40 -11.92 24.27
N ILE C 254 15.42 -11.26 24.81
CA ILE C 254 16.56 -10.85 23.99
C ILE C 254 17.38 -12.07 23.58
N THR C 255 17.51 -13.03 24.49
CA THR C 255 18.28 -14.24 24.24
C THR C 255 17.72 -15.02 23.06
N LEU C 256 16.39 -15.11 23.02
CA LEU C 256 15.71 -15.86 21.96
C LEU C 256 15.97 -15.20 20.61
N LYS C 257 16.04 -13.87 20.61
CA LYS C 257 16.35 -13.13 19.40
C LYS C 257 17.80 -13.35 18.97
N CYS C 258 18.69 -13.51 19.94
CA CYS C 258 20.10 -13.80 19.65
C CYS C 258 20.22 -15.17 19.00
N LEU C 259 19.55 -16.16 19.57
CA LEU C 259 19.63 -17.53 19.08
C LEU C 259 19.02 -17.65 17.69
N THR C 260 18.02 -16.82 17.40
CA THR C 260 17.43 -16.75 16.07
C THR C 260 18.48 -16.31 15.06
N GLU C 261 19.25 -15.28 15.40
CA GLU C 261 20.29 -14.78 14.51
C GLU C 261 21.47 -15.75 14.44
N VAL C 262 21.75 -16.43 15.55
CA VAL C 262 22.79 -17.45 15.58
C VAL C 262 22.49 -18.51 14.53
N SER C 263 21.21 -18.83 14.38
CA SER C 263 20.79 -19.82 13.39
C SER C 263 21.12 -19.35 11.97
N ASN C 264 21.23 -18.04 11.79
CA ASN C 264 21.52 -17.46 10.47
C ASN C 264 23.01 -17.22 10.21
N LEU C 265 23.86 -17.59 11.15
CA LEU C 265 25.30 -17.40 10.99
C LEU C 265 25.86 -18.19 9.81
N LYS C 266 26.91 -17.65 9.19
CA LYS C 266 27.64 -18.37 8.15
C LYS C 266 28.49 -19.45 8.80
N ILE C 267 28.20 -20.71 8.49
CA ILE C 267 28.81 -21.84 9.17
C ILE C 267 29.22 -22.94 8.18
N PRO C 268 30.42 -23.55 8.37
CA PRO C 268 30.81 -24.66 7.51
C PRO C 268 29.93 -25.89 7.71
N GLN C 269 29.54 -26.54 6.61
CA GLN C 269 28.56 -27.61 6.65
C GLN C 269 29.20 -29.00 6.64
N ASP C 270 30.51 -29.06 6.89
CA ASP C 270 31.24 -30.32 6.86
C ASP C 270 31.75 -30.73 8.24
N ASN C 271 31.77 -29.77 9.17
CA ASN C 271 32.25 -30.02 10.53
C ASN C 271 31.20 -30.73 11.36
N ASP C 272 31.52 -31.97 11.77
CA ASP C 272 30.58 -32.77 12.54
C ASP C 272 30.41 -32.28 13.97
N LEU C 273 31.43 -31.62 14.49
CA LEU C 273 31.38 -31.08 15.85
C LEU C 273 30.46 -29.87 15.90
N ILE C 274 30.54 -29.02 14.90
CA ILE C 274 29.70 -27.83 14.81
C ILE C 274 28.23 -28.23 14.67
N LYS C 275 27.99 -29.34 13.99
CA LYS C 275 26.64 -29.85 13.84
C LYS C 275 26.04 -30.22 15.18
N ARG C 276 26.87 -30.80 16.05
CA ARG C 276 26.42 -31.19 17.39
C ARG C 276 26.15 -29.95 18.25
N GLN C 277 26.97 -28.92 18.08
CA GLN C 277 26.78 -27.68 18.80
C GLN C 277 25.47 -27.00 18.37
N THR C 278 25.16 -27.11 17.08
CA THR C 278 23.94 -26.52 16.55
C THR C 278 22.71 -27.27 17.07
N VAL C 279 22.81 -28.59 17.13
CA VAL C 279 21.76 -29.42 17.72
C VAL C 279 21.63 -29.10 19.20
N LEU C 280 22.77 -28.99 19.88
CA LEU C 280 22.79 -28.88 21.33
C LEU C 280 22.06 -27.63 21.83
N PHE C 281 22.29 -26.48 21.22
CA PHE C 281 21.69 -25.25 21.74
C PHE C 281 20.20 -25.21 21.44
N PHE C 282 19.79 -25.93 20.39
CA PHE C 282 18.37 -26.08 20.08
C PHE C 282 17.72 -26.96 21.15
N GLN C 283 18.37 -28.07 21.45
CA GLN C 283 17.91 -29.00 22.47
C GLN C 283 17.78 -28.31 23.84
N ASN C 284 18.79 -27.54 24.22
CA ASN C 284 18.75 -26.81 25.47
C ASN C 284 17.62 -25.78 25.50
N THR C 285 17.45 -25.06 24.40
CA THR C 285 16.44 -24.01 24.32
C THR C 285 15.04 -24.59 24.48
N LEU C 286 14.74 -25.64 23.73
CA LEU C 286 13.44 -26.29 23.80
C LEU C 286 13.22 -26.90 25.20
N GLN C 287 14.30 -27.35 25.82
CA GLN C 287 14.24 -27.89 27.17
C GLN C 287 13.76 -26.82 28.15
N GLN C 288 14.39 -25.66 28.11
CA GLN C 288 14.05 -24.57 29.03
C GLN C 288 12.62 -24.07 28.82
N ILE C 289 12.17 -24.05 27.57
CA ILE C 289 10.81 -23.60 27.27
C ILE C 289 9.80 -24.56 27.89
N ALA C 290 10.05 -25.85 27.75
CA ALA C 290 9.14 -26.87 28.24
C ALA C 290 9.06 -26.86 29.77
N THR C 291 10.16 -26.52 30.43
CA THR C 291 10.22 -26.58 31.89
C THR C 291 9.98 -25.23 32.57
N SER C 292 10.32 -24.14 31.90
CA SER C 292 10.26 -22.81 32.53
C SER C 292 9.14 -21.91 31.99
N VAL C 293 8.61 -22.23 30.81
CA VAL C 293 7.62 -21.36 30.17
C VAL C 293 6.26 -22.06 30.02
N MET C 294 6.17 -23.05 29.13
CA MET C 294 4.95 -23.86 29.04
C MET C 294 5.24 -25.18 28.32
N PRO C 295 4.48 -26.23 28.67
CA PRO C 295 4.66 -27.54 28.02
C PRO C 295 4.13 -27.55 26.59
N VAL C 296 4.46 -28.59 25.83
N VAL C 296 4.45 -28.61 25.86
CA VAL C 296 4.04 -28.69 24.44
CA VAL C 296 4.06 -28.77 24.47
C VAL C 296 2.52 -28.76 24.29
C VAL C 296 2.55 -28.76 24.30
N THR C 297 1.85 -29.26 25.32
CA THR C 297 0.40 -29.41 25.27
C THR C 297 -0.36 -28.11 25.51
N ALA C 298 0.35 -27.06 25.90
CA ALA C 298 -0.28 -25.81 26.29
C ALA C 298 -1.09 -25.18 25.16
N ASP C 299 -2.17 -24.51 25.53
CA ASP C 299 -3.05 -23.84 24.58
C ASP C 299 -2.52 -22.44 24.29
N LEU C 300 -1.68 -22.32 23.27
CA LEU C 300 -1.04 -21.04 22.96
C LEU C 300 -2.04 -20.05 22.37
N LYS C 301 -3.07 -20.56 21.72
CA LYS C 301 -4.15 -19.73 21.21
C LYS C 301 -4.78 -18.93 22.34
N ALA C 302 -5.14 -19.63 23.42
CA ALA C 302 -5.74 -19.00 24.59
C ALA C 302 -4.76 -18.03 25.26
N THR C 303 -3.51 -18.47 25.41
CA THR C 303 -2.48 -17.65 26.02
C THR C 303 -2.29 -16.35 25.25
N TYR C 304 -2.16 -16.46 23.93
CA TYR C 304 -1.97 -15.28 23.08
C TYR C 304 -3.15 -14.33 23.19
N ALA C 305 -4.36 -14.90 23.25
CA ALA C 305 -5.58 -14.11 23.33
C ALA C 305 -5.64 -13.30 24.63
N ASN C 306 -5.27 -13.94 25.74
CA ASN C 306 -5.27 -13.27 27.04
C ASN C 306 -4.32 -12.08 27.08
N ALA C 307 -3.25 -12.17 26.31
CA ALA C 307 -2.32 -11.05 26.13
C ALA C 307 -1.70 -10.55 27.44
N ASN C 308 -1.51 -11.47 28.39
CA ASN C 308 -0.84 -11.10 29.64
C ASN C 308 0.63 -10.76 29.42
N GLY C 309 1.07 -9.66 30.01
CA GLY C 309 2.46 -9.24 29.96
C GLY C 309 3.03 -9.21 28.55
N ASN C 310 4.15 -9.91 28.35
CA ASN C 310 4.83 -9.95 27.07
C ASN C 310 4.65 -11.29 26.36
N ASP C 311 3.57 -12.00 26.70
CA ASP C 311 3.33 -13.32 26.12
C ASP C 311 3.22 -13.28 24.60
N GLN C 312 2.53 -12.28 24.06
CA GLN C 312 2.35 -12.19 22.61
C GLN C 312 3.67 -12.00 21.90
N SER C 313 4.53 -11.12 22.42
N SER C 313 4.52 -11.13 22.44
CA SER C 313 5.84 -10.89 21.85
CA SER C 313 5.84 -10.89 21.85
C SER C 313 6.72 -12.14 21.95
C SER C 313 6.72 -12.13 21.95
N PHE C 314 6.58 -12.86 23.06
CA PHE C 314 7.38 -14.06 23.27
C PHE C 314 6.99 -15.16 22.29
N LEU C 315 5.68 -15.34 22.11
CA LEU C 315 5.18 -16.38 21.21
C LEU C 315 5.49 -16.03 19.77
N GLN C 316 5.49 -14.73 19.46
CA GLN C 316 5.94 -14.26 18.15
C GLN C 316 7.40 -14.63 17.95
N ASP C 317 8.23 -14.31 18.95
CA ASP C 317 9.66 -14.58 18.89
C ASP C 317 9.95 -16.08 18.85
N LEU C 318 9.16 -16.88 19.57
CA LEU C 318 9.33 -18.32 19.56
C LEU C 318 9.05 -18.87 18.16
N ALA C 319 8.00 -18.36 17.52
CA ALA C 319 7.66 -18.78 16.16
C ALA C 319 8.81 -18.46 15.21
N MET C 320 9.36 -17.26 15.32
CA MET C 320 10.47 -16.85 14.47
C MET C 320 11.69 -17.74 14.70
N PHE C 321 11.98 -18.05 15.96
CA PHE C 321 13.11 -18.89 16.30
C PHE C 321 12.96 -20.32 15.75
N LEU C 322 11.81 -20.94 16.02
CA LEU C 322 11.57 -22.31 15.56
C LEU C 322 11.59 -22.41 14.04
N THR C 323 10.90 -21.50 13.36
CA THR C 323 10.85 -21.55 11.89
C THR C 323 12.22 -21.29 11.28
N THR C 324 12.95 -20.32 11.82
CA THR C 324 14.28 -20.00 11.32
C THR C 324 15.23 -21.19 11.46
N TYR C 325 15.30 -21.75 12.66
CA TYR C 325 16.20 -22.86 12.93
C TYR C 325 15.85 -24.09 12.11
N LEU C 326 14.56 -24.44 12.11
CA LEU C 326 14.11 -25.66 11.47
C LEU C 326 14.18 -25.59 9.95
N ALA C 327 13.96 -24.41 9.39
CA ALA C 327 14.05 -24.24 7.94
C ALA C 327 15.47 -24.54 7.47
N ARG C 328 16.44 -24.29 8.34
CA ARG C 328 17.84 -24.46 7.99
C ARG C 328 18.46 -25.78 8.49
N ASN C 329 18.03 -26.24 9.67
CA ASN C 329 18.75 -27.32 10.36
C ASN C 329 17.96 -28.58 10.69
N ARG C 330 16.71 -28.68 10.26
CA ARG C 330 15.89 -29.81 10.70
C ARG C 330 16.44 -31.15 10.21
N ALA C 331 17.23 -31.11 9.14
CA ALA C 331 17.89 -32.32 8.63
C ALA C 331 18.83 -32.91 9.69
N LEU C 332 19.38 -32.07 10.54
CA LEU C 332 20.26 -32.52 11.62
C LEU C 332 19.53 -33.37 12.65
N LEU C 333 18.21 -33.31 12.65
CA LEU C 333 17.40 -33.97 13.67
C LEU C 333 16.64 -35.18 13.12
N GLU C 334 16.70 -35.38 11.81
CA GLU C 334 15.86 -36.37 11.14
C GLU C 334 16.46 -37.77 11.06
N SER C 335 17.77 -37.88 11.26
CA SER C 335 18.45 -39.17 11.14
C SER C 335 18.63 -39.86 12.49
N ASP C 336 19.24 -39.13 13.43
CA ASP C 336 19.48 -39.66 14.77
C ASP C 336 18.15 -39.95 15.48
N GLU C 337 17.95 -41.20 15.86
CA GLU C 337 16.71 -41.60 16.51
C GLU C 337 16.56 -40.97 17.89
N SER C 338 17.67 -40.62 18.51
CA SER C 338 17.65 -39.98 19.82
C SER C 338 17.23 -38.51 19.73
N LEU C 339 17.15 -37.99 18.51
CA LEU C 339 16.76 -36.60 18.29
C LEU C 339 15.35 -36.46 17.72
N ARG C 340 14.65 -37.58 17.59
CA ARG C 340 13.32 -37.58 16.98
C ARG C 340 12.31 -36.86 17.88
N GLU C 341 12.39 -37.12 19.18
CA GLU C 341 11.50 -36.48 20.14
C GLU C 341 11.65 -34.96 20.08
N LEU C 342 12.88 -34.49 20.01
CA LEU C 342 13.18 -33.07 19.88
C LEU C 342 12.56 -32.47 18.63
N LEU C 343 12.78 -33.14 17.50
CA LEU C 343 12.27 -32.69 16.21
C LEU C 343 10.77 -32.52 16.22
N LEU C 344 10.06 -33.49 16.79
CA LEU C 344 8.60 -33.49 16.77
C LEU C 344 8.01 -32.55 17.82
N ASN C 345 8.69 -32.41 18.95
CA ASN C 345 8.28 -31.44 19.96
C ASN C 345 8.37 -30.02 19.42
N ALA C 346 9.46 -29.73 18.70
CA ALA C 346 9.65 -28.42 18.09
C ALA C 346 8.52 -28.13 17.12
N HIS C 347 8.13 -29.13 16.35
CA HIS C 347 7.07 -28.97 15.36
C HIS C 347 5.70 -28.95 16.03
N GLN C 348 5.56 -29.65 17.15
CA GLN C 348 4.31 -29.64 17.89
C GLN C 348 4.06 -28.24 18.47
N TYR C 349 5.14 -27.58 18.90
CA TYR C 349 5.03 -26.19 19.33
C TYR C 349 4.54 -25.32 18.18
N LEU C 350 5.03 -25.60 16.97
CA LEU C 350 4.63 -24.83 15.81
C LEU C 350 3.17 -25.07 15.45
N ILE C 351 2.70 -26.31 15.61
CA ILE C 351 1.28 -26.61 15.43
C ILE C 351 0.45 -25.74 16.37
N GLN C 352 0.83 -25.71 17.64
CA GLN C 352 0.10 -24.94 18.64
C GLN C 352 0.13 -23.44 18.32
N LEU C 353 1.30 -22.96 17.88
CA LEU C 353 1.43 -21.57 17.47
C LEU C 353 0.54 -21.25 16.26
N SER C 354 0.34 -22.24 15.38
CA SER C 354 -0.42 -22.03 14.16
C SER C 354 -1.92 -21.89 14.42
N LYS C 355 -2.33 -22.15 15.66
CA LYS C 355 -3.74 -22.06 16.03
C LYS C 355 -4.10 -20.67 16.57
N ILE C 356 -3.08 -19.90 16.91
CA ILE C 356 -3.25 -18.53 17.38
C ILE C 356 -4.01 -17.69 16.35
N GLU C 357 -4.97 -16.89 16.84
CA GLU C 357 -5.69 -15.97 15.98
C GLU C 357 -4.92 -14.67 15.85
N GLU C 358 -4.06 -14.62 14.84
CA GLU C 358 -3.22 -13.46 14.57
C GLU C 358 -2.73 -13.61 13.13
N ARG C 359 -3.28 -12.79 12.25
N ARG C 359 -3.29 -12.80 12.25
CA ARG C 359 -3.04 -12.89 10.82
CA ARG C 359 -3.04 -12.90 10.81
C ARG C 359 -1.56 -12.96 10.44
C ARG C 359 -1.55 -12.98 10.44
N GLU C 360 -0.79 -11.98 10.88
CA GLU C 360 0.60 -11.87 10.50
C GLU C 360 1.46 -12.98 11.09
N LEU C 361 1.10 -13.46 12.27
CA LEU C 361 1.81 -14.59 12.88
C LEU C 361 1.52 -15.87 12.09
N PHE C 362 0.26 -16.05 11.71
CA PHE C 362 -0.14 -17.23 10.94
C PHE C 362 0.62 -17.30 9.61
N LYS C 363 0.79 -16.14 8.98
CA LYS C 363 1.53 -16.07 7.72
C LYS C 363 2.98 -16.49 7.90
N THR C 364 3.53 -16.21 9.09
CA THR C 364 4.92 -16.57 9.38
C THR C 364 5.06 -18.08 9.49
N THR C 365 4.15 -18.72 10.22
CA THR C 365 4.18 -20.16 10.39
C THR C 365 3.81 -20.88 9.10
N LEU C 366 2.88 -20.30 8.35
CA LEU C 366 2.44 -20.90 7.10
C LEU C 366 3.57 -20.96 6.09
N ASP C 367 4.42 -19.94 6.08
CA ASP C 367 5.58 -19.94 5.20
C ASP C 367 6.51 -21.09 5.57
N TYR C 368 6.64 -21.37 6.86
CA TYR C 368 7.46 -22.50 7.26
C TYR C 368 6.81 -23.82 6.84
N TRP C 369 5.51 -23.95 7.09
CA TRP C 369 4.81 -25.18 6.74
C TRP C 369 4.98 -25.47 5.26
N HIS C 370 4.97 -24.41 4.44
CA HIS C 370 5.18 -24.56 3.00
C HIS C 370 6.58 -25.12 2.72
N ASN C 371 7.57 -24.58 3.43
CA ASN C 371 8.95 -25.05 3.30
C ASN C 371 9.05 -26.54 3.65
N LEU C 372 8.27 -26.97 4.63
CA LEU C 372 8.31 -28.35 5.09
C LEU C 372 7.63 -29.30 4.11
N VAL C 373 6.35 -29.08 3.85
CA VAL C 373 5.56 -30.02 3.06
C VAL C 373 6.07 -30.10 1.61
N ALA C 374 6.64 -29.01 1.12
CA ALA C 374 7.27 -29.02 -0.20
C ALA C 374 8.46 -29.97 -0.17
N ASP C 375 9.22 -29.94 0.93
CA ASP C 375 10.38 -30.80 1.09
C ASP C 375 9.95 -32.27 1.21
N LEU C 376 8.87 -32.52 1.93
CA LEU C 376 8.35 -33.87 2.11
C LEU C 376 7.79 -34.42 0.80
N PHE C 377 7.37 -33.51 -0.08
CA PHE C 377 6.79 -33.89 -1.36
C PHE C 377 7.86 -34.41 -2.32
N TYR C 378 9.08 -33.88 -2.19
CA TYR C 378 10.17 -34.21 -3.10
C TYR C 378 11.25 -35.09 -2.47
N GLU C 379 11.53 -34.89 -1.19
CA GLU C 379 12.66 -35.54 -0.54
C GLU C 379 12.33 -36.99 -0.13
N PRO C 380 13.14 -37.97 -0.57
CA PRO C 380 12.84 -39.37 -0.24
C PRO C 380 12.94 -39.69 1.25
N LEU C 381 12.04 -40.55 1.72
CA LEU C 381 12.13 -41.13 3.05
C LEU C 381 11.99 -40.11 4.18
N LYS C 382 11.19 -39.07 3.97
CA LYS C 382 11.03 -38.01 4.95
C LYS C 382 9.61 -37.90 5.51
N LYS C 383 8.61 -38.07 4.64
CA LYS C 383 7.23 -37.75 5.00
C LYS C 383 6.68 -38.61 6.13
N HIS C 384 7.19 -39.83 6.27
CA HIS C 384 6.69 -40.74 7.31
C HIS C 384 7.04 -40.22 8.70
N ILE C 385 8.13 -39.46 8.79
CA ILE C 385 8.56 -38.87 10.05
C ILE C 385 7.53 -37.88 10.60
N TYR C 386 6.92 -37.13 9.69
CA TYR C 386 6.05 -36.01 10.05
C TYR C 386 4.57 -36.33 9.91
N GLU C 387 4.25 -37.63 9.84
CA GLU C 387 2.88 -38.05 9.53
C GLU C 387 1.85 -37.49 10.50
N GLU C 388 2.19 -37.46 11.79
CA GLU C 388 1.26 -36.96 12.80
C GLU C 388 1.21 -35.44 12.79
N ILE C 389 2.33 -34.80 12.50
CA ILE C 389 2.37 -33.34 12.36
C ILE C 389 1.49 -32.89 11.19
N CYS C 390 1.65 -33.56 10.06
CA CYS C 390 0.93 -33.20 8.85
C CYS C 390 -0.57 -33.38 9.03
N SER C 391 -0.96 -34.41 9.76
CA SER C 391 -2.38 -34.69 9.99
C SER C 391 -3.04 -33.57 10.78
N GLN C 392 -2.35 -33.10 11.82
CA GLN C 392 -2.84 -31.96 12.60
C GLN C 392 -2.89 -30.71 11.74
N LEU C 393 -1.88 -30.56 10.89
CA LEU C 393 -1.76 -29.35 10.05
C LEU C 393 -2.93 -29.23 9.09
N ARG C 394 -3.38 -30.37 8.57
CA ARG C 394 -4.52 -30.39 7.65
C ARG C 394 -5.74 -29.75 8.29
N LEU C 395 -6.02 -30.13 9.53
CA LEU C 395 -7.15 -29.57 10.26
C LEU C 395 -6.96 -28.08 10.53
N VAL C 396 -5.74 -27.70 10.92
CA VAL C 396 -5.43 -26.30 11.22
C VAL C 396 -5.66 -25.40 10.02
N ILE C 397 -5.26 -25.86 8.84
CA ILE C 397 -5.36 -25.05 7.63
C ILE C 397 -6.80 -25.01 7.11
N ILE C 398 -7.45 -26.17 7.12
CA ILE C 398 -8.84 -26.25 6.71
C ILE C 398 -9.71 -25.33 7.57
N GLU C 399 -9.47 -25.33 8.87
CA GLU C 399 -10.27 -24.56 9.81
C GLU C 399 -9.99 -23.05 9.75
N ASN C 400 -8.87 -22.67 9.15
CA ASN C 400 -8.52 -21.24 9.04
C ASN C 400 -8.44 -20.78 7.59
N MET C 401 -9.08 -21.52 6.68
CA MET C 401 -9.12 -21.14 5.28
C MET C 401 -9.80 -19.78 5.12
N VAL C 402 -9.20 -18.89 4.33
CA VAL C 402 -9.75 -17.56 4.11
C VAL C 402 -10.45 -17.48 2.76
N ARG C 403 -11.25 -16.43 2.60
CA ARG C 403 -12.01 -16.20 1.38
C ARG C 403 -11.10 -16.01 0.17
N PRO C 404 -11.30 -16.82 -0.89
CA PRO C 404 -10.67 -16.50 -2.17
C PRO C 404 -11.48 -15.45 -2.92
N GLU C 405 -10.81 -14.49 -3.56
CA GLU C 405 -11.49 -13.39 -4.23
C GLU C 405 -10.88 -13.13 -5.62
N ILE C 428 -6.32 -12.29 -1.02
CA ILE C 428 -6.16 -13.37 -1.99
C ILE C 428 -4.81 -14.07 -1.80
N GLN C 429 -3.81 -13.30 -1.37
CA GLN C 429 -2.46 -13.82 -1.23
C GLN C 429 -2.41 -14.95 -0.20
N LEU C 430 -3.06 -14.73 0.94
CA LEU C 430 -3.06 -15.72 2.00
C LEU C 430 -3.78 -16.99 1.56
N TYR C 431 -4.85 -16.84 0.80
CA TYR C 431 -5.58 -18.01 0.30
C TYR C 431 -4.70 -18.88 -0.58
N LYS C 432 -3.98 -18.25 -1.51
CA LYS C 432 -3.12 -18.98 -2.42
C LYS C 432 -2.02 -19.72 -1.66
N SER C 433 -1.48 -19.08 -0.63
CA SER C 433 -0.47 -19.71 0.21
C SER C 433 -1.06 -20.92 0.95
N GLU C 434 -2.26 -20.76 1.47
CA GLU C 434 -2.95 -21.84 2.15
C GLU C 434 -3.26 -22.98 1.19
N ARG C 435 -3.67 -22.62 -0.02
CA ARG C 435 -4.00 -23.62 -1.04
C ARG C 435 -2.79 -24.49 -1.36
N GLU C 436 -1.64 -23.85 -1.56
CA GLU C 436 -0.42 -24.57 -1.91
C GLU C 436 -0.03 -25.59 -0.85
N VAL C 437 -0.08 -25.19 0.42
CA VAL C 437 0.27 -26.10 1.51
C VAL C 437 -0.73 -27.24 1.57
N LEU C 438 -2.02 -26.93 1.41
CA LEU C 438 -3.06 -27.94 1.54
C LEU C 438 -3.04 -28.92 0.38
N VAL C 439 -2.63 -28.45 -0.80
CA VAL C 439 -2.51 -29.33 -1.96
C VAL C 439 -1.37 -30.32 -1.75
N TYR C 440 -0.24 -29.82 -1.27
CA TYR C 440 0.88 -30.68 -0.88
C TYR C 440 0.41 -31.72 0.15
N LEU C 441 -0.28 -31.25 1.19
CA LEU C 441 -0.73 -32.12 2.27
C LEU C 441 -1.72 -33.18 1.76
N THR C 442 -2.44 -32.86 0.70
CA THR C 442 -3.39 -33.81 0.13
C THR C 442 -2.65 -34.88 -0.67
N HIS C 443 -1.61 -34.47 -1.41
CA HIS C 443 -0.77 -35.42 -2.12
C HIS C 443 -0.11 -36.39 -1.15
N LEU C 444 0.34 -35.86 -0.01
CA LEU C 444 1.06 -36.65 0.98
C LEU C 444 0.16 -37.69 1.63
N ASN C 445 -1.13 -37.40 1.70
CA ASN C 445 -2.09 -38.39 2.21
C ASN C 445 -3.53 -38.02 1.84
N VAL C 446 -3.95 -38.45 0.66
CA VAL C 446 -5.29 -38.17 0.16
C VAL C 446 -6.37 -38.69 1.09
N ILE C 447 -6.15 -39.88 1.64
CA ILE C 447 -7.15 -40.55 2.47
C ILE C 447 -7.46 -39.74 3.73
N ASP C 448 -6.42 -39.27 4.42
CA ASP C 448 -6.60 -38.50 5.64
C ASP C 448 -7.27 -37.16 5.37
N THR C 449 -6.94 -36.55 4.24
CA THR C 449 -7.52 -35.26 3.87
C THR C 449 -9.02 -35.40 3.64
N GLU C 450 -9.41 -36.41 2.86
CA GLU C 450 -10.80 -36.67 2.59
C GLU C 450 -11.57 -36.91 3.89
N GLU C 451 -10.98 -37.73 4.77
CA GLU C 451 -11.62 -38.09 6.03
C GLU C 451 -11.90 -36.85 6.88
N ILE C 452 -10.92 -35.96 6.97
CA ILE C 452 -11.07 -34.75 7.78
C ILE C 452 -12.17 -33.85 7.24
N MET C 453 -12.25 -33.73 5.92
CA MET C 453 -13.22 -32.83 5.29
C MET C 453 -14.64 -33.38 5.40
N ILE C 454 -14.81 -34.68 5.20
CA ILE C 454 -16.12 -35.31 5.36
C ILE C 454 -16.56 -35.22 6.83
N SER C 455 -15.64 -35.53 7.74
CA SER C 455 -15.92 -35.40 9.17
C SER C 455 -16.36 -33.99 9.52
N LYS C 456 -15.63 -33.01 9.00
CA LYS C 456 -15.95 -31.61 9.22
C LYS C 456 -17.34 -31.28 8.70
N LEU C 457 -17.70 -31.91 7.59
CA LEU C 457 -18.99 -31.68 6.97
C LEU C 457 -20.12 -32.29 7.80
N ALA C 458 -19.83 -33.42 8.44
CA ALA C 458 -20.80 -34.09 9.29
C ALA C 458 -21.16 -33.21 10.48
N ARG C 459 -20.18 -32.47 10.99
CA ARG C 459 -20.39 -31.60 12.14
C ARG C 459 -21.06 -30.29 11.75
N GLN C 460 -21.22 -30.06 10.45
CA GLN C 460 -22.02 -28.94 9.96
C GLN C 460 -23.49 -29.34 9.93
N ILE C 461 -23.73 -30.64 9.74
CA ILE C 461 -25.07 -31.17 9.61
C ILE C 461 -25.73 -31.40 10.98
N ASP C 462 -24.96 -31.93 11.93
CA ASP C 462 -25.49 -32.16 13.28
C ASP C 462 -25.57 -30.86 14.08
N GLY C 463 -25.06 -29.78 13.49
CA GLY C 463 -25.18 -28.45 14.08
C GLY C 463 -24.18 -28.14 15.18
N SER C 464 -23.26 -29.07 15.43
CA SER C 464 -22.28 -28.87 16.49
C SER C 464 -21.24 -27.82 16.14
N GLU C 465 -20.98 -27.65 14.84
CA GLU C 465 -20.04 -26.64 14.36
C GLU C 465 -20.67 -25.82 13.23
N TRP C 466 -21.99 -25.73 13.23
CA TRP C 466 -22.70 -25.02 12.17
C TRP C 466 -22.66 -23.51 12.35
N SER C 467 -22.27 -22.81 11.28
CA SER C 467 -22.37 -21.37 11.21
C SER C 467 -22.17 -20.95 9.76
N TRP C 468 -22.57 -19.73 9.42
CA TRP C 468 -22.39 -19.21 8.07
C TRP C 468 -20.91 -19.16 7.72
N HIS C 469 -20.10 -18.69 8.66
CA HIS C 469 -18.67 -18.58 8.44
C HIS C 469 -18.01 -19.96 8.33
N ASN C 470 -18.46 -20.90 9.16
CA ASN C 470 -17.83 -22.22 9.20
C ASN C 470 -18.13 -23.07 7.97
N ILE C 471 -19.32 -22.94 7.40
CA ILE C 471 -19.65 -23.70 6.19
C ILE C 471 -18.95 -23.09 4.98
N ASN C 472 -18.78 -21.77 5.00
CA ASN C 472 -18.06 -21.09 3.92
C ASN C 472 -16.59 -21.47 3.93
N THR C 473 -15.99 -21.47 5.11
CA THR C 473 -14.60 -21.84 5.29
C THR C 473 -14.34 -23.25 4.77
N LEU C 474 -15.21 -24.17 5.15
CA LEU C 474 -15.06 -25.57 4.73
C LEU C 474 -15.19 -25.70 3.22
N SER C 475 -16.12 -24.94 2.66
CA SER C 475 -16.35 -24.98 1.21
C SER C 475 -15.12 -24.50 0.44
N TRP C 476 -14.52 -23.42 0.92
CA TRP C 476 -13.31 -22.88 0.31
C TRP C 476 -12.18 -23.90 0.38
N ALA C 477 -12.06 -24.57 1.52
CA ALA C 477 -11.02 -25.58 1.72
C ALA C 477 -11.24 -26.76 0.79
N ILE C 478 -12.48 -27.25 0.73
CA ILE C 478 -12.83 -28.36 -0.14
C ILE C 478 -12.57 -27.99 -1.60
N GLY C 479 -12.79 -26.72 -1.93
CA GLY C 479 -12.62 -26.25 -3.29
C GLY C 479 -11.16 -26.05 -3.67
N SER C 480 -10.30 -25.86 -2.67
CA SER C 480 -8.92 -25.49 -2.92
C SER C 480 -8.05 -26.65 -3.41
N ILE C 481 -8.47 -27.87 -3.12
CA ILE C 481 -7.66 -29.06 -3.43
C ILE C 481 -8.12 -29.77 -4.70
N SER C 482 -8.90 -29.10 -5.54
CA SER C 482 -9.36 -29.72 -6.78
C SER C 482 -8.18 -30.02 -7.69
N GLY C 483 -8.20 -31.18 -8.33
CA GLY C 483 -7.17 -31.56 -9.27
C GLY C 483 -5.93 -32.18 -8.63
N THR C 484 -6.07 -32.62 -7.38
N THR C 484 -6.09 -32.63 -7.39
CA THR C 484 -4.95 -33.28 -6.69
CA THR C 484 -4.99 -33.25 -6.64
C THR C 484 -5.24 -34.76 -6.51
C THR C 484 -5.24 -34.74 -6.46
N MET C 485 -6.52 -35.10 -6.34
CA MET C 485 -6.93 -36.50 -6.23
C MET C 485 -6.96 -37.14 -7.60
N SER C 486 -7.08 -38.46 -7.64
CA SER C 486 -7.34 -39.16 -8.88
C SER C 486 -8.75 -38.82 -9.34
N GLU C 487 -9.01 -38.96 -10.64
CA GLU C 487 -10.31 -38.59 -11.18
C GLU C 487 -11.42 -39.45 -10.56
N ASP C 488 -11.16 -40.74 -10.42
N ASP C 488 -11.15 -40.75 -10.43
CA ASP C 488 -12.14 -41.65 -9.83
CA ASP C 488 -12.11 -41.67 -9.83
C ASP C 488 -12.39 -41.32 -8.36
C ASP C 488 -12.39 -41.30 -8.37
N THR C 489 -11.33 -41.06 -7.62
CA THR C 489 -11.45 -40.69 -6.21
C THR C 489 -12.13 -39.34 -6.08
N GLU C 490 -11.73 -38.41 -6.95
CA GLU C 490 -12.32 -37.07 -6.96
C GLU C 490 -13.82 -37.16 -7.20
N LYS C 491 -14.22 -37.96 -8.19
CA LYS C 491 -15.62 -38.14 -8.51
C LYS C 491 -16.41 -38.62 -7.29
N ARG C 492 -15.90 -39.67 -6.64
CA ARG C 492 -16.54 -40.22 -5.45
C ARG C 492 -16.62 -39.14 -4.36
N PHE C 493 -15.52 -38.38 -4.22
CA PHE C 493 -15.44 -37.34 -3.21
C PHE C 493 -16.41 -36.20 -3.49
N VAL C 494 -16.39 -35.67 -4.70
CA VAL C 494 -17.27 -34.56 -5.07
C VAL C 494 -18.73 -34.93 -4.83
N VAL C 495 -19.15 -36.09 -5.33
CA VAL C 495 -20.53 -36.53 -5.18
C VAL C 495 -20.94 -36.58 -3.71
N THR C 496 -20.10 -37.17 -2.86
CA THR C 496 -20.39 -37.25 -1.44
C THR C 496 -20.57 -35.86 -0.84
N VAL C 497 -19.71 -34.93 -1.23
CA VAL C 497 -19.75 -33.57 -0.71
C VAL C 497 -21.03 -32.85 -1.14
N ILE C 498 -21.37 -32.93 -2.42
CA ILE C 498 -22.56 -32.25 -2.92
C ILE C 498 -23.82 -32.82 -2.27
N LYS C 499 -23.89 -34.14 -2.15
CA LYS C 499 -25.02 -34.79 -1.48
C LYS C 499 -25.18 -34.27 -0.06
N ASP C 500 -24.08 -34.27 0.69
CA ASP C 500 -24.08 -33.79 2.07
C ASP C 500 -24.50 -32.33 2.14
N LEU C 501 -24.04 -31.53 1.18
CA LEU C 501 -24.38 -30.12 1.14
C LEU C 501 -25.84 -29.93 0.73
N LEU C 502 -26.31 -30.74 -0.21
CA LEU C 502 -27.71 -30.71 -0.63
C LEU C 502 -28.63 -31.01 0.55
N GLY C 503 -28.29 -32.05 1.31
CA GLY C 503 -29.07 -32.42 2.48
C GLY C 503 -29.03 -31.35 3.55
N LEU C 504 -27.93 -30.60 3.59
CA LEU C 504 -27.78 -29.52 4.55
C LEU C 504 -28.70 -28.35 4.20
N CYS C 505 -28.93 -28.16 2.91
CA CYS C 505 -29.78 -27.07 2.44
C CYS C 505 -31.24 -27.33 2.79
N GLU C 506 -31.69 -28.56 2.55
CA GLU C 506 -33.07 -28.96 2.87
C GLU C 506 -33.32 -28.82 4.37
N GLN C 507 -32.31 -29.16 5.16
CA GLN C 507 -32.42 -29.12 6.62
C GLN C 507 -32.77 -27.73 7.14
N LYS C 508 -32.09 -26.72 6.62
CA LYS C 508 -32.26 -25.35 7.11
C LYS C 508 -33.58 -24.75 6.66
N ARG C 509 -33.97 -23.68 7.35
CA ARG C 509 -35.21 -22.95 7.03
C ARG C 509 -34.91 -21.46 6.93
N GLY C 510 -35.75 -20.73 6.20
CA GLY C 510 -35.52 -19.34 5.93
C GLY C 510 -34.53 -19.19 4.79
N LYS C 511 -34.77 -18.20 3.93
CA LYS C 511 -33.94 -18.02 2.73
C LYS C 511 -32.49 -17.73 3.08
N ASP C 512 -32.27 -17.00 4.16
CA ASP C 512 -30.93 -16.61 4.58
C ASP C 512 -30.01 -17.82 4.75
N ASN C 513 -30.43 -18.78 5.57
CA ASN C 513 -29.65 -20.00 5.78
C ASN C 513 -29.54 -20.83 4.50
N LYS C 514 -30.64 -20.93 3.78
CA LYS C 514 -30.67 -21.71 2.53
C LYS C 514 -29.80 -21.08 1.46
N ALA C 515 -29.67 -19.76 1.49
CA ALA C 515 -28.89 -19.04 0.48
C ALA C 515 -27.40 -19.29 0.65
N VAL C 516 -26.94 -19.32 1.89
CA VAL C 516 -25.53 -19.56 2.18
C VAL C 516 -25.11 -20.93 1.68
N VAL C 517 -25.90 -21.95 1.99
CA VAL C 517 -25.57 -23.32 1.61
C VAL C 517 -25.62 -23.48 0.10
N ALA C 518 -26.66 -22.96 -0.53
CA ALA C 518 -26.83 -23.06 -1.97
C ALA C 518 -25.65 -22.43 -2.71
N SER C 519 -25.17 -21.29 -2.20
CA SER C 519 -24.04 -20.60 -2.79
C SER C 519 -22.76 -21.45 -2.68
N ASP C 520 -22.59 -22.11 -1.54
CA ASP C 520 -21.41 -22.95 -1.32
C ASP C 520 -21.43 -24.16 -2.24
N ILE C 521 -22.62 -24.71 -2.49
CA ILE C 521 -22.76 -25.82 -3.42
C ILE C 521 -22.27 -25.39 -4.80
N MET C 522 -22.68 -24.20 -5.22
CA MET C 522 -22.28 -23.68 -6.52
C MET C 522 -20.78 -23.34 -6.53
N TYR C 523 -20.25 -22.94 -5.39
CA TYR C 523 -18.83 -22.63 -5.34
C TYR C 523 -17.98 -23.88 -5.56
N VAL C 524 -18.35 -24.96 -4.89
CA VAL C 524 -17.58 -26.20 -4.97
C VAL C 524 -17.58 -26.76 -6.39
N VAL C 525 -18.75 -26.83 -7.01
CA VAL C 525 -18.85 -27.38 -8.36
C VAL C 525 -18.06 -26.54 -9.35
N GLY C 526 -18.06 -25.23 -9.14
CA GLY C 526 -17.29 -24.33 -9.99
C GLY C 526 -15.80 -24.53 -9.83
N GLN C 527 -15.40 -25.17 -8.74
CA GLN C 527 -13.99 -25.43 -8.47
C GLN C 527 -13.53 -26.80 -8.98
N TYR C 528 -14.46 -27.62 -9.44
CA TYR C 528 -14.14 -28.95 -9.95
C TYR C 528 -14.59 -29.13 -11.40
N PRO C 529 -13.90 -28.43 -12.32
CA PRO C 529 -14.26 -28.46 -13.74
C PRO C 529 -14.01 -29.82 -14.39
N ARG C 530 -13.00 -30.54 -13.92
CA ARG C 530 -12.70 -31.87 -14.46
C ARG C 530 -13.90 -32.79 -14.25
N PHE C 531 -14.54 -32.66 -13.09
CA PHE C 531 -15.73 -33.44 -12.79
C PHE C 531 -16.89 -33.04 -13.70
N LEU C 532 -17.11 -31.74 -13.86
CA LEU C 532 -18.18 -31.24 -14.71
C LEU C 532 -17.99 -31.66 -16.16
N LYS C 533 -16.74 -31.61 -16.63
CA LYS C 533 -16.44 -31.98 -18.01
C LYS C 533 -16.80 -33.43 -18.29
N ALA C 534 -16.60 -34.29 -17.31
CA ALA C 534 -16.81 -35.73 -17.49
C ALA C 534 -18.28 -36.12 -17.44
N HIS C 535 -19.13 -35.22 -16.95
CA HIS C 535 -20.54 -35.51 -16.74
C HIS C 535 -21.42 -34.38 -17.27
N TRP C 536 -21.69 -34.43 -18.56
CA TRP C 536 -22.42 -33.37 -19.23
C TRP C 536 -23.80 -33.12 -18.62
N ASN C 537 -24.54 -34.19 -18.38
CA ASN C 537 -25.90 -34.08 -17.86
C ASN C 537 -25.94 -33.27 -16.57
N PHE C 538 -24.96 -33.51 -15.70
CA PHE C 538 -24.86 -32.76 -14.46
C PHE C 538 -24.47 -31.31 -14.73
N LEU C 539 -23.46 -31.12 -15.59
CA LEU C 539 -23.02 -29.77 -15.94
C LEU C 539 -24.19 -28.95 -16.48
N ARG C 540 -25.01 -29.56 -17.33
N ARG C 540 -25.00 -29.57 -17.33
CA ARG C 540 -26.17 -28.88 -17.88
CA ARG C 540 -26.17 -28.92 -17.88
C ARG C 540 -27.13 -28.49 -16.76
C ARG C 540 -27.12 -28.48 -16.77
N THR C 541 -27.36 -29.39 -15.82
CA THR C 541 -28.26 -29.12 -14.71
C THR C 541 -27.73 -27.99 -13.84
N VAL C 542 -26.42 -27.93 -13.67
CA VAL C 542 -25.80 -26.85 -12.90
C VAL C 542 -26.08 -25.50 -13.56
N ILE C 543 -25.76 -25.40 -14.84
CA ILE C 543 -25.94 -24.16 -15.59
C ILE C 543 -27.40 -23.73 -15.57
N LEU C 544 -28.30 -24.69 -15.79
CA LEU C 544 -29.73 -24.43 -15.78
C LEU C 544 -30.18 -23.89 -14.43
N LYS C 545 -29.56 -24.37 -13.36
CA LYS C 545 -29.91 -23.92 -12.02
C LYS C 545 -29.40 -22.51 -11.79
N LEU C 546 -28.20 -22.22 -12.28
CA LEU C 546 -27.65 -20.87 -12.19
C LEU C 546 -28.58 -19.89 -12.90
N PHE C 547 -29.14 -20.30 -14.02
CA PHE C 547 -30.07 -19.47 -14.77
C PHE C 547 -31.32 -19.18 -13.94
N GLU C 548 -31.77 -20.17 -13.17
CA GLU C 548 -32.90 -19.97 -12.27
C GLU C 548 -32.55 -18.98 -11.17
N PHE C 549 -31.32 -19.06 -10.65
CA PHE C 549 -30.87 -18.17 -9.58
C PHE C 549 -30.73 -16.73 -10.07
N MET C 550 -30.63 -16.54 -11.39
CA MET C 550 -30.52 -15.20 -11.94
C MET C 550 -31.83 -14.42 -11.81
N HIS C 551 -32.87 -15.11 -11.35
CA HIS C 551 -34.16 -14.48 -11.09
C HIS C 551 -34.37 -14.26 -9.60
N GLU C 552 -33.52 -14.85 -8.78
CA GLU C 552 -33.67 -14.77 -7.33
C GLU C 552 -33.37 -13.36 -6.82
N THR C 553 -34.37 -12.77 -6.16
CA THR C 553 -34.26 -11.40 -5.65
C THR C 553 -33.36 -11.31 -4.42
N HIS C 554 -33.14 -12.44 -3.74
CA HIS C 554 -32.34 -12.46 -2.53
C HIS C 554 -30.95 -11.89 -2.77
N GLU C 555 -30.52 -11.01 -1.89
CA GLU C 555 -29.27 -10.27 -2.06
C GLU C 555 -28.06 -11.19 -2.23
N GLY C 556 -27.30 -10.95 -3.30
CA GLY C 556 -26.05 -11.66 -3.53
C GLY C 556 -26.18 -12.86 -4.47
N VAL C 557 -27.38 -13.42 -4.56
CA VAL C 557 -27.60 -14.64 -5.33
C VAL C 557 -27.33 -14.41 -6.81
N GLN C 558 -27.84 -13.31 -7.35
CA GLN C 558 -27.68 -13.01 -8.77
C GLN C 558 -26.21 -12.79 -9.14
N ASP C 559 -25.49 -12.05 -8.32
CA ASP C 559 -24.06 -11.87 -8.51
C ASP C 559 -23.34 -13.22 -8.48
N MET C 560 -23.73 -14.04 -7.50
CA MET C 560 -23.13 -15.36 -7.34
C MET C 560 -23.39 -16.22 -8.58
N ALA C 561 -24.61 -16.16 -9.10
CA ALA C 561 -24.99 -16.95 -10.26
C ALA C 561 -24.17 -16.59 -11.50
N CYS C 562 -24.00 -15.29 -11.73
CA CYS C 562 -23.26 -14.83 -12.91
C CYS C 562 -21.76 -15.12 -12.80
N ASP C 563 -21.20 -14.91 -11.61
CA ASP C 563 -19.78 -15.18 -11.39
C ASP C 563 -19.45 -16.65 -11.56
N THR C 564 -20.35 -17.51 -11.10
CA THR C 564 -20.16 -18.96 -11.23
C THR C 564 -20.30 -19.38 -12.69
N PHE C 565 -21.25 -18.76 -13.37
CA PHE C 565 -21.52 -19.08 -14.77
C PHE C 565 -20.28 -18.86 -15.63
N ILE C 566 -19.71 -17.66 -15.56
CA ILE C 566 -18.55 -17.32 -16.38
C ILE C 566 -17.32 -18.12 -15.93
N LYS C 567 -17.25 -18.41 -14.64
CA LYS C 567 -16.14 -19.18 -14.08
C LYS C 567 -16.14 -20.61 -14.64
N ILE C 568 -17.32 -21.23 -14.68
CA ILE C 568 -17.46 -22.57 -15.24
C ILE C 568 -17.16 -22.57 -16.72
N VAL C 569 -17.64 -21.55 -17.43
CA VAL C 569 -17.47 -21.44 -18.88
C VAL C 569 -15.99 -21.33 -19.25
N GLN C 570 -15.25 -20.49 -18.54
CA GLN C 570 -13.83 -20.30 -18.79
C GLN C 570 -13.08 -21.64 -18.82
N LYS C 571 -13.54 -22.59 -18.01
CA LYS C 571 -12.85 -23.86 -17.84
C LYS C 571 -13.48 -25.01 -18.65
N CYS C 572 -14.75 -24.86 -19.04
CA CYS C 572 -15.48 -25.93 -19.71
C CYS C 572 -16.08 -25.49 -21.04
N LYS C 573 -15.59 -24.39 -21.59
CA LYS C 573 -16.16 -23.79 -22.80
C LYS C 573 -16.34 -24.78 -23.96
N TYR C 574 -15.40 -25.70 -24.11
CA TYR C 574 -15.45 -26.66 -25.22
C TYR C 574 -16.71 -27.53 -25.20
N HIS C 575 -17.24 -27.79 -24.01
CA HIS C 575 -18.41 -28.64 -23.88
C HIS C 575 -19.71 -27.90 -24.17
N PHE C 576 -19.61 -26.59 -24.41
CA PHE C 576 -20.75 -25.76 -24.75
C PHE C 576 -20.86 -25.54 -26.26
N VAL C 577 -19.74 -25.70 -26.97
CA VAL C 577 -19.66 -25.35 -28.39
C VAL C 577 -19.89 -26.57 -29.29
N ILE C 578 -19.62 -27.76 -28.75
CA ILE C 578 -19.83 -29.00 -29.49
C ILE C 578 -21.19 -29.61 -29.21
N GLN C 579 -21.62 -30.52 -30.07
CA GLN C 579 -22.86 -31.26 -29.87
C GLN C 579 -22.62 -32.45 -28.95
N GLN C 580 -23.30 -32.46 -27.81
CA GLN C 580 -23.20 -33.59 -26.90
C GLN C 580 -24.02 -34.75 -27.45
N PRO C 581 -23.61 -36.00 -27.15
CA PRO C 581 -24.23 -37.19 -27.74
C PRO C 581 -25.76 -37.22 -27.63
N ARG C 582 -26.28 -36.77 -26.49
CA ARG C 582 -27.71 -36.85 -26.22
C ARG C 582 -28.43 -35.53 -26.52
N GLU C 583 -27.79 -34.70 -27.35
CA GLU C 583 -28.32 -33.38 -27.68
C GLU C 583 -28.45 -33.20 -29.19
N SER C 584 -29.35 -32.30 -29.59
CA SER C 584 -29.57 -32.02 -31.00
C SER C 584 -28.63 -30.91 -31.49
N GLU C 585 -28.34 -29.96 -30.60
CA GLU C 585 -27.51 -28.81 -30.95
C GLU C 585 -26.53 -28.47 -29.82
N PRO C 586 -25.46 -27.73 -30.15
CA PRO C 586 -24.55 -27.26 -29.11
C PRO C 586 -25.29 -26.41 -28.08
N PHE C 587 -24.96 -26.55 -26.80
CA PHE C 587 -25.70 -25.91 -25.73
C PHE C 587 -25.64 -24.38 -25.82
N ILE C 588 -24.61 -23.86 -26.47
CA ILE C 588 -24.45 -22.41 -26.65
C ILE C 588 -25.66 -21.83 -27.38
N GLN C 589 -26.24 -22.61 -28.29
CA GLN C 589 -27.39 -22.15 -29.04
C GLN C 589 -28.61 -22.01 -28.12
N THR C 590 -28.76 -22.97 -27.22
CA THR C 590 -29.89 -22.97 -26.28
C THR C 590 -29.81 -21.78 -25.34
N ILE C 591 -28.60 -21.43 -24.91
CA ILE C 591 -28.41 -20.29 -24.01
C ILE C 591 -28.82 -19.00 -24.71
N ILE C 592 -28.46 -18.87 -25.98
CA ILE C 592 -28.73 -17.65 -26.73
C ILE C 592 -30.22 -17.49 -27.02
N ARG C 593 -30.91 -18.60 -27.29
CA ARG C 593 -32.33 -18.56 -27.61
C ARG C 593 -33.16 -17.96 -26.48
N ASP C 594 -32.80 -18.30 -25.24
CA ASP C 594 -33.54 -17.86 -24.06
C ASP C 594 -32.83 -16.73 -23.31
N ILE C 595 -31.88 -16.08 -23.96
CA ILE C 595 -31.02 -15.09 -23.30
C ILE C 595 -31.81 -13.90 -22.75
N GLN C 596 -32.89 -13.52 -23.43
CA GLN C 596 -33.72 -12.42 -22.96
C GLN C 596 -34.43 -12.82 -21.68
N LYS C 597 -34.97 -14.03 -21.67
CA LYS C 597 -35.67 -14.55 -20.50
C LYS C 597 -34.69 -14.77 -19.35
N THR C 598 -33.55 -15.36 -19.65
CA THR C 598 -32.56 -15.71 -18.63
C THR C 598 -32.04 -14.48 -17.88
N THR C 599 -31.85 -13.37 -18.61
CA THR C 599 -31.21 -12.18 -18.06
C THR C 599 -32.17 -11.04 -17.73
N ALA C 600 -33.48 -11.32 -17.81
CA ALA C 600 -34.49 -10.28 -17.65
C ALA C 600 -34.43 -9.54 -16.31
N ASP C 601 -34.04 -10.25 -15.26
CA ASP C 601 -34.03 -9.69 -13.91
C ASP C 601 -32.65 -9.22 -13.47
N LEU C 602 -31.67 -9.31 -14.35
CA LEU C 602 -30.30 -8.95 -14.03
C LEU C 602 -30.04 -7.46 -14.20
N GLN C 603 -29.15 -6.91 -13.37
CA GLN C 603 -28.68 -5.54 -13.54
C GLN C 603 -27.80 -5.49 -14.79
N PRO C 604 -27.62 -4.28 -15.37
CA PRO C 604 -26.81 -4.14 -16.58
C PRO C 604 -25.43 -4.79 -16.50
N GLN C 605 -24.73 -4.58 -15.38
CA GLN C 605 -23.40 -5.15 -15.20
C GLN C 605 -23.44 -6.68 -15.25
N GLN C 606 -24.51 -7.25 -14.69
CA GLN C 606 -24.66 -8.70 -14.67
C GLN C 606 -24.98 -9.25 -16.05
N VAL C 607 -25.74 -8.50 -16.83
CA VAL C 607 -26.05 -8.89 -18.20
C VAL C 607 -24.78 -8.93 -19.04
N HIS C 608 -23.90 -7.96 -18.80
CA HIS C 608 -22.68 -7.83 -19.59
C HIS C 608 -21.74 -9.01 -19.32
N THR C 609 -21.67 -9.42 -18.06
CA THR C 609 -20.90 -10.60 -17.69
C THR C 609 -21.45 -11.83 -18.40
N PHE C 610 -22.76 -11.90 -18.50
CA PHE C 610 -23.43 -13.02 -19.17
C PHE C 610 -23.03 -13.07 -20.64
N TYR C 611 -23.14 -11.93 -21.32
CA TYR C 611 -22.74 -11.83 -22.72
C TYR C 611 -21.26 -12.12 -22.91
N LYS C 612 -20.44 -11.66 -21.97
CA LYS C 612 -19.00 -11.92 -22.02
C LYS C 612 -18.73 -13.42 -21.96
N ALA C 613 -19.48 -14.12 -21.12
CA ALA C 613 -19.31 -15.55 -20.98
C ALA C 613 -19.71 -16.27 -22.27
N CYS C 614 -20.75 -15.77 -22.92
CA CYS C 614 -21.19 -16.35 -24.19
C CYS C 614 -20.12 -16.16 -25.26
N GLY C 615 -19.46 -15.00 -25.22
CA GLY C 615 -18.39 -14.70 -26.15
C GLY C 615 -17.19 -15.63 -26.00
N ILE C 616 -16.92 -16.06 -24.77
CA ILE C 616 -15.84 -16.99 -24.51
C ILE C 616 -16.12 -18.31 -25.23
N ILE C 617 -17.37 -18.77 -25.14
CA ILE C 617 -17.77 -20.03 -25.75
C ILE C 617 -17.70 -19.95 -27.26
N ILE C 618 -18.24 -18.86 -27.81
CA ILE C 618 -18.32 -18.68 -29.27
C ILE C 618 -16.92 -18.65 -29.89
N SER C 619 -15.95 -18.15 -29.14
N SER C 619 -15.95 -18.16 -29.13
CA SER C 619 -14.58 -18.04 -29.65
CA SER C 619 -14.59 -18.03 -29.63
C SER C 619 -13.94 -19.41 -29.85
C SER C 619 -13.90 -19.39 -29.78
N GLU C 620 -14.50 -20.42 -29.20
CA GLU C 620 -13.97 -21.78 -29.31
C GLU C 620 -14.46 -22.48 -30.59
N GLU C 621 -15.46 -21.90 -31.23
CA GLU C 621 -15.94 -22.39 -32.50
C GLU C 621 -14.98 -21.96 -33.60
N ARG C 622 -14.29 -22.92 -34.21
CA ARG C 622 -13.25 -22.60 -35.19
C ARG C 622 -13.78 -22.50 -36.61
N SER C 623 -15.01 -22.95 -36.83
CA SER C 623 -15.68 -22.73 -38.12
C SER C 623 -16.11 -21.27 -38.19
N VAL C 624 -15.48 -20.50 -39.08
CA VAL C 624 -15.72 -19.07 -39.18
C VAL C 624 -17.19 -18.73 -39.42
N ALA C 625 -17.82 -19.45 -40.34
CA ALA C 625 -19.20 -19.18 -40.71
C ALA C 625 -20.13 -19.43 -39.52
N GLU C 626 -19.82 -20.47 -38.74
CA GLU C 626 -20.61 -20.79 -37.57
C GLU C 626 -20.38 -19.77 -36.45
N ARG C 627 -19.12 -19.42 -36.25
CA ARG C 627 -18.75 -18.45 -35.22
C ARG C 627 -19.46 -17.11 -35.45
N ASN C 628 -19.40 -16.61 -36.67
CA ASN C 628 -20.03 -15.34 -37.01
C ASN C 628 -21.55 -15.40 -36.86
N ARG C 629 -22.13 -16.57 -37.15
CA ARG C 629 -23.56 -16.75 -37.00
C ARG C 629 -23.96 -16.69 -35.53
N LEU C 630 -23.21 -17.40 -34.69
CA LEU C 630 -23.44 -17.36 -33.25
C LEU C 630 -23.27 -15.94 -32.72
N LEU C 631 -22.25 -15.24 -33.23
CA LEU C 631 -21.98 -13.87 -32.81
C LEU C 631 -23.17 -12.97 -33.14
N SER C 632 -23.72 -13.14 -34.34
N SER C 632 -23.71 -13.13 -34.34
CA SER C 632 -24.85 -12.32 -34.77
CA SER C 632 -24.85 -12.34 -34.79
C SER C 632 -26.10 -12.62 -33.94
C SER C 632 -26.09 -12.62 -33.94
N ASP C 633 -26.30 -13.88 -33.59
CA ASP C 633 -27.45 -14.27 -32.79
C ASP C 633 -27.35 -13.73 -31.37
N LEU C 634 -26.14 -13.82 -30.80
CA LEU C 634 -25.89 -13.33 -29.45
C LEU C 634 -26.17 -11.83 -29.36
N MET C 635 -25.74 -11.09 -30.37
CA MET C 635 -25.85 -9.63 -30.38
C MET C 635 -27.18 -9.15 -30.95
N GLN C 636 -28.15 -10.06 -31.07
CA GLN C 636 -29.43 -9.73 -31.68
C GLN C 636 -30.15 -8.61 -30.94
N LEU C 637 -30.31 -8.77 -29.63
CA LEU C 637 -31.00 -7.78 -28.81
C LEU C 637 -30.32 -6.40 -28.86
N PRO C 638 -29.04 -6.33 -28.50
CA PRO C 638 -28.37 -5.02 -28.55
C PRO C 638 -28.35 -4.39 -29.95
N ASN C 639 -28.24 -5.21 -30.99
CA ASN C 639 -28.23 -4.68 -32.35
C ASN C 639 -29.59 -4.11 -32.77
N MET C 640 -30.67 -4.74 -32.32
CA MET C 640 -32.00 -4.22 -32.60
C MET C 640 -32.23 -2.91 -31.85
N ALA C 641 -31.91 -2.92 -30.56
CA ALA C 641 -31.97 -1.70 -29.76
C ALA C 641 -31.12 -0.62 -30.39
N TRP C 642 -29.92 -1.01 -30.83
CA TRP C 642 -28.99 -0.09 -31.48
C TRP C 642 -29.60 0.52 -32.74
N ASP C 643 -30.07 -0.33 -33.65
CA ASP C 643 -30.66 0.15 -34.89
C ASP C 643 -31.81 1.12 -34.64
N THR C 644 -32.62 0.82 -33.63
CA THR C 644 -33.75 1.68 -33.28
C THR C 644 -33.25 3.03 -32.77
N ILE C 645 -32.17 3.02 -32.01
CA ILE C 645 -31.60 4.27 -31.48
C ILE C 645 -31.05 5.14 -32.60
N VAL C 646 -30.22 4.56 -33.47
CA VAL C 646 -29.58 5.30 -34.54
C VAL C 646 -30.62 6.01 -35.41
N GLU C 647 -31.77 5.36 -35.59
CA GLU C 647 -32.86 5.97 -36.36
C GLU C 647 -33.46 7.14 -35.61
N GLN C 648 -33.84 6.90 -34.36
CA GLN C 648 -34.51 7.92 -33.55
C GLN C 648 -33.55 9.05 -33.13
N SER C 649 -32.30 8.69 -32.88
CA SER C 649 -31.33 9.65 -32.36
C SER C 649 -30.92 10.68 -33.41
N THR C 650 -30.80 10.27 -34.66
CA THR C 650 -30.36 11.16 -35.73
C THR C 650 -31.51 12.02 -36.23
N ALA C 651 -32.70 11.45 -36.29
CA ALA C 651 -33.88 12.19 -36.73
C ALA C 651 -34.22 13.31 -35.75
N ASN C 652 -34.01 13.04 -34.47
CA ASN C 652 -34.25 14.01 -33.41
C ASN C 652 -33.10 14.01 -32.40
N PRO C 653 -32.02 14.75 -32.69
CA PRO C 653 -30.86 14.84 -31.79
C PRO C 653 -31.20 15.27 -30.36
N THR C 654 -32.44 15.71 -30.14
CA THR C 654 -32.90 16.07 -28.80
C THR C 654 -33.09 14.83 -27.93
N LEU C 655 -33.28 13.67 -28.57
CA LEU C 655 -33.48 12.41 -27.85
C LEU C 655 -32.34 12.13 -26.88
N LEU C 656 -31.14 12.54 -27.25
CA LEU C 656 -29.97 12.27 -26.44
C LEU C 656 -29.98 13.04 -25.11
N LEU C 657 -30.82 14.06 -25.00
CA LEU C 657 -30.97 14.77 -23.73
C LEU C 657 -31.64 13.84 -22.72
N ASP C 658 -32.50 12.96 -23.22
CA ASP C 658 -33.19 11.99 -22.38
C ASP C 658 -32.17 11.07 -21.71
N SER C 659 -32.15 11.09 -20.39
CA SER C 659 -31.21 10.27 -19.62
C SER C 659 -31.42 8.78 -19.90
N GLU C 660 -32.67 8.41 -20.18
CA GLU C 660 -32.99 7.01 -20.44
C GLU C 660 -32.38 6.52 -21.75
N THR C 661 -32.39 7.37 -22.77
CA THR C 661 -31.81 7.02 -24.05
C THR C 661 -30.29 6.92 -23.93
N VAL C 662 -29.71 7.85 -23.18
CA VAL C 662 -28.26 7.85 -22.95
C VAL C 662 -27.83 6.59 -22.22
N LYS C 663 -28.62 6.17 -21.23
CA LYS C 663 -28.32 4.96 -20.47
C LYS C 663 -28.43 3.72 -21.35
N ILE C 664 -29.48 3.67 -22.17
CA ILE C 664 -29.68 2.56 -23.10
C ILE C 664 -28.47 2.44 -24.05
N ILE C 665 -28.07 3.57 -24.61
CA ILE C 665 -26.94 3.59 -25.55
C ILE C 665 -25.66 3.11 -24.87
N ALA C 666 -25.39 3.64 -23.69
CA ALA C 666 -24.19 3.26 -22.95
C ALA C 666 -24.13 1.75 -22.71
N ASN C 667 -25.27 1.18 -22.31
CA ASN C 667 -25.34 -0.25 -22.02
C ASN C 667 -25.17 -1.11 -23.27
N ILE C 668 -25.66 -0.63 -24.41
CA ILE C 668 -25.46 -1.34 -25.67
C ILE C 668 -23.97 -1.41 -25.98
N ILE C 669 -23.30 -0.28 -25.87
N ILE C 669 -23.29 -0.28 -25.88
CA ILE C 669 -21.87 -0.21 -26.17
CA ILE C 669 -21.86 -0.22 -26.17
C ILE C 669 -21.10 -1.07 -25.18
C ILE C 669 -21.10 -1.09 -25.18
N LYS C 670 -21.47 -1.00 -23.90
CA LYS C 670 -20.84 -1.80 -22.87
C LYS C 670 -20.99 -3.30 -23.14
N THR C 671 -22.14 -3.69 -23.71
CA THR C 671 -22.34 -5.08 -24.08
C THR C 671 -21.36 -5.48 -25.18
N ASN C 672 -21.14 -4.58 -26.13
CA ASN C 672 -20.16 -4.83 -27.19
C ASN C 672 -18.73 -4.91 -26.64
N VAL C 673 -18.42 -4.07 -25.65
CA VAL C 673 -17.11 -4.13 -25.00
C VAL C 673 -16.93 -5.48 -24.33
N ALA C 674 -17.97 -5.93 -23.63
CA ALA C 674 -17.92 -7.18 -22.89
C ALA C 674 -17.64 -8.37 -23.83
N VAL C 675 -18.39 -8.45 -24.92
CA VAL C 675 -18.21 -9.54 -25.88
C VAL C 675 -16.87 -9.42 -26.60
N CYS C 676 -16.50 -8.19 -26.96
CA CYS C 676 -15.24 -7.95 -27.65
C CYS C 676 -14.05 -8.34 -26.76
N THR C 677 -14.22 -8.19 -25.45
CA THR C 677 -13.15 -8.49 -24.50
C THR C 677 -12.78 -9.97 -24.55
N SER C 678 -13.79 -10.84 -24.69
N SER C 678 -13.79 -10.82 -24.71
CA SER C 678 -13.56 -12.27 -24.72
CA SER C 678 -13.59 -12.28 -24.70
C SER C 678 -13.20 -12.77 -26.11
C SER C 678 -13.35 -12.86 -26.09
N MET C 679 -13.75 -12.12 -27.13
CA MET C 679 -13.61 -12.61 -28.51
C MET C 679 -12.42 -12.03 -29.26
N GLY C 680 -11.98 -10.85 -28.85
CA GLY C 680 -10.85 -10.19 -29.49
C GLY C 680 -10.98 -10.07 -31.00
N ALA C 681 -10.05 -10.69 -31.72
CA ALA C 681 -10.00 -10.60 -33.17
C ALA C 681 -11.27 -11.12 -33.83
N ASP C 682 -11.94 -12.07 -33.19
CA ASP C 682 -13.15 -12.66 -33.74
C ASP C 682 -14.34 -11.71 -33.70
N PHE C 683 -14.19 -10.58 -33.01
CA PHE C 683 -15.29 -9.66 -32.80
C PHE C 683 -15.50 -8.73 -34.00
N TYR C 684 -14.54 -8.73 -34.93
CA TYR C 684 -14.52 -7.78 -36.03
C TYR C 684 -15.83 -7.67 -36.82
N PRO C 685 -16.49 -8.81 -37.12
CA PRO C 685 -17.74 -8.71 -37.89
C PRO C 685 -18.81 -7.89 -37.17
N GLN C 686 -18.86 -8.01 -35.85
CA GLN C 686 -19.83 -7.24 -35.06
C GLN C 686 -19.43 -5.78 -34.99
N LEU C 687 -18.13 -5.52 -34.97
CA LEU C 687 -17.64 -4.15 -34.93
C LEU C 687 -18.04 -3.43 -36.22
N GLY C 688 -17.81 -4.09 -37.35
CA GLY C 688 -18.16 -3.53 -38.65
C GLY C 688 -19.64 -3.25 -38.79
N HIS C 689 -20.46 -4.00 -38.06
CA HIS C 689 -21.91 -3.81 -38.11
C HIS C 689 -22.31 -2.45 -37.55
N ILE C 690 -21.61 -1.99 -36.52
CA ILE C 690 -21.97 -0.76 -35.81
C ILE C 690 -20.98 0.39 -36.01
N TYR C 691 -19.83 0.10 -36.60
CA TYR C 691 -18.69 1.03 -36.56
C TYR C 691 -18.99 2.43 -37.04
N TYR C 692 -19.48 2.56 -38.28
CA TYR C 692 -19.66 3.87 -38.88
C TYR C 692 -20.75 4.67 -38.17
N ASN C 693 -21.84 4.03 -37.80
CA ASN C 693 -22.90 4.69 -37.05
C ASN C 693 -22.44 5.05 -35.64
N MET C 694 -21.54 4.24 -35.09
CA MET C 694 -21.02 4.48 -33.75
C MET C 694 -20.18 5.76 -33.71
N LEU C 695 -19.34 5.95 -34.73
CA LEU C 695 -18.51 7.15 -34.80
C LEU C 695 -19.36 8.38 -35.11
N GLN C 696 -20.44 8.19 -35.85
CA GLN C 696 -21.39 9.27 -36.09
C GLN C 696 -22.05 9.65 -34.77
N LEU C 697 -22.40 8.65 -33.97
CA LEU C 697 -22.94 8.88 -32.64
C LEU C 697 -21.93 9.63 -31.77
N TYR C 698 -20.66 9.23 -31.87
CA TYR C 698 -19.59 9.90 -31.14
C TYR C 698 -19.56 11.40 -31.43
N ARG C 699 -19.71 11.74 -32.72
CA ARG C 699 -19.73 13.14 -33.13
C ARG C 699 -20.94 13.88 -32.59
N ALA C 700 -22.11 13.25 -32.68
CA ALA C 700 -23.35 13.87 -32.24
C ALA C 700 -23.32 14.13 -30.74
N VAL C 701 -22.83 13.16 -29.99
CA VAL C 701 -22.70 13.29 -28.55
C VAL C 701 -21.69 14.39 -28.21
N SER C 702 -20.63 14.48 -29.01
CA SER C 702 -19.60 15.49 -28.80
C SER C 702 -20.17 16.90 -28.93
N SER C 703 -21.02 17.10 -29.93
CA SER C 703 -21.64 18.40 -30.16
C SER C 703 -22.48 18.82 -28.95
N MET C 704 -23.25 17.88 -28.43
N MET C 704 -23.25 17.87 -28.43
CA MET C 704 -24.12 18.17 -27.30
CA MET C 704 -24.14 18.13 -27.31
C MET C 704 -23.34 18.56 -26.06
C MET C 704 -23.37 18.54 -26.04
N ILE C 705 -22.25 17.86 -25.81
CA ILE C 705 -21.40 18.18 -24.67
C ILE C 705 -20.89 19.62 -24.80
N SER C 706 -20.37 19.95 -25.96
CA SER C 706 -19.87 21.30 -26.23
C SER C 706 -20.99 22.32 -26.07
N ALA C 707 -22.16 22.00 -26.62
CA ALA C 707 -23.31 22.89 -26.56
C ALA C 707 -23.74 23.11 -25.11
N GLN C 708 -23.64 22.06 -24.30
CA GLN C 708 -24.05 22.14 -22.90
C GLN C 708 -23.08 22.99 -22.09
N VAL C 709 -21.79 22.82 -22.34
CA VAL C 709 -20.76 23.60 -21.65
C VAL C 709 -20.87 25.07 -22.03
N ALA C 710 -21.29 25.33 -23.26
CA ALA C 710 -21.46 26.70 -23.73
C ALA C 710 -22.63 27.39 -23.04
N ALA C 711 -23.69 26.63 -22.79
CA ALA C 711 -24.94 27.19 -22.27
C ALA C 711 -24.96 27.26 -20.74
N GLU C 712 -24.16 26.42 -20.08
CA GLU C 712 -24.20 26.31 -18.63
C GLU C 712 -22.84 26.55 -17.97
N GLY C 713 -21.78 26.59 -18.77
CA GLY C 713 -20.44 26.75 -18.25
C GLY C 713 -19.80 25.42 -17.89
N LEU C 714 -18.58 25.48 -17.35
CA LEU C 714 -17.81 24.28 -17.03
C LEU C 714 -18.51 23.36 -16.03
N ILE C 715 -19.36 23.94 -15.20
CA ILE C 715 -20.09 23.14 -14.20
C ILE C 715 -20.93 22.06 -14.87
N ALA C 716 -21.27 22.28 -16.14
CA ALA C 716 -22.05 21.33 -16.92
C ALA C 716 -21.38 19.95 -16.97
N THR C 717 -20.06 19.92 -16.98
CA THR C 717 -19.32 18.66 -17.02
C THR C 717 -19.60 17.81 -15.79
N LYS C 718 -20.05 18.45 -14.72
CA LYS C 718 -20.33 17.77 -13.46
C LYS C 718 -21.74 17.19 -13.41
N THR C 719 -22.60 17.67 -14.30
CA THR C 719 -24.01 17.26 -14.29
C THR C 719 -24.19 15.82 -14.76
N PRO C 720 -25.24 15.13 -14.26
CA PRO C 720 -25.52 13.77 -14.71
C PRO C 720 -25.76 13.69 -16.22
N LYS C 721 -26.26 14.78 -16.79
CA LYS C 721 -26.57 14.85 -18.21
C LYS C 721 -25.30 14.64 -19.04
N VAL C 722 -24.31 15.49 -18.78
CA VAL C 722 -23.05 15.47 -19.55
C VAL C 722 -22.19 14.26 -19.19
N ARG C 723 -22.17 13.89 -17.91
CA ARG C 723 -21.41 12.71 -17.50
C ARG C 723 -21.96 11.47 -18.19
N GLY C 724 -23.27 11.45 -18.41
CA GLY C 724 -23.89 10.39 -19.16
C GLY C 724 -23.45 10.38 -20.61
N LEU C 725 -23.35 11.58 -21.20
CA LEU C 725 -22.92 11.71 -22.59
C LEU C 725 -21.47 11.31 -22.77
N ARG C 726 -20.62 11.72 -21.83
CA ARG C 726 -19.19 11.43 -21.91
C ARG C 726 -18.93 9.94 -21.72
N THR C 727 -19.82 9.27 -20.99
CA THR C 727 -19.72 7.82 -20.82
C THR C 727 -19.85 7.13 -22.16
N ILE C 728 -20.78 7.60 -22.99
CA ILE C 728 -20.94 7.05 -24.34
C ILE C 728 -19.63 7.19 -25.11
N LYS C 729 -19.04 8.38 -25.08
CA LYS C 729 -17.78 8.62 -25.77
C LYS C 729 -16.68 7.71 -25.25
N LYS C 730 -16.61 7.57 -23.92
CA LYS C 730 -15.56 6.78 -23.30
C LYS C 730 -15.70 5.30 -23.62
N GLU C 731 -16.93 4.80 -23.63
CA GLU C 731 -17.18 3.39 -23.93
C GLU C 731 -16.90 3.07 -25.40
N ILE C 732 -17.19 4.02 -26.28
CA ILE C 732 -16.87 3.86 -27.70
C ILE C 732 -15.37 3.76 -27.89
N LEU C 733 -14.64 4.66 -27.23
CA LEU C 733 -13.18 4.64 -27.30
C LEU C 733 -12.63 3.34 -26.72
N LYS C 734 -13.25 2.87 -25.65
CA LYS C 734 -12.83 1.64 -25.00
C LYS C 734 -13.04 0.43 -25.91
N LEU C 735 -14.17 0.41 -26.61
CA LEU C 735 -14.49 -0.68 -27.52
C LEU C 735 -13.47 -0.77 -28.65
N VAL C 736 -13.16 0.37 -29.26
CA VAL C 736 -12.22 0.42 -30.37
C VAL C 736 -10.83 0.03 -29.87
N GLU C 737 -10.45 0.56 -28.73
CA GLU C 737 -9.16 0.24 -28.11
C GLU C 737 -9.07 -1.26 -27.84
N THR C 738 -10.14 -1.83 -27.28
CA THR C 738 -10.17 -3.24 -26.93
C THR C 738 -9.98 -4.11 -28.15
N TYR C 739 -10.62 -3.75 -29.27
CA TYR C 739 -10.50 -4.56 -30.46
C TYR C 739 -9.11 -4.45 -31.08
N ILE C 740 -8.64 -3.22 -31.26
CA ILE C 740 -7.39 -2.97 -31.96
C ILE C 740 -6.22 -3.62 -31.20
N SER C 741 -6.31 -3.62 -29.88
CA SER C 741 -5.25 -4.20 -29.06
C SER C 741 -5.16 -5.71 -29.23
N LYS C 742 -6.21 -6.31 -29.78
CA LYS C 742 -6.28 -7.76 -29.94
C LYS C 742 -6.46 -8.19 -31.40
N ALA C 743 -6.40 -7.22 -32.32
CA ALA C 743 -6.63 -7.50 -33.74
C ALA C 743 -5.47 -8.28 -34.35
N ARG C 744 -5.81 -9.23 -35.21
CA ARG C 744 -4.81 -10.02 -35.94
C ARG C 744 -4.62 -9.51 -37.36
N ASN C 745 -5.69 -8.96 -37.94
CA ASN C 745 -5.64 -8.40 -39.29
C ASN C 745 -5.42 -6.89 -39.23
N LEU C 746 -4.15 -6.49 -39.23
CA LEU C 746 -3.80 -5.09 -39.07
C LEU C 746 -4.05 -4.28 -40.35
N ASP C 747 -4.10 -4.96 -41.49
CA ASP C 747 -4.39 -4.28 -42.74
C ASP C 747 -5.80 -3.68 -42.69
N ASP C 748 -6.75 -4.45 -42.16
CA ASP C 748 -8.11 -3.96 -42.01
C ASP C 748 -8.20 -2.82 -41.00
N VAL C 749 -7.44 -2.93 -39.92
CA VAL C 749 -7.39 -1.88 -38.91
C VAL C 749 -6.99 -0.57 -39.58
N VAL C 750 -5.87 -0.62 -40.30
CA VAL C 750 -5.34 0.57 -40.95
C VAL C 750 -6.29 1.13 -42.00
N LYS C 751 -6.78 0.25 -42.87
CA LYS C 751 -7.50 0.71 -44.07
C LYS C 751 -8.99 0.94 -43.86
N VAL C 752 -9.53 0.48 -42.73
CA VAL C 752 -10.96 0.62 -42.47
C VAL C 752 -11.26 1.37 -41.17
N LEU C 753 -10.50 1.11 -40.11
CA LEU C 753 -10.82 1.64 -38.79
C LEU C 753 -10.13 2.98 -38.47
N VAL C 754 -8.84 3.09 -38.75
CA VAL C 754 -8.03 4.20 -38.26
C VAL C 754 -8.49 5.57 -38.76
N GLU C 755 -8.65 5.72 -40.08
CA GLU C 755 -8.94 7.02 -40.65
C GLU C 755 -10.26 7.61 -40.13
N PRO C 756 -11.34 6.83 -40.17
CA PRO C 756 -12.58 7.34 -39.58
C PRO C 756 -12.44 7.66 -38.08
N LEU C 757 -11.68 6.84 -37.37
CA LEU C 757 -11.47 7.05 -35.94
C LEU C 757 -10.79 8.39 -35.68
N LEU C 758 -9.70 8.64 -36.39
CA LEU C 758 -8.92 9.86 -36.16
C LEU C 758 -9.74 11.10 -36.52
N ASN C 759 -10.47 11.03 -37.63
N ASN C 759 -10.49 11.02 -37.62
CA ASN C 759 -11.32 12.13 -38.05
CA ASN C 759 -11.32 12.15 -38.04
C ASN C 759 -12.43 12.40 -37.04
C ASN C 759 -12.45 12.40 -37.06
N ALA C 760 -12.84 11.35 -36.33
CA ALA C 760 -13.92 11.46 -35.36
C ALA C 760 -13.47 12.01 -34.01
N VAL C 761 -12.25 11.71 -33.58
CA VAL C 761 -11.84 11.99 -32.21
C VAL C 761 -10.81 13.12 -32.03
N LEU C 762 -9.95 13.34 -33.02
CA LEU C 762 -8.81 14.23 -32.83
C LEU C 762 -9.19 15.70 -32.77
N GLU C 763 -9.89 16.19 -33.78
CA GLU C 763 -10.28 17.59 -33.83
C GLU C 763 -11.20 17.93 -32.65
N ASP C 764 -12.09 17.00 -32.32
CA ASP C 764 -12.99 17.19 -31.18
C ASP C 764 -12.22 17.38 -29.88
N TYR C 765 -11.17 16.61 -29.71
CA TYR C 765 -10.32 16.70 -28.52
C TYR C 765 -9.59 18.04 -28.49
N MET C 766 -9.00 18.41 -29.63
CA MET C 766 -8.20 19.62 -29.72
C MET C 766 -9.03 20.88 -29.48
N ASN C 767 -10.26 20.90 -29.97
CA ASN C 767 -11.07 22.11 -29.99
C ASN C 767 -12.06 22.23 -28.84
N ASN C 768 -12.07 21.24 -27.95
CA ASN C 768 -12.81 21.34 -26.70
C ASN C 768 -11.97 22.10 -25.67
N VAL C 769 -12.64 22.71 -24.70
CA VAL C 769 -11.94 23.33 -23.59
C VAL C 769 -11.31 22.22 -22.76
N PRO C 770 -10.24 22.53 -22.00
CA PRO C 770 -9.51 21.52 -21.23
C PRO C 770 -10.38 20.59 -20.39
N ASP C 771 -11.38 21.13 -19.69
CA ASP C 771 -12.20 20.32 -18.79
C ASP C 771 -13.15 19.37 -19.53
N ALA C 772 -13.29 19.55 -20.84
CA ALA C 772 -14.18 18.72 -21.63
C ALA C 772 -13.42 17.67 -22.44
N ARG C 773 -12.09 17.70 -22.36
CA ARG C 773 -11.28 16.73 -23.09
C ARG C 773 -11.20 15.40 -22.35
N ASP C 774 -11.42 14.31 -23.06
CA ASP C 774 -11.37 12.98 -22.48
C ASP C 774 -9.96 12.40 -22.57
N ALA C 775 -9.39 12.06 -21.43
CA ALA C 775 -8.07 11.44 -21.37
C ALA C 775 -8.09 10.09 -22.08
N GLU C 776 -9.26 9.47 -22.15
CA GLU C 776 -9.43 8.20 -22.84
C GLU C 776 -9.03 8.30 -24.31
N VAL C 777 -9.09 9.50 -24.87
CA VAL C 777 -8.67 9.72 -26.24
C VAL C 777 -7.19 9.38 -26.37
N LEU C 778 -6.38 9.89 -25.44
CA LEU C 778 -4.95 9.66 -25.45
C LEU C 778 -4.66 8.17 -25.30
N ASN C 779 -5.37 7.52 -24.39
CA ASN C 779 -5.21 6.08 -24.17
C ASN C 779 -5.52 5.27 -25.42
N CYS C 780 -6.63 5.60 -26.08
CA CYS C 780 -7.00 4.92 -27.31
C CYS C 780 -5.93 5.11 -28.37
N MET C 781 -5.43 6.33 -28.50
CA MET C 781 -4.40 6.62 -29.50
C MET C 781 -3.11 5.86 -29.21
N THR C 782 -2.81 5.66 -27.92
CA THR C 782 -1.61 4.92 -27.53
C THR C 782 -1.67 3.51 -28.10
N THR C 783 -2.84 2.90 -28.03
CA THR C 783 -3.03 1.54 -28.53
C THR C 783 -2.95 1.52 -30.05
N VAL C 784 -3.50 2.54 -30.69
CA VAL C 784 -3.45 2.62 -32.15
C VAL C 784 -2.00 2.68 -32.62
N VAL C 785 -1.21 3.58 -32.02
CA VAL C 785 0.19 3.72 -32.40
C VAL C 785 0.95 2.43 -32.06
N GLU C 786 0.59 1.79 -30.96
CA GLU C 786 1.27 0.58 -30.52
C GLU C 786 1.17 -0.54 -31.55
N LYS C 787 -0.02 -0.77 -32.09
CA LYS C 787 -0.27 -1.94 -32.93
C LYS C 787 -0.05 -1.69 -34.42
N VAL C 788 -0.30 -0.45 -34.88
CA VAL C 788 -0.19 -0.16 -36.30
C VAL C 788 0.50 1.17 -36.57
N GLY C 789 1.21 1.70 -35.58
CA GLY C 789 1.90 2.97 -35.72
C GLY C 789 2.90 2.97 -36.88
N HIS C 790 3.55 1.84 -37.09
CA HIS C 790 4.54 1.71 -38.14
C HIS C 790 3.94 1.80 -39.54
N MET C 791 2.62 1.69 -39.64
CA MET C 791 1.93 1.66 -40.92
C MET C 791 1.18 2.95 -41.25
N ILE C 792 1.18 3.90 -40.33
CA ILE C 792 0.44 5.15 -40.52
C ILE C 792 1.23 6.38 -40.05
N PRO C 793 2.41 6.61 -40.65
CA PRO C 793 3.25 7.75 -40.26
C PRO C 793 2.53 9.09 -40.39
N GLN C 794 1.68 9.23 -41.41
CA GLN C 794 0.88 10.44 -41.56
C GLN C 794 -0.15 10.51 -40.43
N GLY C 795 -0.66 9.36 -40.03
CA GLY C 795 -1.62 9.27 -38.95
C GLY C 795 -1.03 9.71 -37.61
N VAL C 796 0.19 9.26 -37.33
CA VAL C 796 0.87 9.60 -36.08
C VAL C 796 1.15 11.10 -36.01
N ILE C 797 1.58 11.66 -37.13
CA ILE C 797 1.81 13.11 -37.22
C ILE C 797 0.54 13.85 -36.87
N LEU C 798 -0.59 13.38 -37.38
CA LEU C 798 -1.88 14.03 -37.15
C LEU C 798 -2.26 13.94 -35.67
N ILE C 799 -1.92 12.82 -35.04
CA ILE C 799 -2.21 12.62 -33.62
C ILE C 799 -1.44 13.64 -32.80
N LEU C 800 -0.13 13.75 -33.04
CA LEU C 800 0.70 14.73 -32.33
C LEU C 800 0.16 16.15 -32.50
N GLN C 801 -0.17 16.52 -33.74
CA GLN C 801 -0.65 17.86 -34.03
C GLN C 801 -1.90 18.20 -33.20
N SER C 802 -2.76 17.21 -33.00
CA SER C 802 -4.05 17.44 -32.37
C SER C 802 -4.02 17.37 -30.83
N VAL C 803 -3.08 16.63 -30.26
CA VAL C 803 -3.06 16.41 -28.81
C VAL C 803 -1.79 16.89 -28.09
N PHE C 804 -0.69 17.05 -28.81
CA PHE C 804 0.58 17.32 -28.15
C PHE C 804 0.58 18.65 -27.40
N GLU C 805 0.54 19.75 -28.13
CA GLU C 805 0.66 21.07 -27.51
C GLU C 805 -0.47 21.38 -26.54
N CYS C 806 -1.71 21.09 -26.93
CA CYS C 806 -2.86 21.46 -26.12
C CYS C 806 -2.92 20.63 -24.82
N THR C 807 -2.45 19.39 -24.87
CA THR C 807 -2.39 18.58 -23.65
C THR C 807 -1.24 19.05 -22.76
N LEU C 808 -0.10 19.37 -23.36
CA LEU C 808 1.05 19.83 -22.61
C LEU C 808 0.73 21.10 -21.82
N ASP C 809 -0.03 22.01 -22.44
CA ASP C 809 -0.40 23.25 -21.77
C ASP C 809 -1.34 23.00 -20.58
N MET C 810 -2.01 21.85 -20.59
CA MET C 810 -2.88 21.50 -19.47
C MET C 810 -2.07 21.07 -18.25
N ILE C 811 -0.93 20.43 -18.48
CA ILE C 811 -0.20 19.75 -17.40
C ILE C 811 1.12 20.40 -17.00
N ASN C 812 1.50 21.50 -17.64
CA ASN C 812 2.83 22.09 -17.43
C ASN C 812 2.83 23.33 -16.53
N LYS C 813 1.77 23.50 -15.74
CA LYS C 813 1.68 24.62 -14.81
C LYS C 813 1.88 24.14 -13.37
N ASP C 814 1.53 22.88 -13.13
CA ASP C 814 1.74 22.25 -11.83
C ASP C 814 1.80 20.73 -12.02
N PHE C 815 1.98 20.00 -10.93
CA PHE C 815 2.13 18.55 -10.99
C PHE C 815 0.83 17.81 -10.62
N THR C 816 -0.23 18.55 -10.32
CA THR C 816 -1.44 17.96 -9.76
C THR C 816 -2.63 17.93 -10.74
N GLU C 817 -2.83 19.02 -11.47
CA GLU C 817 -4.03 19.16 -12.30
C GLU C 817 -4.05 18.15 -13.45
N TYR C 818 -5.24 17.67 -13.77
CA TYR C 818 -5.45 16.74 -14.88
C TYR C 818 -4.55 15.52 -14.78
N PRO C 819 -4.67 14.75 -13.69
CA PRO C 819 -3.81 13.61 -13.42
C PRO C 819 -3.90 12.50 -14.47
N GLU C 820 -5.12 12.19 -14.93
CA GLU C 820 -5.29 11.15 -15.94
C GLU C 820 -4.66 11.56 -17.26
N HIS C 821 -4.90 12.79 -17.68
CA HIS C 821 -4.31 13.31 -18.91
C HIS C 821 -2.78 13.25 -18.82
N ARG C 822 -2.28 13.57 -17.63
CA ARG C 822 -0.85 13.57 -17.35
C ARG C 822 -0.20 12.21 -17.65
N VAL C 823 -0.77 11.14 -17.07
CA VAL C 823 -0.23 9.80 -17.24
C VAL C 823 -0.35 9.32 -18.68
N GLU C 824 -1.53 9.49 -19.27
CA GLU C 824 -1.79 9.01 -20.63
C GLU C 824 -0.93 9.77 -21.64
N PHE C 825 -0.69 11.05 -21.37
CA PHE C 825 0.13 11.89 -22.24
C PHE C 825 1.52 11.29 -22.48
N TYR C 826 2.18 10.90 -21.40
CA TYR C 826 3.56 10.43 -21.50
C TYR C 826 3.64 8.97 -21.96
N LYS C 827 2.56 8.23 -21.74
CA LYS C 827 2.45 6.90 -22.32
C LYS C 827 2.32 7.01 -23.83
N LEU C 828 1.65 8.05 -24.31
CA LEU C 828 1.48 8.25 -25.74
C LEU C 828 2.79 8.70 -26.40
N LEU C 829 3.48 9.66 -25.79
CA LEU C 829 4.76 10.11 -26.30
C LEU C 829 5.77 8.97 -26.31
N LYS C 830 5.69 8.11 -25.30
CA LYS C 830 6.61 6.98 -25.18
C LYS C 830 6.48 6.02 -26.36
N VAL C 831 5.26 5.60 -26.67
CA VAL C 831 5.03 4.64 -27.76
C VAL C 831 5.33 5.27 -29.12
N ILE C 832 5.03 6.56 -29.27
CA ILE C 832 5.36 7.25 -30.51
C ILE C 832 6.87 7.30 -30.71
N ASN C 833 7.59 7.56 -29.62
CA ASN C 833 9.04 7.63 -29.66
C ASN C 833 9.64 6.26 -29.96
N GLU C 834 8.92 5.21 -29.60
CA GLU C 834 9.38 3.84 -29.83
C GLU C 834 9.04 3.33 -31.22
N LYS C 835 7.85 3.67 -31.71
CA LYS C 835 7.30 3.05 -32.91
C LYS C 835 7.36 3.93 -34.15
N SER C 836 7.31 5.25 -33.94
N SER C 836 7.28 5.24 -33.95
CA SER C 836 7.25 6.18 -35.05
CA SER C 836 7.25 6.19 -35.06
C SER C 836 8.03 7.46 -34.72
C SER C 836 8.03 7.46 -34.72
N PHE C 837 9.33 7.28 -34.44
CA PHE C 837 10.20 8.40 -34.11
C PHE C 837 10.23 9.45 -35.21
N ALA C 838 9.92 9.03 -36.43
CA ALA C 838 9.89 9.94 -37.57
C ALA C 838 8.95 11.11 -37.31
N ALA C 839 7.87 10.87 -36.57
CA ALA C 839 6.87 11.89 -36.29
C ALA C 839 7.48 13.09 -35.56
N PHE C 840 8.46 12.82 -34.70
CA PHE C 840 9.13 13.90 -33.98
C PHE C 840 10.13 14.62 -34.87
N LEU C 841 10.69 13.91 -35.84
CA LEU C 841 11.60 14.53 -36.80
C LEU C 841 10.86 15.55 -37.67
N GLU C 842 9.58 15.29 -37.93
CA GLU C 842 8.78 16.18 -38.76
C GLU C 842 8.29 17.41 -38.00
N LEU C 843 8.43 17.40 -36.67
CA LEU C 843 7.99 18.53 -35.86
C LEU C 843 8.79 19.79 -36.21
N PRO C 844 8.14 20.95 -36.18
CA PRO C 844 8.91 22.19 -36.29
C PRO C 844 9.87 22.33 -35.10
N PRO C 845 11.00 23.03 -35.30
CA PRO C 845 12.00 23.18 -34.23
C PRO C 845 11.41 23.67 -32.91
N ALA C 846 10.42 24.56 -32.98
CA ALA C 846 9.78 25.10 -31.79
C ALA C 846 8.99 24.02 -31.06
N ALA C 847 8.41 23.10 -31.82
CA ALA C 847 7.59 22.03 -31.25
C ALA C 847 8.48 20.92 -30.67
N PHE C 848 9.60 20.65 -31.35
CA PHE C 848 10.56 19.67 -30.85
C PHE C 848 11.19 20.17 -29.55
N LYS C 849 11.24 21.49 -29.41
CA LYS C 849 11.78 22.10 -28.19
C LYS C 849 10.81 21.87 -27.04
N LEU C 850 9.51 21.95 -27.31
CA LEU C 850 8.49 21.67 -26.31
C LEU C 850 8.53 20.20 -25.91
N PHE C 851 8.86 19.36 -26.87
CA PHE C 851 8.97 17.92 -26.64
C PHE C 851 10.07 17.64 -25.62
N VAL C 852 11.21 18.30 -25.78
CA VAL C 852 12.31 18.16 -24.83
C VAL C 852 11.91 18.70 -23.46
N ASP C 853 11.32 19.89 -23.44
CA ASP C 853 10.84 20.48 -22.19
C ASP C 853 9.85 19.56 -21.49
N ALA C 854 9.04 18.86 -22.29
CA ALA C 854 8.03 17.96 -21.74
C ALA C 854 8.66 16.75 -21.05
N ILE C 855 9.75 16.25 -21.63
CA ILE C 855 10.46 15.10 -21.08
C ILE C 855 11.10 15.46 -19.74
N CYS C 856 11.81 16.58 -19.70
CA CYS C 856 12.46 17.02 -18.47
C CYS C 856 11.40 17.32 -17.41
N TRP C 857 10.28 17.89 -17.85
CA TRP C 857 9.15 18.14 -16.97
C TRP C 857 8.68 16.85 -16.31
N ALA C 858 8.75 15.74 -17.05
CA ALA C 858 8.37 14.44 -16.51
C ALA C 858 9.36 13.95 -15.45
N PHE C 859 10.64 14.32 -15.58
CA PHE C 859 11.64 13.95 -14.57
C PHE C 859 11.24 14.45 -13.20
N LYS C 860 10.73 15.67 -13.16
CA LYS C 860 10.51 16.39 -11.91
C LYS C 860 9.26 15.94 -11.17
N HIS C 861 8.51 15.03 -11.77
CA HIS C 861 7.31 14.49 -11.12
C HIS C 861 7.70 13.50 -10.03
N ASN C 862 6.98 13.56 -8.92
CA ASN C 862 7.08 12.53 -7.89
C ASN C 862 6.21 11.34 -8.28
N ASN C 863 5.11 11.65 -8.97
CA ASN C 863 4.22 10.63 -9.51
C ASN C 863 4.99 9.66 -10.40
N ARG C 864 5.19 8.45 -9.90
CA ARG C 864 6.05 7.48 -10.56
C ARG C 864 5.51 7.05 -11.92
N ASP C 865 4.20 7.15 -12.11
CA ASP C 865 3.60 6.83 -13.40
C ASP C 865 4.15 7.75 -14.49
N VAL C 866 4.43 8.99 -14.10
CA VAL C 866 4.97 9.99 -15.01
C VAL C 866 6.50 9.93 -15.07
N GLU C 867 7.12 9.84 -13.90
CA GLU C 867 8.58 9.89 -13.78
C GLU C 867 9.28 8.79 -14.59
N VAL C 868 8.78 7.57 -14.47
CA VAL C 868 9.43 6.42 -15.12
C VAL C 868 9.34 6.54 -16.64
N ASN C 869 8.19 6.96 -17.15
CA ASN C 869 8.03 7.17 -18.58
C ASN C 869 8.90 8.32 -19.07
N GLY C 870 8.98 9.38 -18.27
CA GLY C 870 9.81 10.52 -18.60
C GLY C 870 11.25 10.11 -18.82
N LEU C 871 11.78 9.32 -17.89
CA LEU C 871 13.16 8.86 -17.96
C LEU C 871 13.37 7.91 -19.13
N GLN C 872 12.39 7.05 -19.38
CA GLN C 872 12.48 6.08 -20.46
C GLN C 872 12.45 6.77 -21.82
N ILE C 873 11.57 7.77 -21.96
CA ILE C 873 11.50 8.53 -23.21
C ILE C 873 12.82 9.22 -23.47
N ALA C 874 13.43 9.75 -22.40
CA ALA C 874 14.72 10.42 -22.50
C ALA C 874 15.77 9.44 -22.99
N LEU C 875 15.81 8.27 -22.37
CA LEU C 875 16.77 7.23 -22.73
C LEU C 875 16.59 6.78 -24.18
N ASP C 876 15.34 6.46 -24.55
CA ASP C 876 15.04 6.01 -25.90
C ASP C 876 15.28 7.10 -26.94
N LEU C 877 15.04 8.34 -26.55
CA LEU C 877 15.28 9.47 -27.44
C LEU C 877 16.76 9.56 -27.81
N VAL C 878 17.62 9.49 -26.79
CA VAL C 878 19.06 9.53 -27.00
C VAL C 878 19.48 8.40 -27.95
N LYS C 879 18.90 7.23 -27.76
CA LYS C 879 19.21 6.07 -28.59
C LYS C 879 18.74 6.29 -30.03
N ASN C 880 17.53 6.83 -30.19
CA ASN C 880 17.00 7.15 -31.52
C ASN C 880 17.93 8.10 -32.26
N ILE C 881 18.36 9.17 -31.58
CA ILE C 881 19.29 10.12 -32.15
C ILE C 881 20.61 9.43 -32.52
N GLU C 882 21.06 8.52 -31.67
CA GLU C 882 22.33 7.83 -31.90
C GLU C 882 22.31 7.00 -33.18
N ARG C 883 21.20 6.29 -33.41
CA ARG C 883 21.08 5.42 -34.57
C ARG C 883 21.11 6.20 -35.89
N MET C 884 20.84 7.50 -35.82
CA MET C 884 20.82 8.34 -37.01
C MET C 884 22.22 8.54 -37.58
N GLY C 885 23.22 8.34 -36.75
CA GLY C 885 24.61 8.51 -37.17
C GLY C 885 24.98 9.98 -37.27
N ASN C 886 26.04 10.26 -38.03
CA ASN C 886 26.53 11.62 -38.19
C ASN C 886 25.73 12.37 -39.25
N VAL C 887 24.58 12.90 -38.86
CA VAL C 887 23.73 13.68 -39.76
C VAL C 887 23.33 15.00 -39.09
N PRO C 888 22.92 16.00 -39.89
CA PRO C 888 22.62 17.34 -39.38
C PRO C 888 21.65 17.40 -38.21
N PHE C 889 20.60 16.59 -38.25
CA PHE C 889 19.60 16.63 -37.18
C PHE C 889 20.17 16.10 -35.87
N ALA C 890 20.93 15.02 -35.95
CA ALA C 890 21.55 14.44 -34.76
C ALA C 890 22.59 15.40 -34.19
N ASN C 891 23.34 16.05 -35.07
CA ASN C 891 24.34 17.02 -34.64
C ASN C 891 23.72 18.22 -33.97
N GLU C 892 22.64 18.73 -34.54
CA GLU C 892 21.96 19.89 -33.97
C GLU C 892 21.25 19.53 -32.67
N PHE C 893 20.86 18.27 -32.53
CA PHE C 893 20.23 17.81 -31.30
C PHE C 893 21.20 17.90 -30.12
N HIS C 894 22.42 17.40 -30.34
CA HIS C 894 23.42 17.40 -29.29
C HIS C 894 23.84 18.82 -28.92
N LYS C 895 24.03 19.66 -29.93
CA LYS C 895 24.37 21.06 -29.70
C LYS C 895 23.31 21.76 -28.87
N ASN C 896 22.05 21.44 -29.14
CA ASN C 896 20.92 22.13 -28.51
C ASN C 896 20.50 21.56 -27.17
N TYR C 897 20.55 20.24 -27.01
CA TYR C 897 19.86 19.58 -25.91
C TYR C 897 20.69 18.60 -25.08
N PHE C 898 21.91 18.31 -25.50
CA PHE C 898 22.75 17.37 -24.76
C PHE C 898 22.96 17.82 -23.32
N PHE C 899 23.51 19.01 -23.13
CA PHE C 899 23.84 19.49 -21.79
C PHE C 899 22.58 19.85 -21.00
N ILE C 900 21.47 20.05 -21.70
CA ILE C 900 20.19 20.23 -21.03
C ILE C 900 19.81 18.91 -20.34
N PHE C 901 19.99 17.79 -21.03
CA PHE C 901 19.64 16.49 -20.47
C PHE C 901 20.61 16.08 -19.37
N VAL C 902 21.88 16.41 -19.54
CA VAL C 902 22.89 16.09 -18.53
C VAL C 902 22.58 16.84 -17.23
N SER C 903 22.33 18.14 -17.35
CA SER C 903 22.11 18.97 -16.17
C SER C 903 20.77 18.70 -15.51
N GLU C 904 19.72 18.51 -16.31
CA GLU C 904 18.40 18.21 -15.76
C GLU C 904 18.41 16.86 -15.04
N THR C 905 19.11 15.89 -15.60
CA THR C 905 19.24 14.58 -14.96
C THR C 905 20.00 14.71 -13.65
N PHE C 906 21.09 15.48 -13.66
CA PHE C 906 21.87 15.71 -12.45
C PHE C 906 21.05 16.37 -11.37
N PHE C 907 20.18 17.30 -11.76
CA PHE C 907 19.37 18.03 -10.81
C PHE C 907 18.43 17.11 -10.01
N VAL C 908 17.73 16.22 -10.69
CA VAL C 908 16.82 15.30 -10.01
C VAL C 908 17.60 14.24 -9.24
N LEU C 909 18.81 13.94 -9.69
CA LEU C 909 19.68 13.00 -8.99
C LEU C 909 20.08 13.51 -7.60
N THR C 910 20.24 14.83 -7.48
CA THR C 910 20.87 15.41 -6.30
C THR C 910 19.94 16.22 -5.39
N ASP C 911 18.68 16.41 -5.81
CA ASP C 911 17.79 17.32 -5.06
C ASP C 911 17.04 16.62 -3.92
N SER C 912 17.31 15.34 -3.73
CA SER C 912 16.76 14.58 -2.60
C SER C 912 15.23 14.49 -2.62
N ASP C 913 14.61 14.81 -3.75
CA ASP C 913 13.15 14.75 -3.88
C ASP C 913 12.72 13.79 -4.99
N HIS C 914 13.66 13.06 -5.55
CA HIS C 914 13.35 12.07 -6.59
C HIS C 914 14.20 10.81 -6.41
N LYS C 915 14.34 10.38 -5.17
CA LYS C 915 15.15 9.20 -4.86
C LYS C 915 14.54 7.92 -5.43
N SER C 916 13.25 7.97 -5.74
CA SER C 916 12.54 6.82 -6.29
C SER C 916 13.01 6.46 -7.71
N GLY C 917 13.56 7.45 -8.42
CA GLY C 917 14.00 7.26 -9.79
C GLY C 917 15.50 7.20 -9.96
N PHE C 918 16.21 6.92 -8.88
CA PHE C 918 17.68 6.94 -8.90
C PHE C 918 18.28 6.03 -9.96
N SER C 919 17.82 4.78 -10.02
CA SER C 919 18.39 3.79 -10.94
C SER C 919 18.28 4.22 -12.40
N LYS C 920 17.12 4.74 -12.79
CA LYS C 920 16.90 5.13 -14.18
C LYS C 920 17.57 6.47 -14.49
N GLN C 921 17.70 7.32 -13.48
CA GLN C 921 18.45 8.55 -13.61
C GLN C 921 19.91 8.24 -13.88
N ALA C 922 20.45 7.29 -13.11
CA ALA C 922 21.84 6.88 -13.25
C ALA C 922 22.11 6.28 -14.63
N LEU C 923 21.20 5.43 -15.09
CA LEU C 923 21.33 4.80 -16.39
C LEU C 923 21.36 5.84 -17.50
N LEU C 924 20.43 6.79 -17.44
CA LEU C 924 20.36 7.87 -18.41
C LEU C 924 21.65 8.69 -18.41
N LEU C 925 22.13 9.02 -17.21
CA LEU C 925 23.33 9.83 -17.09
C LEU C 925 24.54 9.08 -17.63
N MET C 926 24.60 7.79 -17.31
CA MET C 926 25.71 6.95 -17.76
C MET C 926 25.72 6.87 -19.28
N LYS C 927 24.54 6.77 -19.87
CA LYS C 927 24.41 6.72 -21.32
C LYS C 927 24.86 8.03 -21.95
N LEU C 928 24.49 9.14 -21.34
CA LEU C 928 24.88 10.46 -21.83
C LEU C 928 26.39 10.66 -21.78
N ILE C 929 27.00 10.29 -20.66
CA ILE C 929 28.44 10.46 -20.48
C ILE C 929 29.21 9.52 -21.40
N SER C 930 28.66 8.35 -21.68
CA SER C 930 29.35 7.37 -22.51
C SER C 930 29.42 7.82 -23.96
N LEU C 931 28.42 8.56 -24.42
CA LEU C 931 28.41 9.09 -25.78
C LEU C 931 29.66 9.90 -26.09
N VAL C 932 30.11 10.69 -25.12
CA VAL C 932 31.26 11.55 -25.32
C VAL C 932 32.57 10.78 -25.23
N TYR C 933 32.67 9.87 -24.27
CA TYR C 933 33.91 9.13 -24.04
C TYR C 933 34.05 7.94 -24.99
N ASP C 934 33.08 7.78 -25.89
CA ASP C 934 33.21 6.86 -27.02
C ASP C 934 33.30 7.65 -28.33
N ASN C 935 33.31 8.97 -28.22
CA ASN C 935 33.35 9.85 -29.39
C ASN C 935 32.26 9.53 -30.39
N LYS C 936 31.02 9.49 -29.91
CA LYS C 936 29.87 9.22 -30.76
C LYS C 936 29.12 10.52 -31.09
N ILE C 937 29.57 11.62 -30.51
CA ILE C 937 29.09 12.95 -30.86
C ILE C 937 30.12 13.63 -31.74
N SER C 938 29.85 13.65 -33.05
CA SER C 938 30.82 14.10 -34.04
C SER C 938 31.21 15.56 -33.89
N VAL C 939 30.21 16.42 -33.73
CA VAL C 939 30.44 17.86 -33.65
C VAL C 939 30.88 18.29 -32.25
N PRO C 940 31.55 19.44 -32.14
CA PRO C 940 31.90 19.97 -30.81
C PRO C 940 30.67 20.48 -30.05
N LEU C 941 30.63 20.24 -28.75
CA LEU C 941 29.49 20.64 -27.93
C LEU C 941 29.66 22.06 -27.39
N TYR C 942 30.67 22.76 -27.89
CA TYR C 942 31.02 24.10 -27.39
C TYR C 942 31.12 25.11 -28.52
N GLN C 943 31.26 26.38 -28.15
CA GLN C 943 31.51 27.44 -29.12
C GLN C 943 33.01 27.60 -29.30
N GLU C 944 33.43 27.96 -30.51
CA GLU C 944 34.85 28.14 -30.79
C GLU C 944 35.45 29.29 -29.98
N ALA C 945 34.58 30.08 -29.35
CA ALA C 945 35.03 31.21 -28.54
C ALA C 945 35.46 30.77 -27.14
N GLU C 946 34.60 30.02 -26.47
CA GLU C 946 34.80 29.69 -25.06
C GLU C 946 35.89 28.65 -24.81
N VAL C 947 36.28 27.93 -25.86
CA VAL C 947 37.29 26.87 -25.74
C VAL C 947 38.20 26.86 -26.97
N PRO C 948 39.52 26.67 -26.76
CA PRO C 948 40.43 26.62 -27.90
C PRO C 948 40.07 25.54 -28.91
N GLN C 949 40.25 25.85 -30.19
CA GLN C 949 39.93 24.92 -31.27
C GLN C 949 40.78 23.65 -31.13
N GLY C 950 40.10 22.50 -31.16
CA GLY C 950 40.77 21.21 -31.09
C GLY C 950 40.44 20.44 -29.81
N THR C 951 39.88 21.12 -28.82
CA THR C 951 39.53 20.49 -27.55
C THR C 951 38.48 19.41 -27.76
N SER C 952 38.74 18.21 -27.23
CA SER C 952 37.80 17.11 -27.33
C SER C 952 36.55 17.40 -26.50
N ASN C 953 35.43 16.80 -26.89
CA ASN C 953 34.21 16.90 -26.10
C ASN C 953 34.42 16.34 -24.70
N GLN C 954 35.33 15.38 -24.60
CA GLN C 954 35.66 14.74 -23.34
C GLN C 954 36.18 15.76 -22.33
N VAL C 955 37.13 16.58 -22.76
CA VAL C 955 37.70 17.61 -21.90
C VAL C 955 36.67 18.69 -21.59
N TYR C 956 35.87 19.07 -22.59
CA TYR C 956 34.88 20.11 -22.38
C TYR C 956 33.77 19.64 -21.45
N LEU C 957 33.42 18.36 -21.53
CA LEU C 957 32.41 17.79 -20.66
C LEU C 957 32.83 17.91 -19.20
N SER C 958 34.10 17.62 -18.92
CA SER C 958 34.63 17.72 -17.57
C SER C 958 34.57 19.15 -17.05
N GLN C 959 34.88 20.10 -17.92
CA GLN C 959 34.86 21.51 -17.54
C GLN C 959 33.44 21.97 -17.24
N TYR C 960 32.52 21.66 -18.13
CA TYR C 960 31.11 22.01 -17.95
C TYR C 960 30.58 21.46 -16.64
N LEU C 961 30.82 20.17 -16.41
CA LEU C 961 30.33 19.51 -15.21
C LEU C 961 31.01 20.05 -13.96
N ALA C 962 32.32 20.25 -14.02
CA ALA C 962 33.07 20.80 -12.89
C ALA C 962 32.50 22.16 -12.50
N ASN C 963 32.22 22.99 -13.50
CA ASN C 963 31.67 24.31 -13.27
C ASN C 963 30.23 24.24 -12.76
N MET C 964 29.45 23.32 -13.33
CA MET C 964 28.05 23.15 -12.93
C MET C 964 27.93 22.76 -11.47
N LEU C 965 28.76 21.80 -11.05
CA LEU C 965 28.71 21.31 -9.69
C LEU C 965 29.25 22.33 -8.70
N SER C 966 30.26 23.08 -9.14
CA SER C 966 30.84 24.14 -8.30
C SER C 966 29.81 25.19 -7.92
N ASN C 967 28.96 25.55 -8.88
CA ASN C 967 27.95 26.58 -8.65
C ASN C 967 26.73 26.03 -7.93
N ALA C 968 26.41 24.76 -8.19
CA ALA C 968 25.27 24.12 -7.56
C ALA C 968 25.58 23.70 -6.13
N PHE C 969 26.84 23.34 -5.89
CA PHE C 969 27.29 22.86 -4.59
C PHE C 969 28.59 23.56 -4.20
N PRO C 970 28.49 24.84 -3.82
CA PRO C 970 29.67 25.69 -3.59
C PRO C 970 30.50 25.27 -2.37
N HIS C 971 29.93 24.46 -1.48
CA HIS C 971 30.65 24.04 -0.28
C HIS C 971 31.59 22.87 -0.56
N LEU C 972 31.53 22.32 -1.77
CA LEU C 972 32.45 21.27 -2.18
C LEU C 972 33.78 21.89 -2.60
N THR C 973 34.87 21.17 -2.33
CA THR C 973 36.17 21.61 -2.81
C THR C 973 36.32 21.24 -4.27
N SER C 974 37.21 21.92 -4.98
CA SER C 974 37.46 21.65 -6.38
C SER C 974 38.01 20.23 -6.55
N GLU C 975 38.74 19.77 -5.53
CA GLU C 975 39.34 18.44 -5.56
C GLU C 975 38.27 17.36 -5.51
N GLN C 976 37.27 17.55 -4.65
CA GLN C 976 36.13 16.62 -4.57
C GLN C 976 35.45 16.47 -5.92
N ILE C 977 35.05 17.60 -6.49
CA ILE C 977 34.37 17.63 -7.78
C ILE C 977 35.22 16.97 -8.85
N ALA C 978 36.51 17.27 -8.86
CA ALA C 978 37.42 16.73 -9.86
C ALA C 978 37.55 15.21 -9.72
N SER C 979 37.70 14.74 -8.48
CA SER C 979 37.84 13.31 -8.22
C SER C 979 36.54 12.56 -8.54
N PHE C 980 35.42 13.15 -8.13
CA PHE C 980 34.11 12.57 -8.40
C PHE C 980 33.88 12.38 -9.90
N LEU C 981 34.11 13.43 -10.67
CA LEU C 981 33.91 13.38 -12.12
C LEU C 981 34.93 12.46 -12.79
N SER C 982 36.14 12.44 -12.26
CA SER C 982 37.18 11.57 -12.80
C SER C 982 36.77 10.10 -12.64
N ALA C 983 36.24 9.78 -11.47
CA ALA C 983 35.77 8.43 -11.19
C ALA C 983 34.51 8.12 -12.00
N LEU C 984 33.57 9.06 -12.00
CA LEU C 984 32.29 8.87 -12.68
C LEU C 984 32.47 8.58 -14.17
N THR C 985 33.33 9.35 -14.82
CA THR C 985 33.48 9.26 -16.27
C THR C 985 34.18 7.98 -16.72
N LYS C 986 35.13 7.49 -15.93
CA LYS C 986 35.86 6.29 -16.29
C LYS C 986 35.12 5.02 -15.85
N GLN C 987 34.00 5.20 -15.17
CA GLN C 987 33.16 4.10 -14.72
C GLN C 987 31.85 4.05 -15.50
N CYS C 988 31.80 4.76 -16.63
CA CYS C 988 30.56 4.92 -17.38
C CYS C 988 30.21 3.69 -18.23
N LYS C 989 30.92 2.59 -18.01
CA LYS C 989 30.61 1.32 -18.68
C LYS C 989 30.11 0.28 -17.68
N ASP C 990 30.20 0.60 -16.39
CA ASP C 990 29.83 -0.33 -15.33
C ASP C 990 28.79 0.31 -14.41
N LEU C 991 27.54 -0.08 -14.59
CA LEU C 991 26.42 0.61 -13.95
C LEU C 991 26.39 0.48 -12.43
N VAL C 992 26.72 -0.69 -11.91
CA VAL C 992 26.68 -0.91 -10.46
C VAL C 992 27.71 -0.04 -9.76
N VAL C 993 28.88 0.12 -10.37
CA VAL C 993 29.96 0.92 -9.79
C VAL C 993 29.64 2.40 -9.95
N PHE C 994 29.23 2.76 -11.17
CA PHE C 994 28.74 4.10 -11.49
C PHE C 994 27.74 4.60 -10.45
N LYS C 995 26.77 3.75 -10.13
CA LYS C 995 25.74 4.09 -9.15
C LYS C 995 26.34 4.25 -7.76
N GLY C 996 27.32 3.42 -7.44
CA GLY C 996 28.01 3.53 -6.17
C GLY C 996 28.66 4.90 -6.02
N THR C 997 29.31 5.34 -7.08
CA THR C 997 29.99 6.63 -7.09
C THR C 997 29.00 7.78 -6.94
N LEU C 998 27.85 7.67 -7.61
CA LEU C 998 26.79 8.66 -7.45
C LEU C 998 26.30 8.71 -6.02
N ARG C 999 26.12 7.53 -5.42
N ARG C 999 26.13 7.54 -5.40
CA ARG C 999 25.68 7.44 -4.03
CA ARG C 999 25.65 7.51 -4.02
C ARG C 999 26.68 8.11 -3.11
C ARG C 999 26.69 8.06 -3.06
N ASP C 1000 27.97 7.85 -3.35
CA ASP C 1000 29.04 8.45 -2.56
C ASP C 1000 28.98 9.97 -2.65
N PHE C 1001 28.69 10.46 -3.86
CA PHE C 1001 28.58 11.89 -4.09
C PHE C 1001 27.39 12.48 -3.33
N LEU C 1002 26.27 11.75 -3.32
CA LEU C 1002 25.07 12.22 -2.64
C LEU C 1002 25.27 12.29 -1.13
N VAL C 1003 26.18 11.46 -0.61
CA VAL C 1003 26.54 11.53 0.80
C VAL C 1003 27.39 12.79 1.07
N GLN C 1004 28.35 13.05 0.19
CA GLN C 1004 29.31 14.12 0.43
C GLN C 1004 28.71 15.52 0.29
N ILE C 1005 27.69 15.67 -0.54
CA ILE C 1005 27.05 16.98 -0.70
C ILE C 1005 26.23 17.35 0.54
N LYS C 1006 26.01 16.37 1.42
CA LYS C 1006 25.23 16.61 2.64
C LYS C 1006 26.11 17.10 3.79
N GLU C 1007 27.42 17.08 3.59
CA GLU C 1007 28.37 17.52 4.61
C GLU C 1007 29.45 18.40 4.01
N VAL C 1008 30.31 18.92 4.88
CA VAL C 1008 31.47 19.70 4.47
C VAL C 1008 32.74 18.91 4.74
N GLY C 1009 33.71 19.01 3.84
CA GLY C 1009 35.02 18.40 4.04
C GLY C 1009 35.09 16.92 3.74
N GLY C 1010 34.28 16.46 2.80
CA GLY C 1010 34.32 15.06 2.37
C GLY C 1010 35.66 14.72 1.74
N ASP C 1011 36.12 13.50 1.97
CA ASP C 1011 37.41 13.05 1.46
C ASP C 1011 37.33 12.75 -0.04
N PRO C 1012 38.11 13.47 -0.86
CA PRO C 1012 38.03 13.20 -2.31
C PRO C 1012 38.58 11.82 -2.72
N THR C 1013 39.38 11.19 -1.86
CA THR C 1013 39.93 9.87 -2.19
C THR C 1013 38.87 8.78 -2.10
N ASP C 1014 37.73 9.09 -1.48
CA ASP C 1014 36.62 8.14 -1.38
C ASP C 1014 36.19 7.63 -2.76
N TYR C 1015 36.38 8.44 -3.79
CA TYR C 1015 35.93 8.09 -5.13
C TYR C 1015 36.88 7.13 -5.83
N LEU C 1016 37.94 6.73 -5.14
CA LEU C 1016 38.87 5.73 -5.66
C LEU C 1016 38.56 4.34 -5.08
N PHE C 1017 37.37 4.20 -4.51
CA PHE C 1017 37.01 2.98 -3.79
C PHE C 1017 36.97 1.74 -4.68
N ALA C 1018 36.47 1.89 -5.89
CA ALA C 1018 36.31 0.76 -6.80
C ALA C 1018 37.66 0.28 -7.32
N PHE D 7 -35.47 -22.09 -3.07
CA PHE D 7 -34.11 -22.59 -3.17
C PHE D 7 -34.06 -24.12 -3.26
N GLU D 8 -35.19 -24.73 -3.61
CA GLU D 8 -35.24 -26.18 -3.77
C GLU D 8 -34.40 -26.58 -4.98
N THR D 10 -34.27 -30.18 -6.43
CA THR D 10 -34.54 -31.58 -6.69
C THR D 10 -33.85 -32.04 -7.97
N GLU D 11 -33.63 -31.12 -8.89
CA GLU D 11 -32.99 -31.42 -10.16
C GLU D 11 -31.56 -31.90 -9.95
N PHE D 12 -30.90 -31.35 -8.93
CA PHE D 12 -29.51 -31.68 -8.64
C PHE D 12 -29.34 -33.13 -8.20
N ASN D 13 -30.15 -33.55 -7.23
CA ASN D 13 -30.12 -34.92 -6.74
C ASN D 13 -30.35 -35.91 -7.87
N GLN D 14 -31.38 -35.65 -8.66
CA GLN D 14 -31.75 -36.53 -9.77
C GLN D 14 -30.58 -36.71 -10.73
N ALA D 15 -29.83 -35.63 -10.98
CA ALA D 15 -28.69 -35.68 -11.88
C ALA D 15 -27.52 -36.41 -11.22
N LEU D 16 -27.40 -36.26 -9.90
CA LEU D 16 -26.35 -36.94 -9.14
C LEU D 16 -26.62 -38.43 -9.02
N GLU D 17 -27.87 -38.78 -8.75
CA GLU D 17 -28.26 -40.18 -8.62
C GLU D 17 -28.19 -40.89 -9.98
N GLU D 18 -28.03 -40.11 -11.04
CA GLU D 18 -27.94 -40.66 -12.39
C GLU D 18 -26.50 -41.08 -12.73
N ILE D 19 -25.69 -41.29 -11.70
CA ILE D 19 -24.32 -41.76 -11.87
C ILE D 19 -23.80 -42.41 -10.60
#